data_4BZ7
#
_entry.id   4BZ7
#
_cell.length_a   70.557
_cell.length_b   70.579
_cell.length_c   98.513
_cell.angle_alpha   78.05
_cell.angle_beta   75.41
_cell.angle_gamma   85.49
#
_symmetry.space_group_name_H-M   'P 1'
#
loop_
_entity.id
_entity.type
_entity.pdbx_description
1 polymer 'HISTONE DEACETYLASE 8'
2 non-polymer 'ZINC ION'
3 non-polymer 'POTASSIUM ION'
4 non-polymer 4-(dimethylamino)-N-[7-(hydroxyamino)-7-oxoheptyl]benzamide
5 non-polymer GLYCEROL
6 water water
#
_entity_poly.entity_id   1
_entity_poly.type   'polypeptide(L)'
_entity_poly.pdbx_seq_one_letter_code
;MSVGIVYGDQYRQLCCSSPKFGDRYALVMDLINAYKLIPELSRVPPLQWDSPSRMYEAVTAFHSTEYVDALKKLQMLHCE
EKELTADDELLMDSFSLNYDCPGFPSVFDYSLAAVQGSLAAASALICRHCEVVINWGGGWHHAKRSEASGFCYLNDIVLA
IHRLVSSTPPETSPNRQTRVLYVDLDLHHGDGVEEAFWYSPRVVTFSVHHASPGFFPGTGTWNMVDNDKLPIFLNGAGRG
RFSAFNLPLEEGINDLDWSNAIGPILDSLNIVIQPSYVVVQCGADCLATDPHRIFRLTNFYPNLNLDSDCDSECSLSGYL
YAIKKILSWKVPTLILGGGGYNFPDTARLWTRVTALTIEEVKGKKMTISPEIPEHSYFSRYGPDFELDIDYFPHESHNKT
LDSIQKHHRRILEQLRNYADLNKLIYDYDQVYQLYNLTGMGSLVPR
;
_entity_poly.pdbx_strand_id   A,B,C,D
#
# COMPACT_ATOMS: atom_id res chain seq x y z
N SER A 2 -32.53 -11.13 -15.97
CA SER A 2 -32.20 -12.33 -16.73
C SER A 2 -31.40 -13.29 -15.87
N VAL A 3 -31.21 -14.52 -16.35
CA VAL A 3 -30.34 -15.49 -15.69
C VAL A 3 -29.01 -15.45 -16.44
N GLY A 4 -27.94 -15.17 -15.72
CA GLY A 4 -26.61 -15.13 -16.31
C GLY A 4 -25.85 -16.43 -16.11
N ILE A 5 -24.87 -16.67 -16.99
CA ILE A 5 -24.02 -17.86 -16.86
C ILE A 5 -22.62 -17.49 -17.30
N VAL A 6 -21.62 -17.89 -16.52
CA VAL A 6 -20.25 -17.54 -16.87
C VAL A 6 -19.66 -18.53 -17.84
N TYR A 7 -19.18 -18.02 -19.00
CA TYR A 7 -18.45 -18.86 -19.94
C TYR A 7 -17.70 -17.96 -20.92
N GLY A 8 -16.78 -18.55 -21.65
CA GLY A 8 -15.96 -17.87 -22.65
C GLY A 8 -14.96 -18.87 -23.18
N ASP A 9 -14.32 -18.62 -24.36
CA ASP A 9 -13.37 -19.60 -24.93
C ASP A 9 -12.15 -19.86 -24.06
N GLN A 10 -11.46 -18.80 -23.63
CA GLN A 10 -10.28 -18.98 -22.80
C GLN A 10 -10.67 -19.51 -21.43
N TYR A 11 -11.81 -19.05 -20.91
CA TYR A 11 -12.32 -19.51 -19.61
C TYR A 11 -12.52 -21.02 -19.64
N ARG A 12 -13.12 -21.54 -20.72
CA ARG A 12 -13.32 -22.98 -20.84
C ARG A 12 -11.96 -23.72 -20.89
N GLN A 13 -11.00 -23.19 -21.69
CA GLN A 13 -9.68 -23.83 -21.76
C GLN A 13 -9.01 -23.90 -20.37
N LEU A 14 -9.08 -22.80 -19.60
CA LEU A 14 -8.45 -22.79 -18.27
C LEU A 14 -9.20 -23.68 -17.28
N CYS A 15 -10.55 -23.66 -17.29
CA CYS A 15 -11.34 -24.50 -16.37
C CYS A 15 -11.15 -25.99 -16.66
N CYS A 16 -10.67 -26.36 -17.88
CA CYS A 16 -10.46 -27.75 -18.25
C CYS A 16 -9.01 -28.15 -18.14
N SER A 17 -8.18 -27.30 -17.50
CA SER A 17 -6.74 -27.56 -17.47
C SER A 17 -6.20 -28.26 -16.23
N SER A 18 -7.05 -28.61 -15.25
CA SER A 18 -6.57 -29.26 -14.03
C SER A 18 -6.51 -30.77 -14.17
N PRO A 19 -5.55 -31.42 -13.48
CA PRO A 19 -5.49 -32.89 -13.55
C PRO A 19 -6.67 -33.56 -12.83
N LYS A 20 -7.27 -32.92 -11.78
CA LYS A 20 -8.37 -33.52 -11.02
C LYS A 20 -9.71 -33.45 -11.77
N PHE A 21 -10.04 -32.26 -12.29
CA PHE A 21 -11.35 -32.01 -12.93
C PHE A 21 -11.40 -32.16 -14.43
N GLY A 22 -10.23 -32.34 -15.05
CA GLY A 22 -10.13 -32.59 -16.49
C GLY A 22 -11.09 -31.74 -17.29
N ASP A 23 -11.93 -32.40 -18.14
CA ASP A 23 -12.86 -31.71 -19.03
C ASP A 23 -14.27 -31.58 -18.48
N ARG A 24 -14.45 -31.76 -17.17
CA ARG A 24 -15.78 -31.69 -16.57
C ARG A 24 -16.55 -30.44 -17.00
N TYR A 25 -15.89 -29.26 -16.92
CA TYR A 25 -16.55 -27.99 -17.26
C TYR A 25 -17.05 -27.99 -18.71
N ALA A 26 -16.26 -28.57 -19.63
CA ALA A 26 -16.67 -28.66 -21.04
C ALA A 26 -17.91 -29.53 -21.18
N LEU A 27 -17.97 -30.67 -20.45
CA LEU A 27 -19.15 -31.54 -20.53
C LEU A 27 -20.38 -30.82 -20.03
N VAL A 28 -20.23 -30.09 -18.93
CA VAL A 28 -21.34 -29.34 -18.33
C VAL A 28 -21.86 -28.30 -19.33
N MET A 29 -20.95 -27.43 -19.81
CA MET A 29 -21.36 -26.36 -20.73
C MET A 29 -21.89 -26.89 -22.07
N ASP A 30 -21.29 -27.96 -22.58
CA ASP A 30 -21.76 -28.56 -23.83
C ASP A 30 -23.11 -29.25 -23.70
N LEU A 31 -23.43 -29.78 -22.51
CA LEU A 31 -24.73 -30.41 -22.31
C LEU A 31 -25.81 -29.32 -22.23
N ILE A 32 -25.49 -28.20 -21.55
CA ILE A 32 -26.41 -27.06 -21.48
C ILE A 32 -26.66 -26.53 -22.89
N ASN A 33 -25.58 -26.46 -23.69
CA ASN A 33 -25.68 -25.99 -25.08
C ASN A 33 -26.47 -27.00 -25.94
N ALA A 34 -26.27 -28.32 -25.72
CA ALA A 34 -27.01 -29.36 -26.47
C ALA A 34 -28.52 -29.30 -26.24
N TYR A 35 -28.92 -28.89 -25.03
CA TYR A 35 -30.32 -28.76 -24.62
C TYR A 35 -30.93 -27.40 -25.02
N LYS A 36 -30.18 -26.61 -25.81
CA LYS A 36 -30.60 -25.31 -26.37
C LYS A 36 -30.92 -24.26 -25.31
N LEU A 37 -30.21 -24.33 -24.17
CA LEU A 37 -30.42 -23.39 -23.06
C LEU A 37 -29.62 -22.10 -23.24
N ILE A 38 -28.54 -22.15 -24.01
CA ILE A 38 -27.63 -21.00 -24.18
C ILE A 38 -28.34 -19.70 -24.63
N PRO A 39 -29.27 -19.75 -25.62
CA PRO A 39 -29.99 -18.52 -26.01
C PRO A 39 -30.93 -17.95 -24.94
N GLU A 40 -31.25 -18.73 -23.88
CA GLU A 40 -32.15 -18.31 -22.79
C GLU A 40 -31.37 -17.62 -21.70
N LEU A 41 -30.04 -17.68 -21.79
CA LEU A 41 -29.12 -17.19 -20.76
C LEU A 41 -28.30 -16.01 -21.24
N SER A 42 -27.88 -15.21 -20.29
CA SER A 42 -27.06 -14.03 -20.52
C SER A 42 -25.61 -14.41 -20.24
N ARG A 43 -24.71 -14.41 -21.26
CA ARG A 43 -23.31 -14.75 -20.96
C ARG A 43 -22.68 -13.66 -20.10
N VAL A 44 -22.04 -14.07 -19.00
CA VAL A 44 -21.34 -13.16 -18.10
C VAL A 44 -19.87 -13.40 -18.35
N PRO A 45 -19.13 -12.40 -18.88
CA PRO A 45 -17.72 -12.63 -19.17
C PRO A 45 -16.89 -12.60 -17.90
N PRO A 46 -15.88 -13.48 -17.78
CA PRO A 46 -15.00 -13.43 -16.61
C PRO A 46 -14.29 -12.09 -16.53
N LEU A 47 -14.04 -11.63 -15.31
CA LEU A 47 -13.36 -10.37 -15.08
C LEU A 47 -11.88 -10.45 -15.46
N GLN A 48 -11.38 -9.45 -16.21
CA GLN A 48 -9.96 -9.32 -16.51
C GLN A 48 -9.53 -7.96 -15.97
N TRP A 49 -8.25 -7.84 -15.59
CA TRP A 49 -7.73 -6.66 -14.91
C TRP A 49 -6.85 -5.78 -15.76
N ASP A 50 -6.66 -4.52 -15.26
CA ASP A 50 -5.86 -3.50 -15.95
C ASP A 50 -4.38 -3.67 -15.72
N SER A 51 -3.98 -4.48 -14.74
CA SER A 51 -2.56 -4.61 -14.42
C SER A 51 -2.35 -5.73 -13.42
N PRO A 52 -1.12 -6.27 -13.34
CA PRO A 52 -0.81 -7.24 -12.28
C PRO A 52 -1.16 -6.69 -10.88
N SER A 53 -0.90 -5.38 -10.63
CA SER A 53 -1.21 -4.78 -9.31
CA SER A 53 -1.21 -4.74 -9.32
C SER A 53 -2.70 -4.82 -9.02
N ARG A 54 -3.56 -4.55 -10.03
CA ARG A 54 -5.00 -4.64 -9.83
C ARG A 54 -5.45 -6.07 -9.53
N MET A 55 -4.84 -7.05 -10.22
CA MET A 55 -5.17 -8.45 -9.99
C MET A 55 -4.80 -8.82 -8.55
N TYR A 56 -3.58 -8.42 -8.09
CA TYR A 56 -3.16 -8.73 -6.73
C TYR A 56 -4.07 -8.06 -5.71
N GLU A 57 -4.51 -6.83 -5.95
CA GLU A 57 -5.42 -6.12 -5.04
C GLU A 57 -6.71 -6.92 -4.90
N ALA A 58 -7.23 -7.49 -6.00
CA ALA A 58 -8.45 -8.26 -5.93
C ALA A 58 -8.26 -9.55 -5.16
N VAL A 59 -7.23 -10.32 -5.50
CA VAL A 59 -7.06 -11.64 -4.87
C VAL A 59 -6.67 -11.53 -3.39
N THR A 60 -5.86 -10.50 -3.06
CA THR A 60 -5.40 -10.29 -1.68
C THR A 60 -6.43 -9.63 -0.77
N ALA A 61 -7.67 -9.40 -1.28
CA ALA A 61 -8.80 -8.99 -0.43
C ALA A 61 -9.02 -10.15 0.56
N PHE A 62 -8.62 -11.39 0.19
CA PHE A 62 -8.72 -12.52 1.10
C PHE A 62 -7.37 -13.22 1.29
N HIS A 63 -6.69 -13.60 0.19
CA HIS A 63 -5.45 -14.34 0.28
C HIS A 63 -4.24 -13.49 0.64
N SER A 64 -3.23 -14.11 1.25
CA SER A 64 -2.03 -13.32 1.56
C SER A 64 -1.18 -13.12 0.29
N THR A 65 -0.44 -12.01 0.21
CA THR A 65 0.44 -11.77 -0.93
C THR A 65 1.45 -12.91 -1.07
N GLU A 66 2.03 -13.39 0.08
CA GLU A 66 3.03 -14.47 0.04
C GLU A 66 2.45 -15.75 -0.55
N TYR A 67 1.16 -16.05 -0.23
CA TYR A 67 0.51 -17.26 -0.79
C TYR A 67 0.29 -17.10 -2.30
N VAL A 68 -0.24 -15.95 -2.73
CA VAL A 68 -0.44 -15.68 -4.16
C VAL A 68 0.93 -15.77 -4.89
N ASP A 69 2.00 -15.16 -4.31
CA ASP A 69 3.33 -15.23 -4.92
C ASP A 69 3.77 -16.70 -5.06
N ALA A 70 3.53 -17.53 -4.03
CA ALA A 70 3.92 -18.94 -4.09
C ALA A 70 3.15 -19.70 -5.15
N LEU A 71 1.83 -19.44 -5.27
CA LEU A 71 1.00 -20.10 -6.30
C LEU A 71 1.45 -19.74 -7.71
N LYS A 72 1.82 -18.46 -7.95
CA LYS A 72 2.36 -18.00 -9.23
C LYS A 72 3.69 -18.67 -9.50
N LYS A 73 4.56 -18.75 -8.47
CA LYS A 73 5.87 -19.40 -8.63
C LYS A 73 5.71 -20.89 -8.95
N LEU A 74 4.76 -21.55 -8.29
CA LEU A 74 4.51 -22.96 -8.52
C LEU A 74 4.13 -23.20 -10.01
N GLN A 75 3.31 -22.31 -10.57
CA GLN A 75 2.96 -22.43 -11.99
C GLN A 75 4.23 -22.26 -12.84
N MET A 76 5.04 -21.22 -12.58
CA MET A 76 6.28 -20.96 -13.34
C MET A 76 7.19 -22.19 -13.28
N LEU A 77 7.37 -22.74 -12.09
CA LEU A 77 8.23 -23.92 -11.93
C LEU A 77 7.70 -25.14 -12.69
N HIS A 78 6.36 -25.31 -12.74
CA HIS A 78 5.76 -26.43 -13.45
C HIS A 78 5.78 -26.24 -14.97
N CYS A 79 6.20 -25.05 -15.43
CA CYS A 79 6.39 -24.69 -16.86
C CYS A 79 7.83 -24.87 -17.34
N GLU A 80 8.70 -25.42 -16.47
CA GLU A 80 10.09 -25.75 -16.77
C GLU A 80 10.28 -27.26 -16.55
N GLU A 81 11.30 -27.87 -17.19
CA GLU A 81 11.53 -29.31 -17.08
C GLU A 81 12.26 -29.74 -15.80
N LYS A 82 13.11 -28.85 -15.24
CA LYS A 82 13.92 -29.13 -14.06
C LYS A 82 13.05 -29.28 -12.82
N GLU A 83 13.37 -30.26 -11.93
CA GLU A 83 12.61 -30.42 -10.71
C GLU A 83 12.82 -29.25 -9.72
N LEU A 84 11.94 -29.15 -8.70
CA LEU A 84 12.02 -28.10 -7.69
C LEU A 84 13.24 -28.29 -6.80
N THR A 85 13.81 -27.19 -6.32
CA THR A 85 14.92 -27.25 -5.37
C THR A 85 14.31 -27.67 -4.02
N ALA A 86 15.15 -28.14 -3.09
CA ALA A 86 14.66 -28.51 -1.73
C ALA A 86 14.01 -27.28 -1.08
N ASP A 87 14.62 -26.06 -1.27
CA ASP A 87 14.03 -24.84 -0.71
C ASP A 87 12.68 -24.53 -1.30
N ASP A 88 12.50 -24.74 -2.63
CA ASP A 88 11.19 -24.46 -3.23
C ASP A 88 10.17 -25.49 -2.75
N GLU A 89 10.61 -26.77 -2.53
CA GLU A 89 9.68 -27.77 -2.02
C GLU A 89 9.20 -27.35 -0.62
N LEU A 90 10.12 -26.85 0.26
CA LEU A 90 9.73 -26.42 1.62
CA LEU A 90 9.75 -26.42 1.60
C LEU A 90 8.80 -25.22 1.54
N LEU A 91 9.07 -24.30 0.63
CA LEU A 91 8.19 -23.13 0.48
C LEU A 91 6.78 -23.61 0.12
N MET A 92 6.67 -24.53 -0.87
CA MET A 92 5.32 -24.98 -1.28
C MET A 92 4.64 -25.74 -0.14
N ASP A 93 5.40 -26.52 0.62
CA ASP A 93 4.82 -27.26 1.73
C ASP A 93 4.25 -26.32 2.78
N SER A 94 4.87 -25.13 2.94
CA SER A 94 4.40 -24.13 3.92
C SER A 94 3.03 -23.55 3.59
N PHE A 95 2.57 -23.73 2.34
CA PHE A 95 1.25 -23.27 1.87
C PHE A 95 0.35 -24.46 1.49
N SER A 96 0.77 -25.70 1.83
CA SER A 96 0.01 -26.93 1.48
C SER A 96 -0.19 -27.09 -0.04
N LEU A 97 0.78 -26.63 -0.83
CA LEU A 97 0.76 -26.79 -2.28
C LEU A 97 1.54 -28.06 -2.62
N ASN A 98 0.96 -29.20 -2.24
CA ASN A 98 1.60 -30.51 -2.37
C ASN A 98 0.50 -31.58 -2.25
N TYR A 99 0.91 -32.85 -2.29
CA TYR A 99 0.03 -34.00 -2.14
C TYR A 99 -1.24 -33.90 -3.01
N ASP A 100 -2.44 -33.74 -2.39
CA ASP A 100 -3.70 -33.63 -3.15
C ASP A 100 -3.99 -32.24 -3.79
N CYS A 101 -3.13 -31.22 -3.53
CA CYS A 101 -3.21 -29.88 -4.14
C CYS A 101 -1.87 -29.62 -4.82
N PRO A 102 -1.50 -30.44 -5.81
CA PRO A 102 -0.17 -30.29 -6.42
C PRO A 102 -0.08 -29.16 -7.41
N GLY A 103 1.13 -28.90 -7.86
CA GLY A 103 1.31 -27.96 -8.96
C GLY A 103 1.06 -28.67 -10.27
N PHE A 104 0.85 -27.87 -11.30
CA PHE A 104 0.68 -28.31 -12.68
C PHE A 104 0.89 -27.07 -13.54
N PRO A 105 1.15 -27.23 -14.85
CA PRO A 105 1.54 -26.06 -15.65
C PRO A 105 0.60 -24.87 -15.67
N SER A 106 -0.69 -25.07 -15.45
CA SER A 106 -1.59 -23.92 -15.46
C SER A 106 -2.22 -23.70 -14.07
N VAL A 107 -1.60 -24.17 -12.97
CA VAL A 107 -2.26 -24.06 -11.64
C VAL A 107 -2.74 -22.66 -11.23
N PHE A 108 -1.93 -21.63 -11.48
CA PHE A 108 -2.33 -20.28 -11.09
C PHE A 108 -3.41 -19.75 -12.04
N ASP A 109 -3.22 -19.88 -13.35
CA ASP A 109 -4.24 -19.43 -14.32
C ASP A 109 -5.58 -20.16 -14.13
N TYR A 110 -5.53 -21.46 -13.81
CA TYR A 110 -6.73 -22.28 -13.54
C TYR A 110 -7.48 -21.75 -12.31
N SER A 111 -6.76 -21.57 -11.18
CA SER A 111 -7.34 -21.11 -9.90
CA SER A 111 -7.45 -21.14 -9.96
C SER A 111 -7.87 -19.69 -10.04
N LEU A 112 -7.11 -18.85 -10.75
CA LEU A 112 -7.50 -17.45 -10.92
C LEU A 112 -8.72 -17.37 -11.82
N ALA A 113 -8.85 -18.28 -12.81
CA ALA A 113 -10.02 -18.22 -13.70
C ALA A 113 -11.34 -18.33 -12.91
N ALA A 114 -11.40 -19.22 -11.90
CA ALA A 114 -12.61 -19.37 -11.08
C ALA A 114 -12.90 -18.06 -10.38
N VAL A 115 -11.85 -17.38 -9.87
CA VAL A 115 -12.02 -16.07 -9.21
C VAL A 115 -12.56 -15.04 -10.23
N GLN A 116 -11.96 -15.00 -11.42
CA GLN A 116 -12.43 -14.09 -12.46
C GLN A 116 -13.93 -14.32 -12.77
N GLY A 117 -14.34 -15.59 -12.85
CA GLY A 117 -15.74 -15.88 -13.15
C GLY A 117 -16.68 -15.48 -12.01
N SER A 118 -16.31 -15.82 -10.77
CA SER A 118 -17.19 -15.53 -9.64
C SER A 118 -17.26 -14.03 -9.29
N LEU A 119 -16.15 -13.29 -9.48
CA LEU A 119 -16.19 -11.82 -9.26
C LEU A 119 -17.07 -11.16 -10.33
N ALA A 120 -16.96 -11.63 -11.60
CA ALA A 120 -17.82 -11.07 -12.65
C ALA A 120 -19.30 -11.35 -12.36
N ALA A 121 -19.58 -12.58 -11.88
CA ALA A 121 -20.94 -12.99 -11.54
C ALA A 121 -21.47 -12.06 -10.42
N ALA A 122 -20.63 -11.77 -9.40
CA ALA A 122 -21.09 -10.86 -8.33
C ALA A 122 -21.37 -9.46 -8.94
N SER A 123 -20.47 -8.96 -9.82
CA SER A 123 -20.67 -7.65 -10.45
C SER A 123 -21.96 -7.56 -11.24
N ALA A 124 -22.33 -8.64 -11.93
CA ALA A 124 -23.55 -8.69 -12.74
C ALA A 124 -24.78 -8.60 -11.82
N LEU A 125 -24.72 -9.19 -10.61
CA LEU A 125 -25.84 -9.08 -9.67
C LEU A 125 -25.92 -7.67 -9.08
N ILE A 126 -24.77 -7.11 -8.71
CA ILE A 126 -24.72 -5.78 -8.09
C ILE A 126 -25.27 -4.70 -9.02
N CYS A 127 -24.94 -4.76 -10.31
CA CYS A 127 -25.42 -3.72 -11.25
C CYS A 127 -26.84 -4.01 -11.74
N ARG A 128 -27.43 -5.11 -11.23
CA ARG A 128 -28.79 -5.56 -11.57
C ARG A 128 -28.96 -6.00 -13.03
N HIS A 129 -27.87 -6.38 -13.71
CA HIS A 129 -28.01 -6.87 -15.09
C HIS A 129 -28.67 -8.27 -15.08
N CYS A 130 -28.37 -9.06 -14.04
CA CYS A 130 -28.88 -10.42 -13.87
C CYS A 130 -29.52 -10.57 -12.50
N GLU A 131 -30.62 -11.35 -12.41
CA GLU A 131 -31.32 -11.67 -11.16
C GLU A 131 -30.58 -12.81 -10.52
N VAL A 132 -30.04 -13.73 -11.34
CA VAL A 132 -29.27 -14.90 -10.86
C VAL A 132 -28.10 -15.03 -11.81
N VAL A 133 -26.94 -15.48 -11.29
CA VAL A 133 -25.80 -15.79 -12.15
C VAL A 133 -25.28 -17.14 -11.76
N ILE A 134 -25.02 -18.00 -12.76
CA ILE A 134 -24.47 -19.34 -12.52
C ILE A 134 -23.01 -19.35 -12.93
N ASN A 135 -22.15 -19.98 -12.15
CA ASN A 135 -20.75 -20.18 -12.53
C ASN A 135 -20.36 -21.62 -12.25
N TRP A 136 -20.47 -22.49 -13.29
CA TRP A 136 -20.09 -23.90 -13.08
C TRP A 136 -18.58 -24.13 -13.05
N GLY A 137 -17.81 -23.07 -13.25
CA GLY A 137 -16.36 -23.18 -13.11
C GLY A 137 -15.87 -22.74 -11.75
N GLY A 138 -16.78 -22.30 -10.86
CA GLY A 138 -16.41 -21.83 -9.53
C GLY A 138 -16.96 -22.72 -8.42
N GLY A 139 -16.83 -22.23 -7.18
CA GLY A 139 -17.31 -22.95 -5.98
C GLY A 139 -16.23 -23.66 -5.19
N TRP A 140 -15.01 -23.08 -5.14
CA TRP A 140 -13.85 -23.70 -4.50
C TRP A 140 -13.75 -23.37 -3.01
N HIS A 141 -14.66 -24.02 -2.24
CA HIS A 141 -14.93 -23.65 -0.85
C HIS A 141 -13.88 -23.91 0.21
N HIS A 142 -12.89 -24.74 -0.08
CA HIS A 142 -11.90 -25.11 0.94
C HIS A 142 -10.67 -24.21 1.05
N ALA A 143 -10.36 -23.41 0.01
CA ALA A 143 -9.11 -22.66 0.08
C ALA A 143 -9.11 -21.64 1.20
N LYS A 144 -7.95 -21.49 1.87
CA LYS A 144 -7.85 -20.58 3.00
C LYS A 144 -6.94 -19.41 2.65
N ARG A 145 -6.88 -18.40 3.56
CA ARG A 145 -6.05 -17.20 3.30
C ARG A 145 -4.66 -17.55 2.73
N SER A 146 -3.97 -18.49 3.38
CA SER A 146 -2.60 -18.86 2.94
C SER A 146 -2.43 -20.36 2.80
N GLU A 147 -3.46 -21.05 2.33
CA GLU A 147 -3.36 -22.51 2.25
C GLU A 147 -4.30 -23.06 1.19
N ALA A 148 -3.77 -23.94 0.34
CA ALA A 148 -4.59 -24.70 -0.59
C ALA A 148 -5.16 -25.88 0.20
N SER A 149 -6.35 -26.35 -0.18
CA SER A 149 -7.00 -27.45 0.53
C SER A 149 -8.06 -28.10 -0.34
N GLY A 150 -8.13 -29.43 -0.34
CA GLY A 150 -9.21 -30.14 -1.05
C GLY A 150 -9.40 -29.78 -2.50
N PHE A 151 -8.28 -29.71 -3.23
CA PHE A 151 -8.23 -29.39 -4.65
C PHE A 151 -8.62 -27.93 -4.95
N CYS A 152 -8.69 -27.08 -3.91
CA CYS A 152 -9.05 -25.64 -4.00
C CYS A 152 -7.80 -24.82 -3.78
N TYR A 153 -7.46 -23.93 -4.72
CA TYR A 153 -6.27 -23.09 -4.56
C TYR A 153 -6.57 -21.65 -4.21
N LEU A 154 -7.62 -21.08 -4.82
CA LEU A 154 -8.05 -19.71 -4.51
C LEU A 154 -9.54 -19.77 -4.21
N ASN A 155 -9.95 -19.07 -3.17
CA ASN A 155 -11.34 -19.14 -2.76
C ASN A 155 -12.19 -18.10 -3.47
N ASP A 156 -12.72 -18.51 -4.63
CA ASP A 156 -13.55 -17.61 -5.44
C ASP A 156 -14.82 -17.23 -4.71
N ILE A 157 -15.32 -18.13 -3.85
CA ILE A 157 -16.57 -17.84 -3.14
C ILE A 157 -16.35 -16.69 -2.16
N VAL A 158 -15.32 -16.79 -1.32
CA VAL A 158 -15.03 -15.71 -0.36
C VAL A 158 -14.86 -14.37 -1.09
N LEU A 159 -14.09 -14.37 -2.17
CA LEU A 159 -13.88 -13.14 -2.92
C LEU A 159 -15.18 -12.58 -3.51
N ALA A 160 -16.05 -13.44 -4.06
CA ALA A 160 -17.34 -13.00 -4.58
C ALA A 160 -18.21 -12.43 -3.43
N ILE A 161 -18.26 -13.13 -2.28
CA ILE A 161 -19.08 -12.63 -1.17
C ILE A 161 -18.54 -11.30 -0.68
N HIS A 162 -17.22 -11.15 -0.59
CA HIS A 162 -16.59 -9.89 -0.17
C HIS A 162 -17.02 -8.74 -1.12
N ARG A 163 -17.07 -9.03 -2.43
CA ARG A 163 -17.53 -8.02 -3.37
C ARG A 163 -19.00 -7.67 -3.10
N LEU A 164 -19.86 -8.69 -2.84
CA LEU A 164 -21.29 -8.43 -2.57
C LEU A 164 -21.48 -7.62 -1.29
N VAL A 165 -20.84 -8.06 -0.19
CA VAL A 165 -20.99 -7.36 1.10
C VAL A 165 -20.54 -5.93 1.11
N SER A 166 -19.48 -5.62 0.36
CA SER A 166 -18.87 -4.30 0.30
CA SER A 166 -18.88 -4.29 0.29
C SER A 166 -19.48 -3.39 -0.80
N SER A 167 -20.54 -3.87 -1.48
CA SER A 167 -21.19 -3.09 -2.57
C SER A 167 -22.00 -1.86 -2.13
N THR A 168 -22.34 -1.76 -0.85
CA THR A 168 -23.12 -0.58 -0.38
C THR A 168 -22.25 0.39 0.41
N PRO A 169 -22.46 1.73 0.30
CA PRO A 169 -21.62 2.67 1.06
C PRO A 169 -21.99 2.76 2.55
N GLN A 177 -27.83 -1.84 4.83
CA GLN A 177 -27.07 -2.85 5.55
C GLN A 177 -27.15 -4.17 4.75
N THR A 178 -26.09 -4.46 4.00
CA THR A 178 -26.02 -5.63 3.13
C THR A 178 -25.71 -6.86 3.94
N ARG A 179 -26.53 -7.90 3.80
CA ARG A 179 -26.30 -9.18 4.45
C ARG A 179 -26.32 -10.23 3.38
N VAL A 180 -25.39 -11.19 3.45
CA VAL A 180 -25.33 -12.26 2.47
C VAL A 180 -25.59 -13.57 3.22
N LEU A 181 -26.39 -14.45 2.62
CA LEU A 181 -26.59 -15.80 3.15
C LEU A 181 -25.86 -16.73 2.18
N TYR A 182 -24.92 -17.52 2.70
CA TYR A 182 -24.17 -18.49 1.92
C TYR A 182 -24.68 -19.87 2.28
N VAL A 183 -25.08 -20.66 1.26
CA VAL A 183 -25.63 -22.01 1.46
C VAL A 183 -24.69 -22.96 0.71
N ASP A 184 -24.18 -23.96 1.41
CA ASP A 184 -23.20 -24.88 0.80
C ASP A 184 -23.77 -26.29 0.78
N LEU A 185 -24.16 -26.75 -0.44
CA LEU A 185 -24.80 -28.05 -0.62
C LEU A 185 -23.88 -29.22 -0.92
N ASP A 186 -22.58 -28.95 -1.01
CA ASP A 186 -21.58 -29.94 -1.33
C ASP A 186 -21.56 -31.05 -0.26
N LEU A 187 -21.12 -32.24 -0.63
CA LEU A 187 -20.98 -33.35 0.31
C LEU A 187 -20.05 -32.98 1.49
N HIS A 188 -19.07 -32.12 1.22
CA HIS A 188 -18.07 -31.69 2.20
C HIS A 188 -18.42 -30.39 2.88
N HIS A 189 -17.97 -30.29 4.14
CA HIS A 189 -18.14 -29.05 4.92
C HIS A 189 -17.43 -27.88 4.19
N GLY A 190 -18.14 -26.76 4.05
CA GLY A 190 -17.56 -25.56 3.41
C GLY A 190 -16.72 -24.78 4.40
N ASP A 191 -15.59 -25.37 4.82
CA ASP A 191 -14.76 -24.80 5.88
C ASP A 191 -14.07 -23.48 5.57
N GLY A 192 -13.54 -23.35 4.35
CA GLY A 192 -12.80 -22.13 3.98
C GLY A 192 -13.68 -20.90 4.04
N VAL A 193 -14.90 -21.02 3.53
CA VAL A 193 -15.85 -19.88 3.53
C VAL A 193 -16.33 -19.61 4.96
N GLU A 194 -16.67 -20.68 5.71
CA GLU A 194 -17.12 -20.47 7.08
C GLU A 194 -16.02 -19.73 7.88
N GLU A 195 -14.77 -20.15 7.74
CA GLU A 195 -13.64 -19.53 8.47
C GLU A 195 -13.45 -18.09 8.09
N ALA A 196 -13.53 -17.79 6.77
CA ALA A 196 -13.32 -16.44 6.29
C ALA A 196 -14.30 -15.44 6.93
N PHE A 197 -15.54 -15.91 7.24
CA PHE A 197 -16.56 -15.02 7.78
C PHE A 197 -16.96 -15.34 9.22
N TRP A 198 -16.12 -16.09 9.92
CA TRP A 198 -16.34 -16.52 11.31
C TRP A 198 -16.64 -15.38 12.26
N TYR A 199 -16.01 -14.22 12.03
CA TYR A 199 -16.15 -13.05 12.91
C TYR A 199 -17.11 -11.99 12.35
N SER A 200 -17.79 -12.31 11.23
CA SER A 200 -18.70 -11.34 10.62
CA SER A 200 -18.68 -11.37 10.55
C SER A 200 -20.17 -11.73 10.73
N PRO A 201 -21.00 -10.87 11.34
CA PRO A 201 -22.44 -11.21 11.41
C PRO A 201 -23.14 -10.94 10.08
N ARG A 202 -22.51 -10.14 9.17
CA ARG A 202 -23.13 -9.72 7.89
C ARG A 202 -23.16 -10.85 6.85
N VAL A 203 -22.29 -11.85 7.02
CA VAL A 203 -22.26 -13.01 6.15
C VAL A 203 -22.62 -14.20 7.01
N VAL A 204 -23.79 -14.77 6.80
CA VAL A 204 -24.23 -15.95 7.52
C VAL A 204 -23.96 -17.16 6.63
N THR A 205 -23.26 -18.17 7.17
CA THR A 205 -22.91 -19.34 6.38
C THR A 205 -23.71 -20.52 6.86
N PHE A 206 -24.12 -21.37 5.92
CA PHE A 206 -24.88 -22.58 6.28
C PHE A 206 -24.42 -23.73 5.39
N SER A 207 -23.79 -24.75 6.00
CA SER A 207 -23.31 -25.90 5.25
C SER A 207 -24.05 -27.14 5.71
N VAL A 208 -24.55 -27.94 4.75
CA VAL A 208 -25.13 -29.25 4.99
C VAL A 208 -24.11 -30.22 4.35
N HIS A 209 -23.74 -31.28 5.05
CA HIS A 209 -22.66 -32.11 4.55
C HIS A 209 -22.59 -33.41 5.30
N HIS A 210 -21.79 -34.37 4.81
CA HIS A 210 -21.52 -35.54 5.62
C HIS A 210 -20.34 -35.18 6.55
N ALA A 211 -20.38 -35.73 7.77
CA ALA A 211 -19.28 -35.69 8.73
C ALA A 211 -19.26 -37.02 9.44
N SER A 212 -18.04 -37.54 9.59
CA SER A 212 -17.80 -38.82 10.28
C SER A 212 -16.31 -38.89 10.56
N PRO A 213 -15.88 -39.78 11.49
CA PRO A 213 -14.45 -39.80 11.82
C PRO A 213 -13.53 -40.08 10.64
N GLY A 214 -12.55 -39.20 10.47
CA GLY A 214 -11.56 -39.27 9.38
C GLY A 214 -12.04 -38.75 8.03
N PHE A 215 -13.32 -38.31 7.95
CA PHE A 215 -13.85 -37.80 6.67
C PHE A 215 -13.48 -36.34 6.50
N PHE A 216 -12.93 -35.98 5.32
CA PHE A 216 -12.48 -34.64 5.04
C PHE A 216 -13.63 -33.60 5.11
N PRO A 217 -13.39 -32.37 5.59
CA PRO A 217 -12.16 -31.88 6.26
C PRO A 217 -12.16 -32.03 7.78
N GLY A 218 -13.19 -32.67 8.33
CA GLY A 218 -13.29 -32.98 9.76
C GLY A 218 -14.08 -32.00 10.60
N THR A 219 -14.42 -30.85 10.01
CA THR A 219 -15.13 -29.77 10.70
C THR A 219 -16.64 -29.75 10.33
N GLY A 220 -17.38 -28.77 10.86
CA GLY A 220 -18.83 -28.66 10.60
C GLY A 220 -19.62 -29.66 11.44
N THR A 221 -19.06 -30.04 12.61
CA THR A 221 -19.72 -31.01 13.47
C THR A 221 -19.33 -30.77 14.91
N TRP A 222 -19.79 -31.64 15.81
CA TRP A 222 -19.45 -31.50 17.23
C TRP A 222 -17.93 -31.53 17.38
N ASN A 223 -17.40 -30.66 18.27
CA ASN A 223 -15.97 -30.49 18.53
C ASN A 223 -15.69 -30.50 20.03
N ILE A 232 -18.34 -29.62 21.77
CA ILE A 232 -19.31 -28.53 21.59
C ILE A 232 -19.50 -28.18 20.12
N PHE A 233 -20.58 -27.46 19.78
CA PHE A 233 -20.80 -27.04 18.39
C PHE A 233 -20.46 -25.55 18.23
N LEU A 234 -19.29 -25.26 17.66
CA LEU A 234 -18.87 -23.86 17.47
C LEU A 234 -19.71 -23.24 16.34
N ASN A 235 -19.94 -21.91 16.42
CA ASN A 235 -20.87 -21.31 15.46
C ASN A 235 -20.55 -19.85 15.12
N GLY A 236 -19.28 -19.48 15.23
CA GLY A 236 -18.82 -18.13 14.96
C GLY A 236 -18.27 -17.52 16.25
N ALA A 237 -17.59 -16.39 16.12
CA ALA A 237 -16.98 -15.79 17.29
C ALA A 237 -17.00 -14.28 17.22
N GLY A 238 -16.79 -13.64 18.37
CA GLY A 238 -16.85 -12.19 18.42
C GLY A 238 -18.22 -11.70 18.01
N ARG A 239 -18.25 -10.68 17.14
CA ARG A 239 -19.53 -10.13 16.69
C ARG A 239 -20.18 -11.08 15.68
N GLY A 240 -19.42 -12.09 15.23
CA GLY A 240 -19.92 -13.14 14.34
C GLY A 240 -20.47 -14.35 15.10
N ARG A 241 -20.55 -14.29 16.43
CA ARG A 241 -21.10 -15.44 17.19
C ARG A 241 -22.51 -15.81 16.65
N PHE A 242 -22.79 -17.13 16.53
CA PHE A 242 -24.09 -17.68 16.06
C PHE A 242 -24.33 -17.50 14.55
N SER A 243 -23.35 -16.96 13.80
CA SER A 243 -23.51 -16.70 12.36
C SER A 243 -23.05 -17.82 11.45
N ALA A 244 -22.49 -18.91 12.00
CA ALA A 244 -22.04 -20.03 11.14
C ALA A 244 -22.87 -21.27 11.52
N PHE A 245 -23.72 -21.70 10.58
CA PHE A 245 -24.65 -22.81 10.76
C PHE A 245 -24.13 -24.05 10.04
N ASN A 246 -24.36 -25.21 10.68
CA ASN A 246 -23.92 -26.47 10.12
C ASN A 246 -24.92 -27.57 10.41
N LEU A 247 -25.12 -28.45 9.41
CA LEU A 247 -25.98 -29.61 9.53
C LEU A 247 -25.22 -30.85 9.02
N PRO A 248 -24.56 -31.59 9.93
CA PRO A 248 -23.86 -32.82 9.50
C PRO A 248 -24.87 -33.98 9.42
N LEU A 249 -24.77 -34.79 8.38
CA LEU A 249 -25.68 -35.89 8.14
C LEU A 249 -24.98 -37.21 7.99
N GLU A 250 -25.65 -38.27 8.44
CA GLU A 250 -25.08 -39.60 8.31
C GLU A 250 -25.13 -40.08 6.84
N GLU A 251 -24.26 -41.03 6.51
CA GLU A 251 -24.21 -41.61 5.18
C GLU A 251 -25.51 -42.32 4.78
N GLY A 252 -25.82 -42.25 3.48
CA GLY A 252 -26.93 -42.95 2.83
C GLY A 252 -28.23 -42.17 2.69
N ILE A 253 -28.23 -40.88 3.05
CA ILE A 253 -29.46 -40.09 3.00
C ILE A 253 -29.98 -39.94 1.59
N ASN A 254 -31.32 -40.03 1.43
CA ASN A 254 -31.95 -39.92 0.13
C ASN A 254 -32.50 -38.51 -0.11
N ASP A 255 -33.06 -38.29 -1.31
CA ASP A 255 -33.59 -36.95 -1.67
C ASP A 255 -34.63 -36.44 -0.69
N LEU A 256 -35.62 -37.26 -0.33
CA LEU A 256 -36.70 -36.80 0.53
C LEU A 256 -36.19 -36.43 1.92
N ASP A 257 -35.43 -37.32 2.54
CA ASP A 257 -34.93 -37.03 3.88
C ASP A 257 -33.95 -35.86 3.91
N TRP A 258 -33.11 -35.68 2.87
CA TRP A 258 -32.16 -34.54 2.85
C TRP A 258 -32.98 -33.23 2.65
N SER A 259 -34.03 -33.28 1.80
CA SER A 259 -34.91 -32.12 1.54
C SER A 259 -35.65 -31.73 2.82
N ASN A 260 -36.23 -32.72 3.55
CA ASN A 260 -36.92 -32.41 4.80
C ASN A 260 -35.93 -31.90 5.86
N ALA A 261 -34.67 -32.35 5.81
CA ALA A 261 -33.68 -31.90 6.80
C ALA A 261 -33.25 -30.45 6.56
N ILE A 262 -33.12 -30.03 5.29
CA ILE A 262 -32.67 -28.67 5.03
CA ILE A 262 -32.66 -28.69 4.93
C ILE A 262 -33.75 -27.64 4.77
N GLY A 263 -34.91 -28.07 4.26
CA GLY A 263 -36.03 -27.17 3.92
C GLY A 263 -36.42 -26.13 4.95
N PRO A 264 -36.77 -26.56 6.17
CA PRO A 264 -37.16 -25.59 7.21
C PRO A 264 -36.00 -24.70 7.63
N ILE A 265 -34.75 -25.21 7.58
CA ILE A 265 -33.59 -24.41 7.96
C ILE A 265 -33.45 -23.27 6.94
N LEU A 266 -33.50 -23.61 5.63
CA LEU A 266 -33.39 -22.58 4.59
C LEU A 266 -34.47 -21.53 4.76
N ASP A 267 -35.74 -21.96 4.87
CA ASP A 267 -36.81 -20.99 5.03
C ASP A 267 -36.66 -20.11 6.26
N SER A 268 -36.25 -20.68 7.39
CA SER A 268 -36.05 -19.89 8.62
CA SER A 268 -36.02 -19.90 8.62
C SER A 268 -34.91 -18.89 8.45
N LEU A 269 -33.79 -19.30 7.83
CA LEU A 269 -32.66 -18.39 7.61
C LEU A 269 -33.11 -17.20 6.75
N ASN A 270 -33.90 -17.43 5.71
CA ASN A 270 -34.35 -16.33 4.86
C ASN A 270 -35.25 -15.36 5.63
N ILE A 271 -36.21 -15.90 6.39
CA ILE A 271 -37.14 -15.07 7.19
C ILE A 271 -36.40 -14.17 8.20
N VAL A 272 -35.45 -14.75 8.95
CA VAL A 272 -34.73 -14.02 10.01
C VAL A 272 -33.63 -13.09 9.49
N ILE A 273 -32.80 -13.59 8.57
CA ILE A 273 -31.69 -12.80 8.05
C ILE A 273 -32.12 -11.76 7.03
N GLN A 274 -33.17 -12.03 6.23
CA GLN A 274 -33.61 -11.11 5.14
C GLN A 274 -32.38 -10.75 4.29
N PRO A 275 -31.70 -11.76 3.69
CA PRO A 275 -30.48 -11.46 2.95
C PRO A 275 -30.69 -10.58 1.74
N SER A 276 -29.68 -9.77 1.40
CA SER A 276 -29.64 -8.90 0.22
C SER A 276 -29.22 -9.76 -0.97
N TYR A 277 -28.38 -10.79 -0.71
CA TYR A 277 -27.89 -11.72 -1.72
C TYR A 277 -27.81 -13.10 -1.13
N VAL A 278 -27.97 -14.12 -1.98
CA VAL A 278 -27.74 -15.50 -1.56
C VAL A 278 -26.66 -16.06 -2.48
N VAL A 279 -25.73 -16.81 -1.91
CA VAL A 279 -24.68 -17.45 -2.71
C VAL A 279 -24.83 -18.93 -2.41
N VAL A 280 -24.97 -19.76 -3.44
CA VAL A 280 -25.18 -21.21 -3.25
C VAL A 280 -24.05 -21.98 -3.88
N GLN A 281 -23.40 -22.86 -3.11
CA GLN A 281 -22.39 -23.75 -3.66
C GLN A 281 -23.16 -25.05 -3.91
N CYS A 282 -23.13 -25.56 -5.16
CA CYS A 282 -23.93 -26.70 -5.57
CA CYS A 282 -23.90 -26.74 -5.62
C CYS A 282 -23.04 -27.91 -5.99
N GLY A 283 -22.04 -28.20 -5.18
CA GLY A 283 -21.16 -29.35 -5.45
C GLY A 283 -21.99 -30.60 -5.63
N ALA A 284 -21.73 -31.36 -6.72
CA ALA A 284 -22.53 -32.52 -7.13
C ALA A 284 -22.11 -33.85 -6.53
N ASP A 285 -21.25 -33.82 -5.52
CA ASP A 285 -20.74 -35.05 -4.90
C ASP A 285 -21.69 -35.75 -3.92
N CYS A 286 -22.93 -35.21 -3.78
CA CYS A 286 -23.96 -35.89 -2.99
C CYS A 286 -24.71 -36.84 -3.87
N LEU A 287 -24.53 -36.81 -5.20
CA LEU A 287 -25.27 -37.72 -6.08
C LEU A 287 -24.97 -39.15 -5.71
N ALA A 288 -26.00 -40.01 -5.83
CA ALA A 288 -25.89 -41.44 -5.52
C ALA A 288 -24.80 -42.12 -6.36
N THR A 289 -24.52 -41.56 -7.54
CA THR A 289 -23.56 -42.10 -8.49
C THR A 289 -22.17 -41.44 -8.43
N ASP A 290 -21.93 -40.55 -7.47
CA ASP A 290 -20.60 -39.95 -7.32
C ASP A 290 -19.70 -41.05 -6.76
N PRO A 291 -18.42 -41.16 -7.18
CA PRO A 291 -17.57 -42.24 -6.61
C PRO A 291 -17.38 -42.19 -5.10
N HIS A 292 -17.72 -41.06 -4.41
CA HIS A 292 -17.64 -41.04 -2.94
C HIS A 292 -18.61 -42.06 -2.37
N ARG A 293 -19.77 -42.22 -3.04
CA ARG A 293 -20.83 -43.17 -2.69
C ARG A 293 -21.25 -43.01 -1.24
N ILE A 294 -21.54 -41.75 -0.84
CA ILE A 294 -21.95 -41.42 0.53
C ILE A 294 -23.41 -41.05 0.66
N PHE A 295 -23.87 -40.02 -0.10
CA PHE A 295 -25.28 -39.70 -0.05
C PHE A 295 -25.94 -40.28 -1.27
N ARG A 296 -27.28 -40.26 -1.30
CA ARG A 296 -28.05 -40.87 -2.37
C ARG A 296 -28.98 -39.89 -3.07
N LEU A 297 -28.49 -38.65 -3.28
CA LEU A 297 -29.29 -37.66 -4.00
C LEU A 297 -29.30 -37.96 -5.49
N THR A 298 -30.32 -37.43 -6.18
CA THR A 298 -30.46 -37.63 -7.61
C THR A 298 -30.57 -36.27 -8.30
N ASN A 299 -30.78 -36.31 -9.62
CA ASN A 299 -31.09 -35.11 -10.40
C ASN A 299 -32.55 -35.25 -10.93
N PHE A 300 -33.35 -36.14 -10.32
CA PHE A 300 -34.70 -36.41 -10.81
C PHE A 300 -35.63 -35.20 -10.67
N TYR A 301 -36.43 -34.93 -11.70
CA TYR A 301 -37.37 -33.80 -11.64
C TYR A 301 -38.74 -34.33 -12.13
N PRO A 302 -39.50 -35.01 -11.26
CA PRO A 302 -40.80 -35.58 -11.71
C PRO A 302 -41.86 -34.58 -12.16
N SER A 315 -38.96 -39.63 -6.57
CA SER A 315 -38.78 -38.46 -5.72
C SER A 315 -38.10 -37.30 -6.45
N LEU A 316 -38.17 -36.09 -5.88
CA LEU A 316 -37.58 -34.89 -6.44
C LEU A 316 -36.15 -34.72 -5.90
N SER A 317 -35.21 -34.47 -6.80
CA SER A 317 -33.82 -34.21 -6.45
C SER A 317 -33.71 -33.24 -5.27
N GLY A 318 -32.95 -33.59 -4.24
CA GLY A 318 -32.73 -32.67 -3.12
C GLY A 318 -32.12 -31.34 -3.61
N TYR A 319 -31.21 -31.41 -4.56
CA TYR A 319 -30.57 -30.21 -5.12
C TYR A 319 -31.63 -29.31 -5.76
N LEU A 320 -32.51 -29.90 -6.60
CA LEU A 320 -33.55 -29.11 -7.27
C LEU A 320 -34.56 -28.55 -6.29
N TYR A 321 -34.87 -29.31 -5.24
CA TYR A 321 -35.79 -28.85 -4.18
C TYR A 321 -35.17 -27.59 -3.50
N ALA A 322 -33.88 -27.66 -3.15
CA ALA A 322 -33.19 -26.58 -2.43
C ALA A 322 -33.08 -25.33 -3.31
N ILE A 323 -32.67 -25.51 -4.58
CA ILE A 323 -32.54 -24.39 -5.52
C ILE A 323 -33.90 -23.73 -5.78
N LYS A 324 -34.95 -24.55 -6.05
CA LYS A 324 -36.30 -24.01 -6.28
C LYS A 324 -36.76 -23.19 -5.07
N LYS A 325 -36.50 -23.70 -3.84
CA LYS A 325 -36.87 -22.98 -2.63
C LYS A 325 -36.12 -21.64 -2.53
N ILE A 326 -34.81 -21.66 -2.73
CA ILE A 326 -33.98 -20.43 -2.61
C ILE A 326 -34.44 -19.39 -3.64
N LEU A 327 -34.70 -19.82 -4.86
CA LEU A 327 -35.15 -18.90 -5.92
C LEU A 327 -36.52 -18.33 -5.66
N SER A 328 -37.37 -19.06 -4.89
CA SER A 328 -38.71 -18.56 -4.55
C SER A 328 -38.66 -17.29 -3.68
N TRP A 329 -37.50 -17.02 -3.04
CA TRP A 329 -37.33 -15.84 -2.18
C TRP A 329 -37.20 -14.56 -2.97
N LYS A 330 -36.88 -14.67 -4.26
CA LYS A 330 -36.69 -13.51 -5.15
C LYS A 330 -35.58 -12.57 -4.64
N VAL A 331 -34.47 -13.17 -4.19
CA VAL A 331 -33.31 -12.44 -3.72
C VAL A 331 -32.22 -12.69 -4.77
N PRO A 332 -31.46 -11.66 -5.22
CA PRO A 332 -30.37 -11.90 -6.21
C PRO A 332 -29.44 -12.98 -5.72
N THR A 333 -29.20 -14.00 -6.57
CA THR A 333 -28.48 -15.21 -6.14
C THR A 333 -27.34 -15.59 -7.08
N LEU A 334 -26.25 -16.09 -6.51
CA LEU A 334 -25.14 -16.62 -7.27
C LEU A 334 -25.17 -18.13 -7.05
N ILE A 335 -25.15 -18.93 -8.14
CA ILE A 335 -25.14 -20.39 -8.02
C ILE A 335 -23.79 -20.84 -8.56
N LEU A 336 -23.04 -21.54 -7.75
CA LEU A 336 -21.68 -22.00 -8.12
C LEU A 336 -21.60 -23.52 -8.10
N GLY A 337 -20.59 -24.06 -8.76
CA GLY A 337 -20.32 -25.49 -8.81
C GLY A 337 -19.59 -25.94 -7.54
N GLY A 338 -18.61 -26.81 -7.72
CA GLY A 338 -17.82 -27.34 -6.62
C GLY A 338 -17.44 -28.77 -6.89
N GLY A 339 -17.53 -29.64 -5.89
CA GLY A 339 -17.18 -31.04 -6.10
C GLY A 339 -18.09 -31.73 -7.09
N GLY A 340 -17.67 -32.92 -7.51
CA GLY A 340 -18.49 -33.70 -8.44
C GLY A 340 -17.52 -34.45 -9.30
N TYR A 341 -17.33 -35.72 -8.98
CA TYR A 341 -16.32 -36.57 -9.54
C TYR A 341 -16.80 -37.58 -10.57
N ASN A 342 -18.12 -37.61 -10.83
CA ASN A 342 -18.69 -38.40 -11.92
C ASN A 342 -19.05 -37.31 -12.95
N PHE A 343 -18.17 -37.06 -13.95
CA PHE A 343 -18.38 -35.90 -14.82
C PHE A 343 -19.69 -35.92 -15.60
N PRO A 344 -20.09 -37.02 -16.27
CA PRO A 344 -21.37 -36.99 -16.99
C PRO A 344 -22.54 -36.76 -16.04
N ASP A 345 -22.51 -37.37 -14.83
CA ASP A 345 -23.61 -37.16 -13.87
C ASP A 345 -23.64 -35.77 -13.27
N THR A 346 -22.47 -35.15 -13.11
CA THR A 346 -22.43 -33.76 -12.63
C THR A 346 -23.07 -32.87 -13.74
N ALA A 347 -22.73 -33.14 -15.03
CA ALA A 347 -23.29 -32.37 -16.14
C ALA A 347 -24.82 -32.58 -16.18
N ARG A 348 -25.29 -33.82 -15.96
CA ARG A 348 -26.74 -34.12 -15.90
C ARG A 348 -27.43 -33.29 -14.79
N LEU A 349 -26.81 -33.21 -13.59
CA LEU A 349 -27.42 -32.43 -12.51
C LEU A 349 -27.40 -30.93 -12.83
N TRP A 350 -26.22 -30.41 -13.16
CA TRP A 350 -26.10 -28.97 -13.40
C TRP A 350 -26.89 -28.46 -14.59
N THR A 351 -27.13 -29.34 -15.59
CA THR A 351 -27.99 -28.96 -16.70
C THR A 351 -29.43 -28.81 -16.16
N ARG A 352 -29.86 -29.74 -15.31
CA ARG A 352 -31.20 -29.62 -14.70
C ARG A 352 -31.30 -28.38 -13.79
N VAL A 353 -30.22 -28.07 -13.01
CA VAL A 353 -30.26 -26.88 -12.16
C VAL A 353 -30.40 -25.63 -13.08
N THR A 354 -29.63 -25.60 -14.17
CA THR A 354 -29.66 -24.45 -15.07
C THR A 354 -31.06 -24.24 -15.66
N ALA A 355 -31.69 -25.32 -16.18
CA ALA A 355 -33.04 -25.24 -16.73
C ALA A 355 -34.07 -24.81 -15.67
N LEU A 356 -33.97 -25.34 -14.44
CA LEU A 356 -34.88 -24.97 -13.37
C LEU A 356 -34.75 -23.47 -13.05
N THR A 357 -33.51 -22.96 -13.05
CA THR A 357 -33.26 -21.54 -12.75
C THR A 357 -33.96 -20.66 -13.78
N ILE A 358 -33.84 -21.02 -15.06
CA ILE A 358 -34.54 -20.27 -16.11
C ILE A 358 -36.05 -20.28 -15.84
N GLU A 359 -36.63 -21.48 -15.55
CA GLU A 359 -38.09 -21.60 -15.32
C GLU A 359 -38.56 -20.75 -14.13
N GLU A 360 -37.79 -20.78 -13.03
CA GLU A 360 -38.15 -20.07 -11.80
C GLU A 360 -38.00 -18.55 -11.87
N VAL A 361 -36.97 -18.07 -12.55
CA VAL A 361 -36.70 -16.64 -12.67
C VAL A 361 -37.56 -15.97 -13.72
N LYS A 362 -37.62 -16.58 -14.91
CA LYS A 362 -38.34 -16.07 -16.07
C LYS A 362 -39.82 -16.48 -16.19
N GLY A 363 -40.18 -17.63 -15.60
CA GLY A 363 -41.55 -18.15 -15.74
C GLY A 363 -41.77 -18.71 -17.12
N LYS A 364 -40.67 -19.10 -17.79
CA LYS A 364 -40.64 -19.62 -19.16
C LYS A 364 -40.33 -21.09 -19.05
N LYS A 365 -41.30 -21.96 -19.42
CA LYS A 365 -41.14 -23.40 -19.35
C LYS A 365 -39.94 -23.89 -20.16
N MET A 366 -39.09 -24.69 -19.53
CA MET A 366 -37.90 -25.28 -20.14
C MET A 366 -38.10 -26.77 -20.14
N THR A 367 -38.60 -27.27 -21.26
CA THR A 367 -38.87 -28.68 -21.49
C THR A 367 -37.58 -29.33 -21.94
N ILE A 368 -37.10 -30.26 -21.09
CA ILE A 368 -35.86 -30.99 -21.33
CA ILE A 368 -35.85 -31.00 -21.33
C ILE A 368 -36.17 -32.46 -21.68
N SER A 369 -35.74 -32.93 -22.86
CA SER A 369 -35.97 -34.31 -23.26
C SER A 369 -35.26 -35.26 -22.28
N PRO A 370 -35.94 -36.34 -21.85
CA PRO A 370 -35.28 -37.34 -20.99
C PRO A 370 -34.13 -38.06 -21.71
N GLU A 371 -34.02 -37.91 -23.04
CA GLU A 371 -32.93 -38.52 -23.81
C GLU A 371 -31.85 -37.47 -24.06
N ILE A 372 -30.57 -37.82 -23.83
CA ILE A 372 -29.46 -36.89 -24.06
C ILE A 372 -29.42 -36.52 -25.56
N PRO A 373 -29.36 -35.21 -25.91
CA PRO A 373 -29.28 -34.84 -27.33
C PRO A 373 -27.91 -35.12 -27.91
N GLU A 374 -27.87 -35.40 -29.23
CA GLU A 374 -26.57 -35.61 -29.88
C GLU A 374 -25.75 -34.35 -29.84
N HIS A 375 -24.47 -34.52 -29.54
CA HIS A 375 -23.49 -33.45 -29.40
C HIS A 375 -22.10 -34.05 -29.30
N SER A 376 -21.06 -33.21 -29.29
CA SER A 376 -19.65 -33.57 -29.19
C SER A 376 -19.37 -34.69 -28.17
N TYR A 377 -19.93 -34.54 -26.96
CA TYR A 377 -19.70 -35.44 -25.84
C TYR A 377 -20.75 -36.52 -25.63
N PHE A 378 -21.67 -36.73 -26.61
CA PHE A 378 -22.71 -37.75 -26.49
C PHE A 378 -22.24 -39.12 -25.99
N SER A 379 -21.07 -39.61 -26.48
CA SER A 379 -20.56 -40.94 -26.10
C SER A 379 -20.25 -41.11 -24.61
N ARG A 380 -20.02 -40.01 -23.89
CA ARG A 380 -19.72 -40.04 -22.46
C ARG A 380 -20.96 -40.37 -21.59
N TYR A 381 -22.15 -40.33 -22.19
CA TYR A 381 -23.45 -40.55 -21.52
C TYR A 381 -23.99 -41.97 -21.72
N GLY A 382 -23.19 -42.82 -22.35
CA GLY A 382 -23.54 -44.22 -22.60
C GLY A 382 -23.52 -45.08 -21.34
N PRO A 383 -24.11 -46.30 -21.38
CA PRO A 383 -24.79 -46.96 -22.51
C PRO A 383 -26.25 -46.59 -22.72
N ASP A 384 -26.90 -45.92 -21.75
CA ASP A 384 -28.32 -45.55 -21.84
C ASP A 384 -28.61 -44.16 -22.44
N PHE A 385 -27.67 -43.20 -22.35
CA PHE A 385 -27.85 -41.88 -22.95
C PHE A 385 -29.13 -41.16 -22.50
N GLU A 386 -29.47 -41.32 -21.21
CA GLU A 386 -30.62 -40.66 -20.58
C GLU A 386 -30.19 -39.52 -19.65
N LEU A 387 -31.08 -38.54 -19.43
CA LEU A 387 -30.75 -37.38 -18.59
C LEU A 387 -30.76 -37.72 -17.11
N ASP A 388 -31.70 -38.58 -16.70
CA ASP A 388 -31.76 -39.01 -15.30
C ASP A 388 -30.52 -39.83 -15.00
N ILE A 389 -29.92 -39.64 -13.81
CA ILE A 389 -28.79 -40.49 -13.43
C ILE A 389 -29.27 -41.94 -13.32
N ASP A 390 -28.35 -42.89 -13.54
CA ASP A 390 -28.66 -44.32 -13.51
C ASP A 390 -28.68 -44.84 -12.08
N TYR A 391 -29.81 -44.61 -11.39
CA TYR A 391 -29.96 -45.01 -9.99
C TYR A 391 -31.41 -45.32 -9.65
N PHE A 392 -31.64 -46.39 -8.85
CA PHE A 392 -32.95 -46.78 -8.38
C PHE A 392 -33.07 -46.46 -6.86
N PRO A 393 -33.74 -45.35 -6.50
CA PRO A 393 -33.86 -44.99 -5.07
C PRO A 393 -34.78 -45.88 -4.24
N ASP A 402 -34.52 -39.01 14.61
CA ASP A 402 -34.31 -38.35 15.89
C ASP A 402 -33.08 -37.45 15.92
N SER A 403 -31.99 -37.83 15.21
CA SER A 403 -30.76 -37.06 15.13
C SER A 403 -31.07 -35.71 14.44
N ILE A 404 -31.87 -35.75 13.36
CA ILE A 404 -32.22 -34.53 12.61
C ILE A 404 -33.11 -33.57 13.43
N GLN A 405 -34.07 -34.11 14.21
CA GLN A 405 -34.93 -33.29 15.06
C GLN A 405 -34.10 -32.53 16.10
N LYS A 406 -33.04 -33.18 16.63
CA LYS A 406 -32.13 -32.57 17.63
C LYS A 406 -31.36 -31.44 16.95
N HIS A 407 -30.90 -31.68 15.72
CA HIS A 407 -30.22 -30.64 14.94
C HIS A 407 -31.14 -29.47 14.67
N HIS A 408 -32.41 -29.73 14.30
CA HIS A 408 -33.39 -28.67 14.05
C HIS A 408 -33.60 -27.81 15.31
N ARG A 409 -33.76 -28.46 16.47
CA ARG A 409 -33.94 -27.70 17.72
C ARG A 409 -32.69 -26.85 18.03
N ARG A 410 -31.49 -27.41 17.80
CA ARG A 410 -30.24 -26.70 18.02
C ARG A 410 -30.10 -25.51 17.08
N ILE A 411 -30.41 -25.71 15.79
CA ILE A 411 -30.32 -24.65 14.81
C ILE A 411 -31.32 -23.54 15.10
N LEU A 412 -32.55 -23.90 15.50
CA LEU A 412 -33.58 -22.92 15.86
C LEU A 412 -33.11 -22.01 17.00
N GLU A 413 -32.50 -22.59 18.05
CA GLU A 413 -31.99 -21.84 19.18
C GLU A 413 -30.84 -20.94 18.73
N GLN A 414 -29.97 -21.45 17.82
CA GLN A 414 -28.86 -20.65 17.35
C GLN A 414 -29.38 -19.43 16.54
N LEU A 415 -30.41 -19.65 15.73
CA LEU A 415 -30.99 -18.58 14.93
C LEU A 415 -31.62 -17.52 15.84
N ARG A 416 -32.26 -17.96 16.95
CA ARG A 416 -32.83 -17.03 17.92
C ARG A 416 -31.69 -16.20 18.53
N ASN A 417 -30.56 -16.86 18.88
CA ASN A 417 -29.39 -16.21 19.49
C ASN A 417 -28.73 -15.24 18.52
N TYR A 418 -28.63 -15.65 17.24
CA TYR A 418 -28.12 -14.77 16.18
C TYR A 418 -29.03 -13.51 16.08
N ALA A 419 -30.36 -13.70 15.96
CA ALA A 419 -31.31 -12.59 15.84
C ALA A 419 -31.23 -11.62 17.05
N ASP A 420 -31.15 -12.17 18.28
CA ASP A 420 -31.07 -11.37 19.51
C ASP A 420 -29.77 -10.54 19.55
N LEU A 421 -28.62 -11.18 19.25
CA LEU A 421 -27.32 -10.50 19.26
C LEU A 421 -27.28 -9.37 18.23
N ASN A 422 -27.93 -9.58 17.08
CA ASN A 422 -27.94 -8.66 15.95
C ASN A 422 -29.14 -7.71 15.88
N LYS A 423 -29.97 -7.73 16.94
CA LYS A 423 -31.16 -6.89 17.13
C LYS A 423 -32.12 -6.95 15.94
N LEU A 424 -32.28 -8.15 15.35
CA LEU A 424 -33.18 -8.39 14.21
C LEU A 424 -34.55 -8.79 14.78
N ILE A 425 -35.64 -8.33 14.15
CA ILE A 425 -36.99 -8.65 14.60
C ILE A 425 -37.65 -9.66 13.68
N TYR A 426 -38.17 -10.75 14.26
CA TYR A 426 -38.87 -11.81 13.55
C TYR A 426 -39.92 -12.47 14.46
N ASP A 427 -40.91 -13.16 13.86
CA ASP A 427 -41.92 -13.85 14.64
C ASP A 427 -41.41 -15.25 14.96
N TYR A 428 -41.11 -15.50 16.24
CA TYR A 428 -40.60 -16.78 16.75
C TYR A 428 -41.51 -17.94 16.39
N ASP A 429 -42.84 -17.76 16.55
CA ASP A 429 -43.84 -18.79 16.23
C ASP A 429 -43.93 -19.11 14.75
N GLN A 430 -43.79 -18.10 13.86
CA GLN A 430 -43.76 -18.30 12.40
C GLN A 430 -42.57 -19.21 12.03
N VAL A 431 -41.41 -18.98 12.67
CA VAL A 431 -40.17 -19.73 12.46
C VAL A 431 -40.20 -21.12 13.11
N TYR A 432 -40.66 -21.21 14.39
CA TYR A 432 -40.82 -22.47 15.12
C TYR A 432 -41.70 -23.45 14.31
N GLN A 433 -42.85 -22.96 13.77
CA GLN A 433 -43.80 -23.75 12.97
C GLN A 433 -43.24 -24.36 11.68
N LEU A 434 -42.20 -23.75 11.07
CA LEU A 434 -41.58 -24.28 9.84
C LEU A 434 -40.99 -25.68 10.06
N TYR A 435 -40.52 -25.92 11.30
CA TYR A 435 -39.90 -27.17 11.70
C TYR A 435 -40.93 -28.19 12.20
N SER B 2 3.95 11.70 -50.14
CA SER B 2 2.75 12.23 -49.55
C SER B 2 2.40 11.48 -48.26
N VAL B 3 2.27 12.20 -47.12
CA VAL B 3 1.80 11.59 -45.87
C VAL B 3 0.37 12.02 -45.68
N GLY B 4 -0.52 11.04 -45.66
CA GLY B 4 -1.93 11.34 -45.48
C GLY B 4 -2.36 11.23 -44.04
N ILE B 5 -3.46 11.93 -43.71
CA ILE B 5 -4.02 11.83 -42.35
C ILE B 5 -5.53 11.93 -42.46
N VAL B 6 -6.24 11.05 -41.75
CA VAL B 6 -7.69 11.04 -41.83
C VAL B 6 -8.30 12.03 -40.89
N TYR B 7 -9.12 12.93 -41.43
CA TYR B 7 -9.90 13.85 -40.60
C TYR B 7 -10.99 14.47 -41.42
N GLY B 8 -11.94 15.04 -40.71
CA GLY B 8 -13.12 15.71 -41.30
C GLY B 8 -14.00 16.23 -40.19
N ASP B 9 -14.92 17.16 -40.52
CA ASP B 9 -15.76 17.72 -39.44
C ASP B 9 -16.68 16.71 -38.77
N GLN B 10 -17.48 15.99 -39.57
CA GLN B 10 -18.39 14.99 -39.01
C GLN B 10 -17.57 13.85 -38.45
N TYR B 11 -16.46 13.49 -39.13
CA TYR B 11 -15.62 12.41 -38.57
C TYR B 11 -15.14 12.74 -37.14
N ARG B 12 -14.70 13.99 -36.91
CA ARG B 12 -14.25 14.38 -35.58
C ARG B 12 -15.39 14.27 -34.57
N GLN B 13 -16.62 14.74 -34.94
CA GLN B 13 -17.77 14.65 -34.05
C GLN B 13 -18.04 13.22 -33.65
N LEU B 14 -18.02 12.31 -34.62
CA LEU B 14 -18.30 10.90 -34.36
C LEU B 14 -17.21 10.24 -33.56
N CYS B 15 -15.94 10.53 -33.88
CA CYS B 15 -14.81 9.96 -33.10
C CYS B 15 -14.78 10.44 -31.65
N CYS B 16 -15.44 11.59 -31.37
CA CYS B 16 -15.49 12.14 -30.01
C CYS B 16 -16.76 11.82 -29.26
N SER B 17 -17.58 10.92 -29.80
CA SER B 17 -18.88 10.66 -29.23
C SER B 17 -18.99 9.49 -28.27
N SER B 18 -17.89 8.78 -28.02
CA SER B 18 -17.95 7.62 -27.13
C SER B 18 -17.76 7.99 -25.68
N PRO B 19 -18.37 7.21 -24.77
CA PRO B 19 -18.18 7.50 -23.35
C PRO B 19 -16.73 7.23 -22.90
N LYS B 20 -16.08 6.18 -23.47
CA LYS B 20 -14.71 5.83 -23.04
C LYS B 20 -13.63 6.79 -23.53
N PHE B 21 -13.65 7.11 -24.82
CA PHE B 21 -12.57 7.94 -25.38
C PHE B 21 -12.85 9.42 -25.39
N GLY B 22 -14.09 9.81 -25.09
CA GLY B 22 -14.45 11.22 -25.00
C GLY B 22 -13.87 12.03 -26.14
N ASP B 23 -13.20 13.16 -25.80
CA ASP B 23 -12.65 14.07 -26.80
C ASP B 23 -11.19 13.80 -27.16
N ARG B 24 -10.68 12.58 -26.87
CA ARG B 24 -9.27 12.29 -27.17
C ARG B 24 -8.86 12.65 -28.61
N TYR B 25 -9.67 12.23 -29.59
CA TYR B 25 -9.34 12.46 -31.00
C TYR B 25 -9.19 13.95 -31.28
N ALA B 26 -10.07 14.78 -30.69
CA ALA B 26 -10.02 16.22 -30.85
C ALA B 26 -8.70 16.77 -30.26
N LEU B 27 -8.29 16.30 -29.07
CA LEU B 27 -7.02 16.77 -28.51
C LEU B 27 -5.87 16.41 -29.46
N VAL B 28 -5.87 15.17 -29.96
CA VAL B 28 -4.78 14.70 -30.81
C VAL B 28 -4.72 15.58 -32.05
N MET B 29 -5.84 15.69 -32.77
CA MET B 29 -5.84 16.46 -34.01
C MET B 29 -5.56 17.94 -33.80
N ASP B 30 -6.06 18.52 -32.66
CA ASP B 30 -5.82 19.93 -32.43
C ASP B 30 -4.37 20.20 -32.01
N LEU B 31 -3.69 19.20 -31.40
CA LEU B 31 -2.26 19.42 -31.03
C LEU B 31 -1.43 19.36 -32.30
N ILE B 32 -1.75 18.42 -33.21
CA ILE B 32 -1.05 18.36 -34.51
C ILE B 32 -1.29 19.68 -35.28
N ASN B 33 -2.51 20.21 -35.21
CA ASN B 33 -2.83 21.46 -35.90
C ASN B 33 -2.07 22.64 -35.23
N ALA B 34 -2.00 22.63 -33.89
CA ALA B 34 -1.32 23.72 -33.14
C ALA B 34 0.16 23.80 -33.45
N TYR B 35 0.77 22.63 -33.74
CA TYR B 35 2.16 22.52 -34.13
C TYR B 35 2.38 22.80 -35.62
N LYS B 36 1.33 23.27 -36.32
CA LYS B 36 1.38 23.69 -37.73
C LYS B 36 1.75 22.53 -38.67
N LEU B 37 1.36 21.30 -38.29
CA LEU B 37 1.67 20.13 -39.11
C LEU B 37 0.62 19.88 -40.17
N ILE B 38 -0.62 20.38 -39.97
CA ILE B 38 -1.72 20.10 -40.92
C ILE B 38 -1.39 20.46 -42.38
N PRO B 39 -0.77 21.63 -42.66
CA PRO B 39 -0.44 21.96 -44.06
C PRO B 39 0.62 21.03 -44.68
N GLU B 40 1.33 20.23 -43.86
CA GLU B 40 2.35 19.32 -44.38
C GLU B 40 1.73 17.99 -44.80
N LEU B 41 0.45 17.77 -44.45
CA LEU B 41 -0.21 16.48 -44.63
C LEU B 41 -1.33 16.56 -45.62
N SER B 42 -1.62 15.42 -46.25
CA SER B 42 -2.69 15.26 -47.22
C SER B 42 -3.95 14.76 -46.49
N ARG B 43 -5.01 15.57 -46.38
CA ARG B 43 -6.22 15.06 -45.73
C ARG B 43 -6.84 13.92 -46.53
N VAL B 44 -7.09 12.82 -45.84
CA VAL B 44 -7.73 11.64 -46.47
C VAL B 44 -9.15 11.63 -45.93
N PRO B 45 -10.15 11.77 -46.82
CA PRO B 45 -11.53 11.82 -46.34
C PRO B 45 -12.05 10.44 -46.01
N PRO B 46 -12.77 10.29 -44.89
CA PRO B 46 -13.37 8.98 -44.58
C PRO B 46 -14.26 8.51 -45.72
N LEU B 47 -14.31 7.21 -45.93
CA LEU B 47 -15.14 6.65 -46.98
C LEU B 47 -16.62 6.75 -46.64
N GLN B 48 -17.42 7.25 -47.60
CA GLN B 48 -18.87 7.24 -47.48
C GLN B 48 -19.38 6.39 -48.62
N TRP B 49 -20.56 5.79 -48.44
CA TRP B 49 -21.08 4.86 -49.42
C TRP B 49 -22.29 5.38 -50.17
N ASP B 50 -22.57 4.71 -51.30
CA ASP B 50 -23.68 5.00 -52.22
C ASP B 50 -25.01 4.47 -51.73
N SER B 51 -25.00 3.55 -50.75
CA SER B 51 -26.25 3.01 -50.28
C SER B 51 -26.06 2.23 -48.98
N PRO B 52 -27.13 2.00 -48.19
CA PRO B 52 -27.00 1.12 -47.02
C PRO B 52 -26.46 -0.27 -47.39
N SER B 53 -26.87 -0.85 -48.56
CA SER B 53 -26.37 -2.18 -48.96
C SER B 53 -24.87 -2.16 -49.19
N ARG B 54 -24.34 -1.10 -49.81
CA ARG B 54 -22.89 -0.99 -50.02
C ARG B 54 -22.11 -0.88 -48.68
N MET B 55 -22.66 -0.12 -47.71
CA MET B 55 -22.02 -0.02 -46.41
C MET B 55 -22.06 -1.40 -45.74
N TYR B 56 -23.22 -2.09 -45.81
CA TYR B 56 -23.35 -3.38 -45.14
C TYR B 56 -22.42 -4.43 -45.75
N GLU B 57 -22.26 -4.40 -47.09
CA GLU B 57 -21.33 -5.30 -47.82
C GLU B 57 -19.91 -5.08 -47.32
N ALA B 58 -19.52 -3.80 -47.12
CA ALA B 58 -18.17 -3.47 -46.66
C ALA B 58 -17.91 -4.03 -45.27
N VAL B 59 -18.84 -3.77 -44.32
CA VAL B 59 -18.64 -4.20 -42.92
C VAL B 59 -18.69 -5.72 -42.79
N THR B 60 -19.56 -6.35 -43.59
CA THR B 60 -19.71 -7.81 -43.54
C THR B 60 -18.68 -8.58 -44.32
N ALA B 61 -17.65 -7.89 -44.84
CA ALA B 61 -16.49 -8.59 -45.40
C ALA B 61 -15.81 -9.33 -44.22
N PHE B 62 -16.02 -8.83 -42.96
CA PHE B 62 -15.50 -9.48 -41.76
C PHE B 62 -16.60 -9.84 -40.77
N HIS B 63 -17.40 -8.84 -40.38
CA HIS B 63 -18.39 -9.04 -39.35
C HIS B 63 -19.62 -9.80 -39.82
N SER B 64 -20.22 -10.56 -38.91
CA SER B 64 -21.41 -11.31 -39.26
C SER B 64 -22.59 -10.37 -39.43
N THR B 65 -23.54 -10.80 -40.25
CA THR B 65 -24.75 -10.03 -40.45
C THR B 65 -25.52 -9.88 -39.14
N GLU B 66 -25.61 -10.92 -38.34
CA GLU B 66 -26.38 -10.87 -37.08
C GLU B 66 -25.74 -9.85 -36.12
N TYR B 67 -24.40 -9.78 -36.08
CA TYR B 67 -23.72 -8.81 -35.19
C TYR B 67 -23.90 -7.38 -35.65
N VAL B 68 -23.70 -7.13 -36.97
CA VAL B 68 -23.90 -5.79 -37.50
C VAL B 68 -25.36 -5.35 -37.27
N ASP B 69 -26.34 -6.25 -37.50
CA ASP B 69 -27.74 -5.92 -37.26
C ASP B 69 -27.97 -5.56 -35.78
N ALA B 70 -27.40 -6.33 -34.85
CA ALA B 70 -27.58 -6.04 -33.41
C ALA B 70 -26.93 -4.69 -33.03
N LEU B 71 -25.74 -4.38 -33.59
CA LEU B 71 -25.08 -3.10 -33.28
C LEU B 71 -25.93 -1.90 -33.76
N LYS B 72 -26.56 -2.05 -34.95
CA LYS B 72 -27.45 -1.01 -35.48
C LYS B 72 -28.65 -0.88 -34.56
N LYS B 73 -29.21 -2.02 -34.10
CA LYS B 73 -30.38 -2.00 -33.23
C LYS B 73 -30.04 -1.34 -31.89
N LEU B 74 -28.84 -1.63 -31.36
CA LEU B 74 -28.36 -1.07 -30.09
C LEU B 74 -28.33 0.45 -30.16
N GLN B 75 -27.84 1.01 -31.29
CA GLN B 75 -27.84 2.46 -31.45
C GLN B 75 -29.27 3.00 -31.48
N MET B 76 -30.16 2.35 -32.26
CA MET B 76 -31.56 2.79 -32.38
C MET B 76 -32.23 2.82 -31.00
N LEU B 77 -32.00 1.77 -30.19
CA LEU B 77 -32.61 1.70 -28.87
C LEU B 77 -32.11 2.79 -27.93
N HIS B 78 -30.80 3.07 -27.98
CA HIS B 78 -30.19 4.11 -27.15
C HIS B 78 -30.62 5.52 -27.58
N CYS B 79 -31.17 5.65 -28.81
CA CYS B 79 -31.69 6.93 -29.28
C CYS B 79 -33.15 7.19 -28.91
N GLU B 80 -33.79 6.22 -28.24
CA GLU B 80 -35.18 6.31 -27.79
C GLU B 80 -35.32 5.94 -26.31
N LEU B 84 -34.84 -1.44 -22.91
CA LEU B 84 -34.73 -2.67 -23.68
C LEU B 84 -35.68 -3.74 -23.15
N THR B 85 -36.17 -4.62 -24.04
CA THR B 85 -37.00 -5.76 -23.63
C THR B 85 -36.03 -6.84 -23.13
N ALA B 86 -36.54 -7.85 -22.39
CA ALA B 86 -35.70 -8.94 -21.91
C ALA B 86 -35.05 -9.70 -23.10
N ASP B 87 -35.81 -9.92 -24.21
CA ASP B 87 -35.24 -10.57 -25.38
C ASP B 87 -34.15 -9.68 -26.04
N ASP B 88 -34.31 -8.33 -26.02
CA ASP B 88 -33.29 -7.41 -26.59
C ASP B 88 -32.03 -7.48 -25.73
N GLU B 89 -32.20 -7.51 -24.39
CA GLU B 89 -31.05 -7.62 -23.47
C GLU B 89 -30.29 -8.92 -23.74
N LEU B 90 -31.00 -10.06 -23.96
CA LEU B 90 -30.34 -11.33 -24.30
C LEU B 90 -29.62 -11.25 -25.63
N LEU B 91 -30.26 -10.61 -26.63
CA LEU B 91 -29.63 -10.46 -27.94
C LEU B 91 -28.30 -9.69 -27.79
N MET B 92 -28.33 -8.55 -27.08
CA MET B 92 -27.10 -7.74 -26.92
C MET B 92 -26.02 -8.49 -26.14
N ASP B 93 -26.41 -9.21 -25.08
CA ASP B 93 -25.44 -10.01 -24.32
C ASP B 93 -24.79 -11.10 -25.18
N SER B 94 -25.52 -11.66 -26.18
CA SER B 94 -24.99 -12.72 -27.06
C SER B 94 -23.86 -12.22 -27.97
N PHE B 95 -23.72 -10.88 -28.09
CA PHE B 95 -22.69 -10.24 -28.89
C PHE B 95 -21.72 -9.44 -28.00
N SER B 96 -21.82 -9.62 -26.67
CA SER B 96 -20.98 -8.92 -25.71
C SER B 96 -21.13 -7.39 -25.79
N LEU B 97 -22.36 -6.93 -26.13
CA LEU B 97 -22.69 -5.51 -26.20
C LEU B 97 -23.27 -5.08 -24.87
N ASN B 98 -22.39 -5.08 -23.86
CA ASN B 98 -22.77 -4.85 -22.47
C ASN B 98 -21.49 -4.56 -21.70
N TYR B 99 -21.63 -4.36 -20.38
CA TYR B 99 -20.53 -4.14 -19.46
C TYR B 99 -19.56 -3.05 -19.97
N ASP B 100 -18.32 -3.41 -20.32
CA ASP B 100 -17.30 -2.46 -20.81
C ASP B 100 -17.43 -2.11 -22.31
N CYS B 101 -18.36 -2.77 -23.04
CA CYS B 101 -18.65 -2.46 -24.45
C CYS B 101 -20.11 -2.10 -24.52
N PRO B 102 -20.58 -1.10 -23.76
CA PRO B 102 -22.02 -0.83 -23.75
C PRO B 102 -22.54 -0.09 -24.95
N GLY B 103 -23.87 0.00 -25.00
CA GLY B 103 -24.51 0.83 -26.02
C GLY B 103 -24.48 2.29 -25.59
N PHE B 104 -24.66 3.18 -26.55
CA PHE B 104 -24.74 4.63 -26.36
C PHE B 104 -25.34 5.19 -27.63
N PRO B 105 -25.90 6.41 -27.61
CA PRO B 105 -26.66 6.85 -28.77
C PRO B 105 -25.97 6.83 -30.12
N SER B 106 -24.64 6.95 -30.13
CA SER B 106 -23.95 6.94 -31.42
C SER B 106 -23.10 5.70 -31.60
N VAL B 107 -23.38 4.60 -30.87
CA VAL B 107 -22.48 3.45 -30.91
C VAL B 107 -22.16 2.90 -32.32
N PHE B 108 -23.19 2.78 -33.17
CA PHE B 108 -22.94 2.27 -34.52
C PHE B 108 -22.20 3.31 -35.36
N ASP B 109 -22.67 4.57 -35.37
CA ASP B 109 -22.01 5.60 -36.15
C ASP B 109 -20.54 5.82 -35.72
N TYR B 110 -20.28 5.77 -34.41
CA TYR B 110 -18.93 5.89 -33.85
C TYR B 110 -18.04 4.74 -34.36
N SER B 111 -18.52 3.50 -34.24
CA SER B 111 -17.77 2.30 -34.64
CA SER B 111 -17.69 2.37 -34.65
C SER B 111 -17.53 2.30 -36.15
N LEU B 112 -18.56 2.65 -36.89
CA LEU B 112 -18.48 2.69 -38.34
C LEU B 112 -17.52 3.80 -38.80
N ALA B 113 -17.45 4.94 -38.07
CA ALA B 113 -16.55 6.04 -38.49
C ALA B 113 -15.10 5.55 -38.56
N ALA B 114 -14.66 4.74 -37.56
CA ALA B 114 -13.27 4.23 -37.61
C ALA B 114 -13.03 3.37 -38.86
N VAL B 115 -14.02 2.55 -39.23
CA VAL B 115 -14.01 1.72 -40.44
C VAL B 115 -13.91 2.65 -41.66
N GLN B 116 -14.78 3.70 -41.73
CA GLN B 116 -14.74 4.63 -42.88
C GLN B 116 -13.35 5.26 -43.03
N GLY B 117 -12.74 5.61 -41.91
CA GLY B 117 -11.42 6.24 -41.94
C GLY B 117 -10.32 5.28 -42.40
N SER B 118 -10.29 4.08 -41.81
CA SER B 118 -9.24 3.11 -42.15
C SER B 118 -9.39 2.54 -43.57
N LEU B 119 -10.64 2.35 -44.06
CA LEU B 119 -10.82 1.89 -45.44
C LEU B 119 -10.38 2.97 -46.43
N ALA B 120 -10.69 4.25 -46.12
CA ALA B 120 -10.24 5.35 -46.98
C ALA B 120 -8.70 5.41 -46.99
N ALA B 121 -8.08 5.20 -45.80
CA ALA B 121 -6.63 5.23 -45.67
C ALA B 121 -6.03 4.10 -46.53
N ALA B 122 -6.63 2.90 -46.49
CA ALA B 122 -6.14 1.80 -47.31
C ALA B 122 -6.27 2.16 -48.80
N SER B 123 -7.40 2.78 -49.21
CA SER B 123 -7.61 3.16 -50.60
C SER B 123 -6.56 4.15 -51.09
N ALA B 124 -6.18 5.11 -50.21
CA ALA B 124 -5.17 6.12 -50.59
C ALA B 124 -3.82 5.48 -50.81
N LEU B 125 -3.51 4.40 -50.08
CA LEU B 125 -2.25 3.69 -50.29
C LEU B 125 -2.30 2.89 -51.58
N ILE B 126 -3.44 2.20 -51.85
CA ILE B 126 -3.56 1.34 -53.02
C ILE B 126 -3.37 2.14 -54.29
N CYS B 127 -4.01 3.31 -54.35
CA CYS B 127 -3.94 4.14 -55.58
C CYS B 127 -2.66 4.99 -55.64
N ARG B 128 -1.78 4.84 -54.64
CA ARG B 128 -0.48 5.52 -54.55
C ARG B 128 -0.61 7.02 -54.37
N HIS B 129 -1.76 7.47 -53.85
CA HIS B 129 -1.93 8.91 -53.58
C HIS B 129 -1.04 9.32 -52.41
N CYS B 130 -0.91 8.42 -51.42
CA CYS B 130 -0.10 8.63 -50.21
C CYS B 130 0.87 7.48 -50.07
N GLU B 131 2.07 7.77 -49.53
CA GLU B 131 3.09 6.75 -49.21
C GLU B 131 2.78 6.16 -47.81
N VAL B 132 2.24 6.99 -46.91
CA VAL B 132 1.85 6.60 -45.55
C VAL B 132 0.55 7.31 -45.26
N VAL B 133 -0.36 6.67 -44.55
CA VAL B 133 -1.60 7.30 -44.09
C VAL B 133 -1.75 7.04 -42.63
N ILE B 134 -2.07 8.12 -41.89
CA ILE B 134 -2.30 8.02 -40.43
C ILE B 134 -3.79 8.13 -40.14
N ASN B 135 -4.31 7.25 -39.27
CA ASN B 135 -5.69 7.39 -38.80
C ASN B 135 -5.71 7.28 -37.28
N TRP B 136 -5.69 8.44 -36.59
CA TRP B 136 -5.74 8.42 -35.12
C TRP B 136 -7.13 8.14 -34.56
N GLY B 137 -8.11 7.97 -35.46
CA GLY B 137 -9.45 7.57 -35.06
C GLY B 137 -9.71 6.08 -35.17
N GLY B 138 -8.70 5.33 -35.61
CA GLY B 138 -8.79 3.87 -35.84
C GLY B 138 -7.87 3.07 -34.94
N GLY B 139 -7.75 1.78 -35.22
CA GLY B 139 -6.87 0.89 -34.47
C GLY B 139 -7.60 0.00 -33.46
N TRP B 140 -8.85 -0.39 -33.78
CA TRP B 140 -9.70 -1.12 -32.81
C TRP B 140 -9.52 -2.63 -32.94
N HIS B 141 -8.35 -3.08 -32.45
CA HIS B 141 -7.84 -4.42 -32.69
C HIS B 141 -8.53 -5.58 -32.00
N HIS B 142 -9.41 -5.32 -31.01
CA HIS B 142 -10.03 -6.44 -30.28
C HIS B 142 -11.36 -6.91 -30.85
N ALA B 143 -12.02 -6.10 -31.71
CA ALA B 143 -13.34 -6.51 -32.18
C ALA B 143 -13.28 -7.81 -32.98
N LYS B 144 -14.23 -8.72 -32.71
CA LYS B 144 -14.24 -10.02 -33.40
C LYS B 144 -15.36 -10.09 -34.42
N ARG B 145 -15.40 -11.17 -35.25
CA ARG B 145 -16.46 -11.22 -36.26
C ARG B 145 -17.88 -11.03 -35.75
N SER B 146 -18.20 -11.59 -34.57
CA SER B 146 -19.53 -11.46 -33.98
C SER B 146 -19.47 -11.07 -32.52
N GLU B 147 -18.51 -10.21 -32.16
CA GLU B 147 -18.39 -9.87 -30.75
C GLU B 147 -17.65 -8.60 -30.53
N ALA B 148 -18.19 -7.71 -29.68
CA ALA B 148 -17.48 -6.51 -29.25
C ALA B 148 -16.51 -6.94 -28.17
N SER B 149 -15.39 -6.24 -28.02
CA SER B 149 -14.38 -6.61 -27.01
C SER B 149 -13.48 -5.43 -26.73
N GLY B 150 -13.11 -5.21 -25.47
CA GLY B 150 -12.12 -4.17 -25.16
C GLY B 150 -12.37 -2.79 -25.73
N PHE B 151 -13.62 -2.32 -25.62
CA PHE B 151 -14.10 -1.02 -26.12
C PHE B 151 -14.04 -0.93 -27.65
N CYS B 152 -13.89 -2.09 -28.37
CA CYS B 152 -13.83 -2.17 -29.84
C CYS B 152 -15.10 -2.84 -30.31
N TYR B 153 -15.84 -2.17 -31.23
CA TYR B 153 -17.11 -2.71 -31.74
C TYR B 153 -16.98 -3.23 -33.16
N LEU B 154 -16.25 -2.51 -34.03
CA LEU B 154 -16.02 -2.96 -35.41
C LEU B 154 -14.50 -2.91 -35.64
N ASN B 155 -13.99 -3.95 -36.29
CA ASN B 155 -12.55 -4.06 -36.46
C ASN B 155 -12.11 -3.36 -37.76
N ASP B 156 -11.82 -2.06 -37.62
CA ASP B 156 -11.40 -1.26 -38.79
C ASP B 156 -10.07 -1.78 -39.34
N ILE B 157 -9.21 -2.37 -38.45
CA ILE B 157 -7.91 -2.88 -38.90
C ILE B 157 -8.11 -4.07 -39.84
N VAL B 158 -8.90 -5.06 -39.41
CA VAL B 158 -9.14 -6.23 -40.25
C VAL B 158 -9.72 -5.80 -41.61
N LEU B 159 -10.70 -4.90 -41.60
CA LEU B 159 -11.30 -4.46 -42.86
C LEU B 159 -10.30 -3.72 -43.76
N ALA B 160 -9.42 -2.92 -43.17
CA ALA B 160 -8.41 -2.19 -43.96
C ALA B 160 -7.38 -3.18 -44.53
N ILE B 161 -6.94 -4.17 -43.73
CA ILE B 161 -6.00 -5.18 -44.18
C ILE B 161 -6.62 -5.97 -45.31
N HIS B 162 -7.90 -6.33 -45.18
CA HIS B 162 -8.61 -7.11 -46.20
C HIS B 162 -8.61 -6.33 -47.55
N ARG B 163 -8.83 -5.03 -47.47
CA ARG B 163 -8.79 -4.20 -48.68
C ARG B 163 -7.38 -4.22 -49.29
N LEU B 164 -6.34 -4.08 -48.44
CA LEU B 164 -4.97 -4.04 -48.95
C LEU B 164 -4.59 -5.37 -49.58
N VAL B 165 -4.85 -6.48 -48.86
CA VAL B 165 -4.40 -7.80 -49.32
C VAL B 165 -5.09 -8.27 -50.59
N SER B 166 -6.33 -7.77 -50.86
CA SER B 166 -7.10 -8.16 -52.03
C SER B 166 -6.91 -7.19 -53.24
N SER B 167 -6.04 -6.18 -53.09
CA SER B 167 -5.78 -5.16 -54.12
C SER B 167 -4.92 -5.66 -55.27
N GLN B 177 1.40 -13.39 -53.90
CA GLN B 177 2.28 -12.25 -54.14
C GLN B 177 2.05 -11.06 -53.18
N THR B 178 0.80 -10.51 -53.06
CA THR B 178 0.56 -9.38 -52.11
C THR B 178 0.49 -9.93 -50.70
N ARG B 179 1.39 -9.44 -49.83
CA ARG B 179 1.39 -9.84 -48.43
C ARG B 179 1.35 -8.58 -47.60
N VAL B 180 0.67 -8.64 -46.44
CA VAL B 180 0.60 -7.50 -45.52
C VAL B 180 1.25 -7.93 -44.22
N LEU B 181 2.11 -7.05 -43.65
CA LEU B 181 2.67 -7.28 -42.33
C LEU B 181 1.92 -6.34 -41.37
N TYR B 182 1.29 -6.92 -40.34
CA TYR B 182 0.59 -6.15 -39.32
C TYR B 182 1.46 -6.12 -38.08
N VAL B 183 1.69 -4.92 -37.54
CA VAL B 183 2.55 -4.75 -36.37
C VAL B 183 1.71 -4.07 -35.28
N ASP B 184 1.55 -4.72 -34.11
CA ASP B 184 0.65 -4.17 -33.10
C ASP B 184 1.49 -3.79 -31.89
N LEU B 185 1.65 -2.45 -31.69
CA LEU B 185 2.51 -1.91 -30.63
C LEU B 185 1.75 -1.58 -29.30
N ASP B 186 0.43 -1.80 -29.30
CA ASP B 186 -0.38 -1.50 -28.12
C ASP B 186 0.10 -2.33 -26.92
N LEU B 187 -0.17 -1.84 -25.72
CA LEU B 187 0.14 -2.64 -24.51
C LEU B 187 -0.56 -4.00 -24.52
N HIS B 188 -1.75 -4.10 -25.17
CA HIS B 188 -2.53 -5.32 -25.17
C HIS B 188 -2.32 -6.14 -26.42
N HIS B 189 -2.46 -7.46 -26.27
CA HIS B 189 -2.40 -8.38 -27.39
C HIS B 189 -3.44 -8.02 -28.46
N GLY B 190 -3.02 -7.98 -29.72
CA GLY B 190 -3.91 -7.71 -30.85
C GLY B 190 -4.67 -8.96 -31.27
N ASP B 191 -5.50 -9.49 -30.35
CA ASP B 191 -6.21 -10.75 -30.55
C ASP B 191 -7.21 -10.79 -31.73
N GLY B 192 -8.00 -9.72 -31.91
CA GLY B 192 -9.01 -9.74 -32.99
C GLY B 192 -8.40 -9.85 -34.37
N VAL B 193 -7.31 -9.09 -34.60
CA VAL B 193 -6.60 -9.09 -35.89
C VAL B 193 -5.90 -10.43 -36.09
N GLU B 194 -5.20 -10.92 -35.04
CA GLU B 194 -4.54 -12.22 -35.12
C GLU B 194 -5.56 -13.34 -35.50
N GLU B 195 -6.72 -13.37 -34.80
CA GLU B 195 -7.73 -14.41 -35.06
C GLU B 195 -8.29 -14.30 -36.48
N ALA B 196 -8.56 -13.07 -36.95
CA ALA B 196 -9.13 -12.86 -38.30
C ALA B 196 -8.25 -13.49 -39.39
N PHE B 197 -6.92 -13.46 -39.18
CA PHE B 197 -6.02 -13.97 -40.20
C PHE B 197 -5.24 -15.21 -39.79
N TRP B 198 -5.78 -15.94 -38.81
CA TRP B 198 -5.13 -17.14 -38.26
C TRP B 198 -4.86 -18.20 -39.33
N TYR B 199 -5.76 -18.30 -40.35
CA TYR B 199 -5.63 -19.33 -41.38
C TYR B 199 -5.12 -18.78 -42.70
N SER B 200 -4.64 -17.52 -42.68
CA SER B 200 -4.19 -16.86 -43.89
CA SER B 200 -4.21 -16.80 -43.87
C SER B 200 -2.69 -16.61 -43.90
N PRO B 201 -1.94 -17.16 -44.88
CA PRO B 201 -0.49 -16.88 -44.88
C PRO B 201 -0.15 -15.50 -45.43
N ARG B 202 -1.10 -14.87 -46.13
CA ARG B 202 -0.85 -13.60 -46.79
C ARG B 202 -0.84 -12.40 -45.84
N VAL B 203 -1.36 -12.58 -44.62
CA VAL B 203 -1.32 -11.52 -43.60
C VAL B 203 -0.56 -12.08 -42.43
N VAL B 204 0.64 -11.54 -42.21
CA VAL B 204 1.47 -11.97 -41.08
C VAL B 204 1.22 -10.96 -39.97
N THR B 205 0.88 -11.46 -38.77
CA THR B 205 0.58 -10.55 -37.66
C THR B 205 1.71 -10.65 -36.64
N PHE B 206 2.09 -9.51 -36.08
CA PHE B 206 3.12 -9.50 -35.02
C PHE B 206 2.64 -8.55 -33.92
N SER B 207 2.44 -9.07 -32.71
CA SER B 207 2.03 -8.22 -31.58
C SER B 207 3.10 -8.31 -30.49
N VAL B 208 3.49 -7.14 -29.96
CA VAL B 208 4.35 -7.02 -28.76
C VAL B 208 3.42 -6.46 -27.68
N HIS B 209 3.42 -7.04 -26.48
CA HIS B 209 2.42 -6.59 -25.50
C HIS B 209 2.80 -7.10 -24.15
N HIS B 210 2.08 -6.62 -23.13
CA HIS B 210 2.25 -7.24 -21.84
C HIS B 210 1.32 -8.45 -21.79
N ALA B 211 1.75 -9.51 -21.10
CA ALA B 211 0.84 -10.63 -20.79
C ALA B 211 1.21 -11.10 -19.40
N SER B 212 0.15 -11.38 -18.60
CA SER B 212 0.32 -11.87 -17.21
C SER B 212 -1.03 -12.41 -16.75
N PRO B 213 -1.07 -13.23 -15.70
CA PRO B 213 -2.36 -13.85 -15.31
C PRO B 213 -3.44 -12.86 -14.96
N GLY B 214 -4.57 -12.97 -15.66
CA GLY B 214 -5.69 -12.06 -15.40
C GLY B 214 -5.63 -10.77 -16.20
N PHE B 215 -4.56 -10.56 -16.97
CA PHE B 215 -4.43 -9.31 -17.76
C PHE B 215 -5.11 -9.49 -19.13
N PHE B 216 -5.92 -8.51 -19.49
CA PHE B 216 -6.71 -8.59 -20.71
C PHE B 216 -5.82 -8.58 -21.98
N PRO B 217 -6.15 -9.34 -23.04
CA PRO B 217 -7.27 -10.28 -23.18
C PRO B 217 -6.92 -11.73 -22.82
N GLY B 218 -5.70 -11.95 -22.37
CA GLY B 218 -5.26 -13.26 -21.90
C GLY B 218 -4.48 -14.09 -22.89
N THR B 219 -4.48 -13.70 -24.17
CA THR B 219 -3.82 -14.43 -25.25
C THR B 219 -2.49 -13.77 -25.64
N GLY B 220 -1.81 -14.33 -26.65
CA GLY B 220 -0.53 -13.79 -27.12
C GLY B 220 0.62 -14.24 -26.27
N THR B 221 0.44 -15.40 -25.58
CA THR B 221 1.51 -15.93 -24.72
C THR B 221 1.49 -17.47 -24.76
N TRP B 222 2.28 -18.08 -23.90
CA TRP B 222 2.38 -19.55 -23.81
C TRP B 222 0.99 -20.14 -23.53
N ASN B 223 0.68 -21.23 -24.22
CA ASN B 223 -0.60 -21.95 -24.11
C ASN B 223 -0.49 -23.06 -23.05
N LEU B 230 5.48 -29.39 -21.66
CA LEU B 230 5.84 -27.98 -21.50
C LEU B 230 5.00 -27.04 -22.40
N PRO B 231 4.76 -25.77 -22.00
CA PRO B 231 3.95 -24.87 -22.84
C PRO B 231 4.65 -24.44 -24.12
N ILE B 232 3.85 -24.09 -25.15
CA ILE B 232 4.33 -23.66 -26.48
C ILE B 232 3.51 -22.48 -26.97
N PHE B 233 3.89 -21.85 -28.09
CA PHE B 233 3.07 -20.76 -28.65
C PHE B 233 2.27 -21.29 -29.80
N LEU B 234 0.97 -20.97 -29.83
CA LEU B 234 0.21 -21.30 -31.04
C LEU B 234 0.57 -20.15 -32.01
N ASN B 235 0.60 -20.41 -33.34
CA ASN B 235 1.08 -19.38 -34.26
C ASN B 235 0.36 -19.39 -35.60
N GLY B 236 -0.89 -19.85 -35.59
CA GLY B 236 -1.65 -19.94 -36.84
C GLY B 236 -1.96 -21.38 -37.16
N ALA B 237 -2.85 -21.59 -38.12
CA ALA B 237 -3.25 -22.97 -38.48
C ALA B 237 -3.49 -23.13 -39.99
N GLY B 238 -3.49 -24.38 -40.47
CA GLY B 238 -3.69 -24.66 -41.89
C GLY B 238 -2.65 -23.95 -42.73
N ARG B 239 -3.09 -23.23 -43.78
CA ARG B 239 -2.21 -22.45 -44.67
C ARG B 239 -1.56 -21.29 -43.88
N GLY B 240 -2.18 -20.91 -42.77
CA GLY B 240 -1.69 -19.83 -41.91
C GLY B 240 -0.73 -20.25 -40.83
N ARG B 241 -0.31 -21.55 -40.79
CA ARG B 241 0.62 -21.97 -39.73
C ARG B 241 1.88 -21.09 -39.76
N PHE B 242 2.39 -20.73 -38.58
CA PHE B 242 3.61 -19.90 -38.41
C PHE B 242 3.45 -18.43 -38.81
N SER B 243 2.23 -17.98 -39.17
CA SER B 243 2.02 -16.60 -39.61
C SER B 243 1.60 -15.65 -38.51
N ALA B 244 1.34 -16.13 -37.27
CA ALA B 244 0.94 -15.24 -36.18
C ALA B 244 2.09 -15.20 -35.16
N PHE B 245 2.72 -14.03 -35.01
CA PHE B 245 3.88 -13.86 -34.11
C PHE B 245 3.48 -13.08 -32.89
N ASN B 246 4.06 -13.47 -31.73
CA ASN B 246 3.77 -12.79 -30.47
C ASN B 246 5.00 -12.66 -29.62
N LEU B 247 5.11 -11.51 -28.97
CA LEU B 247 6.21 -11.23 -28.02
C LEU B 247 5.62 -10.66 -26.75
N PRO B 248 5.31 -11.52 -25.76
CA PRO B 248 4.81 -11.02 -24.47
C PRO B 248 5.98 -10.55 -23.62
N LEU B 249 5.82 -9.44 -22.93
CA LEU B 249 6.88 -8.85 -22.11
C LEU B 249 6.39 -8.60 -20.70
N GLU B 250 7.30 -8.71 -19.73
CA GLU B 250 6.99 -8.46 -18.34
C GLU B 250 6.82 -6.95 -18.10
N GLU B 251 6.19 -6.61 -17.00
CA GLU B 251 5.99 -5.21 -16.69
C GLU B 251 7.28 -4.45 -16.40
N GLY B 252 7.26 -3.15 -16.68
CA GLY B 252 8.34 -2.24 -16.36
C GLY B 252 9.30 -1.89 -17.48
N ILE B 253 9.11 -2.45 -18.68
CA ILE B 253 10.05 -2.23 -19.79
C ILE B 253 10.16 -0.79 -20.19
N ASN B 254 11.41 -0.33 -20.43
CA ASN B 254 11.68 1.04 -20.80
C ASN B 254 11.88 1.22 -22.33
N ASP B 255 12.12 2.45 -22.77
CA ASP B 255 12.23 2.74 -24.22
C ASP B 255 13.32 1.94 -24.88
N LEU B 256 14.55 1.95 -24.30
CA LEU B 256 15.67 1.28 -24.94
C LEU B 256 15.47 -0.25 -24.99
N ASP B 257 15.01 -0.84 -23.86
CA ASP B 257 14.85 -2.30 -23.84
C ASP B 257 13.73 -2.76 -24.76
N TRP B 258 12.62 -2.00 -24.85
CA TRP B 258 11.52 -2.35 -25.77
C TRP B 258 11.99 -2.20 -27.23
N SER B 259 12.77 -1.14 -27.51
CA SER B 259 13.33 -0.90 -28.84
C SER B 259 14.25 -2.06 -29.26
N ASN B 260 15.17 -2.45 -28.36
CA ASN B 260 16.09 -3.56 -28.63
C ASN B 260 15.38 -4.91 -28.71
N ALA B 261 14.21 -5.05 -28.06
CA ALA B 261 13.42 -6.28 -28.13
C ALA B 261 12.76 -6.43 -29.49
N ILE B 262 12.12 -5.35 -29.99
CA ILE B 262 11.40 -5.51 -31.25
C ILE B 262 12.14 -5.15 -32.53
N GLY B 263 13.16 -4.31 -32.43
CA GLY B 263 13.89 -3.83 -33.60
C GLY B 263 14.40 -4.92 -34.54
N PRO B 264 15.17 -5.89 -34.03
CA PRO B 264 15.68 -6.94 -34.92
C PRO B 264 14.56 -7.84 -35.45
N ILE B 265 13.49 -8.03 -34.64
CA ILE B 265 12.36 -8.86 -35.08
C ILE B 265 11.66 -8.17 -36.25
N LEU B 266 11.36 -6.88 -36.09
CA LEU B 266 10.73 -6.15 -37.17
C LEU B 266 11.56 -6.21 -38.45
N ASP B 267 12.86 -5.93 -38.36
CA ASP B 267 13.71 -5.94 -39.56
C ASP B 267 13.75 -7.32 -40.21
N SER B 268 13.78 -8.40 -39.41
CA SER B 268 13.80 -9.78 -39.93
C SER B 268 12.48 -10.09 -40.62
N LEU B 269 11.35 -9.68 -40.02
CA LEU B 269 10.04 -9.90 -40.64
C LEU B 269 10.00 -9.21 -42.01
N ASN B 270 10.53 -7.98 -42.10
CA ASN B 270 10.54 -7.26 -43.38
C ASN B 270 11.41 -8.00 -44.42
N ILE B 271 12.60 -8.46 -44.00
CA ILE B 271 13.52 -9.16 -44.91
C ILE B 271 12.87 -10.40 -45.50
N VAL B 272 12.28 -11.22 -44.63
CA VAL B 272 11.71 -12.51 -45.03
C VAL B 272 10.35 -12.41 -45.70
N ILE B 273 9.41 -11.67 -45.09
CA ILE B 273 8.07 -11.56 -45.63
C ILE B 273 8.00 -10.68 -46.89
N GLN B 274 8.88 -9.65 -46.99
CA GLN B 274 8.85 -8.70 -48.13
C GLN B 274 7.40 -8.21 -48.34
N PRO B 275 6.81 -7.62 -47.28
CA PRO B 275 5.42 -7.16 -47.38
C PRO B 275 5.21 -6.06 -48.43
N SER B 276 4.04 -6.08 -49.08
CA SER B 276 3.65 -5.05 -50.04
C SER B 276 3.11 -3.85 -49.26
N TYR B 277 2.58 -4.09 -48.05
CA TYR B 277 2.04 -3.04 -47.16
C TYR B 277 2.35 -3.40 -45.74
N VAL B 278 2.48 -2.36 -44.89
CA VAL B 278 2.64 -2.57 -43.45
C VAL B 278 1.49 -1.83 -42.79
N VAL B 279 0.85 -2.47 -41.81
CA VAL B 279 -0.19 -1.81 -41.03
C VAL B 279 0.29 -1.80 -39.60
N VAL B 280 0.39 -0.59 -38.98
CA VAL B 280 0.92 -0.48 -37.61
C VAL B 280 -0.16 0.03 -36.69
N GLN B 281 -0.44 -0.69 -35.59
CA GLN B 281 -1.37 -0.20 -34.55
C GLN B 281 -0.42 0.43 -33.51
N CYS B 282 -0.65 1.71 -33.21
CA CYS B 282 0.26 2.47 -32.33
C CYS B 282 -0.47 2.92 -31.06
N GLY B 283 -1.17 1.99 -30.39
CA GLY B 283 -1.85 2.26 -29.11
C GLY B 283 -0.85 2.84 -28.13
N ALA B 284 -1.22 3.94 -27.46
CA ALA B 284 -0.36 4.74 -26.59
C ALA B 284 -0.36 4.30 -25.12
N ASP B 285 -0.96 3.14 -24.85
CA ASP B 285 -1.07 2.68 -23.48
C ASP B 285 0.21 2.07 -22.90
N CYS B 286 1.33 2.04 -23.69
CA CYS B 286 2.65 1.62 -23.15
C CYS B 286 3.35 2.79 -22.49
N LEU B 287 2.82 4.02 -22.66
CA LEU B 287 3.47 5.17 -22.04
C LEU B 287 3.55 5.00 -20.52
N ALA B 288 4.66 5.50 -19.94
CA ALA B 288 4.86 5.38 -18.50
C ALA B 288 3.76 6.06 -17.70
N THR B 289 3.13 7.07 -18.29
CA THR B 289 2.08 7.88 -17.68
C THR B 289 0.66 7.42 -18.03
N ASP B 290 0.51 6.30 -18.75
CA ASP B 290 -0.82 5.74 -19.01
C ASP B 290 -1.34 5.20 -17.67
N PRO B 291 -2.65 5.38 -17.34
CA PRO B 291 -3.15 4.83 -16.08
C PRO B 291 -2.98 3.32 -15.90
N HIS B 292 -2.74 2.54 -16.97
CA HIS B 292 -2.40 1.11 -16.75
C HIS B 292 -1.11 0.97 -15.92
N ARG B 293 -0.14 1.88 -16.13
CA ARG B 293 1.16 1.94 -15.40
C ARG B 293 1.86 0.58 -15.49
N ILE B 294 2.03 0.07 -16.75
CA ILE B 294 2.67 -1.24 -16.91
C ILE B 294 4.04 -1.11 -17.56
N PHE B 295 4.10 -0.50 -18.74
CA PHE B 295 5.40 -0.27 -19.39
C PHE B 295 5.84 1.16 -19.09
N ARG B 296 7.11 1.48 -19.45
CA ARG B 296 7.65 2.80 -19.14
C ARG B 296 8.16 3.50 -20.38
N LEU B 297 7.38 3.44 -21.46
CA LEU B 297 7.78 4.10 -22.70
C LEU B 297 7.51 5.60 -22.59
N THR B 298 8.18 6.39 -23.45
CA THR B 298 7.96 7.85 -23.43
C THR B 298 7.71 8.32 -24.84
N ASN B 299 7.62 9.65 -25.03
CA ASN B 299 7.52 10.24 -26.38
C ASN B 299 8.80 11.07 -26.60
N PHE B 300 9.90 10.77 -25.86
CA PHE B 300 11.11 11.61 -25.97
C PHE B 300 11.81 11.46 -27.31
N TYR B 301 12.30 12.58 -27.86
CA TYR B 301 13.02 12.56 -29.13
C TYR B 301 14.28 13.42 -28.90
N PRO B 302 15.34 12.83 -28.29
CA PRO B 302 16.56 13.63 -27.97
C PRO B 302 17.29 14.13 -29.20
N SER B 312 24.32 7.75 -21.22
CA SER B 312 23.82 8.65 -20.19
C SER B 312 22.64 9.49 -20.67
N GLU B 313 22.51 9.70 -22.00
CA GLU B 313 21.42 10.50 -22.56
C GLU B 313 20.12 9.70 -22.52
N CYS B 314 18.97 10.41 -22.54
CA CYS B 314 17.66 9.75 -22.59
C CYS B 314 17.61 8.98 -23.89
N SER B 315 16.94 7.83 -23.86
CA SER B 315 16.80 7.01 -25.04
C SER B 315 15.69 7.60 -25.91
N LEU B 316 15.74 7.34 -27.21
CA LEU B 316 14.66 7.73 -28.10
C LEU B 316 13.41 6.92 -27.64
N SER B 317 12.24 7.54 -27.67
CA SER B 317 10.98 6.85 -27.42
C SER B 317 10.94 5.51 -28.18
N GLY B 318 10.54 4.43 -27.52
CA GLY B 318 10.39 3.13 -28.22
C GLY B 318 9.43 3.25 -29.40
N TYR B 319 8.31 3.99 -29.23
CA TYR B 319 7.37 4.18 -30.34
C TYR B 319 8.03 4.85 -31.53
N LEU B 320 8.78 5.94 -31.30
CA LEU B 320 9.42 6.67 -32.38
C LEU B 320 10.51 5.80 -33.00
N TYR B 321 11.22 5.00 -32.20
CA TYR B 321 12.25 4.10 -32.73
C TYR B 321 11.59 3.09 -33.69
N ALA B 322 10.47 2.49 -33.27
CA ALA B 322 9.78 1.47 -34.09
C ALA B 322 9.19 2.09 -35.37
N ILE B 323 8.53 3.27 -35.26
CA ILE B 323 7.98 3.92 -36.45
C ILE B 323 9.09 4.34 -37.44
N LYS B 324 10.19 4.89 -36.92
CA LYS B 324 11.29 5.27 -37.80
C LYS B 324 11.84 4.04 -38.53
N LYS B 325 11.97 2.92 -37.81
CA LYS B 325 12.49 1.67 -38.40
C LYS B 325 11.56 1.19 -39.52
N ILE B 326 10.25 1.14 -39.23
CA ILE B 326 9.29 0.63 -40.22
C ILE B 326 9.30 1.53 -41.44
N LEU B 327 9.33 2.85 -41.22
CA LEU B 327 9.31 3.77 -42.38
C LEU B 327 10.58 3.66 -43.21
N SER B 328 11.70 3.20 -42.60
CA SER B 328 12.96 3.07 -43.32
C SER B 328 12.90 2.01 -44.43
N TRP B 329 11.92 1.10 -44.32
CA TRP B 329 11.73 0.04 -45.31
C TRP B 329 11.16 0.54 -46.63
N LYS B 330 10.56 1.75 -46.64
CA LYS B 330 9.97 2.34 -47.84
C LYS B 330 8.86 1.45 -48.44
N VAL B 331 8.03 0.89 -47.54
CA VAL B 331 6.88 0.07 -47.89
C VAL B 331 5.63 0.91 -47.55
N PRO B 332 4.60 1.02 -48.44
CA PRO B 332 3.39 1.82 -48.10
C PRO B 332 2.82 1.34 -46.78
N THR B 333 2.56 2.30 -45.87
CA THR B 333 2.20 1.97 -44.49
C THR B 333 1.00 2.73 -44.00
N LEU B 334 0.19 2.04 -43.18
CA LEU B 334 -0.94 2.62 -42.50
CA LEU B 334 -0.93 2.63 -42.45
C LEU B 334 -0.53 2.67 -41.02
N ILE B 335 -0.69 3.85 -40.38
CA ILE B 335 -0.41 4.03 -38.95
C ILE B 335 -1.73 4.33 -38.29
N LEU B 336 -2.16 3.46 -37.35
CA LEU B 336 -3.46 3.63 -36.67
C LEU B 336 -3.22 3.90 -35.18
N GLY B 337 -4.27 4.41 -34.52
CA GLY B 337 -4.22 4.66 -33.09
C GLY B 337 -4.52 3.38 -32.32
N GLY B 338 -5.37 3.49 -31.33
CA GLY B 338 -5.72 2.35 -30.48
C GLY B 338 -5.89 2.81 -29.04
N GLY B 339 -5.39 2.00 -28.09
CA GLY B 339 -5.50 2.38 -26.69
C GLY B 339 -4.74 3.64 -26.33
N GLY B 340 -4.97 4.14 -25.15
CA GLY B 340 -4.30 5.37 -24.69
C GLY B 340 -5.29 6.12 -23.86
N TYR B 341 -5.13 6.02 -22.53
CA TYR B 341 -6.12 6.50 -21.62
C TYR B 341 -5.73 7.77 -20.86
N ASN B 342 -4.51 8.30 -21.13
CA ASN B 342 -4.07 9.60 -20.58
C ASN B 342 -4.17 10.47 -21.84
N PHE B 343 -5.31 11.19 -22.03
CA PHE B 343 -5.50 11.83 -23.36
C PHE B 343 -4.42 12.84 -23.73
N PRO B 344 -4.03 13.76 -22.82
CA PRO B 344 -2.97 14.72 -23.21
C PRO B 344 -1.66 14.03 -23.57
N ASP B 345 -1.29 12.97 -22.82
CA ASP B 345 -0.03 12.31 -23.17
C ASP B 345 -0.13 11.48 -24.46
N THR B 346 -1.34 10.95 -24.73
CA THR B 346 -1.58 10.25 -25.99
C THR B 346 -1.40 11.26 -27.18
N ALA B 347 -1.98 12.46 -27.03
CA ALA B 347 -1.81 13.52 -28.04
C ALA B 347 -0.34 13.90 -28.15
N ARG B 348 0.39 14.00 -27.02
CA ARG B 348 1.84 14.34 -27.03
C ARG B 348 2.61 13.28 -27.81
N LEU B 349 2.28 12.01 -27.64
CA LEU B 349 2.98 10.94 -28.37
C LEU B 349 2.62 10.97 -29.84
N TRP B 350 1.31 10.97 -30.14
CA TRP B 350 0.88 10.89 -31.54
C TRP B 350 1.26 12.11 -32.36
N THR B 351 1.41 13.29 -31.71
CA THR B 351 1.87 14.47 -32.42
C THR B 351 3.32 14.21 -32.83
N ARG B 352 4.16 13.66 -31.92
CA ARG B 352 5.56 13.37 -32.25
C ARG B 352 5.65 12.31 -33.34
N VAL B 353 4.77 11.29 -33.30
CA VAL B 353 4.77 10.24 -34.36
C VAL B 353 4.43 10.89 -35.70
N THR B 354 3.45 11.80 -35.71
CA THR B 354 3.04 12.47 -36.95
C THR B 354 4.20 13.30 -37.53
N ALA B 355 4.87 14.10 -36.68
CA ALA B 355 6.00 14.92 -37.13
C ALA B 355 7.14 14.06 -37.65
N LEU B 356 7.45 12.94 -36.95
CA LEU B 356 8.52 12.04 -37.36
C LEU B 356 8.17 11.45 -38.72
N THR B 357 6.88 11.07 -38.92
CA THR B 357 6.44 10.49 -40.19
C THR B 357 6.69 11.46 -41.35
N ILE B 358 6.36 12.74 -41.17
CA ILE B 358 6.66 13.78 -42.18
C ILE B 358 8.18 13.83 -42.42
N GLU B 359 9.00 13.87 -41.34
CA GLU B 359 10.46 13.94 -41.50
C GLU B 359 11.03 12.76 -42.28
N GLU B 360 10.58 11.54 -41.95
CA GLU B 360 11.12 10.33 -42.59
C GLU B 360 10.65 10.13 -44.00
N VAL B 361 9.41 10.50 -44.32
CA VAL B 361 8.87 10.33 -45.67
C VAL B 361 9.24 11.46 -46.61
N LYS B 362 9.06 12.72 -46.16
CA LYS B 362 9.33 13.92 -46.94
C LYS B 362 10.77 14.43 -46.88
N GLY B 363 11.56 14.00 -45.88
CA GLY B 363 12.93 14.50 -45.71
C GLY B 363 12.94 15.96 -45.27
N LYS B 364 11.82 16.43 -44.70
CA LYS B 364 11.57 17.79 -44.27
C LYS B 364 11.63 17.88 -42.73
N LYS B 365 12.60 18.65 -42.17
CA LYS B 365 12.76 18.81 -40.72
C LYS B 365 11.50 19.41 -40.10
N MET B 366 10.97 18.74 -39.06
CA MET B 366 9.79 19.16 -38.33
C MET B 366 10.16 19.42 -36.88
N THR B 367 10.78 20.57 -36.62
CA THR B 367 11.17 20.98 -35.28
C THR B 367 9.95 21.42 -34.50
N ILE B 368 9.72 20.72 -33.40
CA ILE B 368 8.57 20.98 -32.53
CA ILE B 368 8.58 20.99 -32.54
C ILE B 368 9.06 21.72 -31.28
N SER B 369 8.44 22.86 -30.94
CA SER B 369 8.81 23.61 -29.74
CA SER B 369 8.84 23.59 -29.75
C SER B 369 8.58 22.71 -28.52
N PRO B 370 9.47 22.76 -27.50
CA PRO B 370 9.21 21.95 -26.30
C PRO B 370 8.01 22.48 -25.52
N GLU B 371 7.57 23.75 -25.78
CA GLU B 371 6.39 24.33 -25.12
C GLU B 371 5.15 24.07 -25.99
N ILE B 372 4.06 23.60 -25.36
CA ILE B 372 2.79 23.37 -26.06
C ILE B 372 2.32 24.73 -26.62
N PRO B 373 1.97 24.79 -27.92
CA PRO B 373 1.50 26.06 -28.50
C PRO B 373 0.11 26.42 -28.03
N GLU B 374 -0.19 27.72 -28.17
CA GLU B 374 -1.50 28.25 -27.87
C GLU B 374 -2.54 27.56 -28.78
N HIS B 375 -3.61 27.08 -28.17
CA HIS B 375 -4.77 26.50 -28.87
C HIS B 375 -5.86 26.25 -27.83
N SER B 376 -7.10 25.97 -28.25
CA SER B 376 -8.19 25.87 -27.26
C SER B 376 -8.11 24.75 -26.22
N TYR B 377 -7.24 23.74 -26.45
CA TYR B 377 -7.04 22.69 -25.46
C TYR B 377 -5.72 22.84 -24.71
N PHE B 378 -5.07 24.02 -24.82
CA PHE B 378 -3.82 24.30 -24.10
C PHE B 378 -3.91 23.93 -22.61
N SER B 379 -5.04 24.30 -21.93
CA SER B 379 -5.23 24.06 -20.50
C SER B 379 -5.20 22.57 -20.11
N ARG B 380 -5.37 21.68 -21.09
CA ARG B 380 -5.34 20.25 -20.76
C ARG B 380 -3.93 19.71 -20.56
N TYR B 381 -2.90 20.55 -20.86
CA TYR B 381 -1.49 20.13 -20.83
C TYR B 381 -0.75 20.55 -19.57
N GLY B 382 -1.50 20.96 -18.55
CA GLY B 382 -0.89 21.35 -17.28
C GLY B 382 -0.40 20.18 -16.47
N PRO B 383 0.42 20.45 -15.44
CA PRO B 383 0.83 21.79 -15.00
C PRO B 383 2.06 22.37 -15.70
N ASP B 384 2.73 21.56 -16.51
CA ASP B 384 3.99 21.92 -17.16
C ASP B 384 3.84 22.57 -18.53
N PHE B 385 2.78 22.21 -19.29
CA PHE B 385 2.56 22.76 -20.65
C PHE B 385 3.74 22.51 -21.59
N GLU B 386 4.41 21.37 -21.42
CA GLU B 386 5.53 20.95 -22.28
C GLU B 386 5.13 19.74 -23.11
N LEU B 387 5.85 19.50 -24.20
CA LEU B 387 5.56 18.38 -25.11
C LEU B 387 6.05 17.04 -24.55
N ASP B 388 7.22 17.05 -23.89
CA ASP B 388 7.73 15.78 -23.34
C ASP B 388 6.81 15.38 -22.20
N ILE B 389 6.44 14.09 -22.14
CA ILE B 389 5.62 13.60 -21.02
C ILE B 389 6.36 13.81 -19.70
N ASP B 390 5.58 13.94 -18.61
CA ASP B 390 6.11 14.25 -17.29
C ASP B 390 6.55 12.96 -16.58
N TYR B 391 7.65 12.40 -17.08
CA TYR B 391 8.18 11.15 -16.56
C TYR B 391 9.68 11.26 -16.49
N PHE B 392 10.25 10.69 -15.43
CA PHE B 392 11.70 10.75 -15.21
C PHE B 392 12.28 9.36 -15.26
N PRO B 393 12.83 8.94 -16.42
CA PRO B 393 13.37 7.58 -16.55
C PRO B 393 14.44 7.32 -15.52
N HIS B 394 14.39 6.12 -14.92
CA HIS B 394 15.35 5.76 -13.87
C HIS B 394 15.57 4.26 -13.84
N THR B 400 20.38 -7.99 -16.19
CA THR B 400 20.87 -9.24 -16.78
C THR B 400 19.81 -10.32 -17.03
N LEU B 401 18.90 -10.56 -16.04
CA LEU B 401 17.88 -11.63 -16.07
C LEU B 401 16.59 -11.29 -16.79
N ASP B 402 16.46 -10.05 -17.21
CA ASP B 402 15.25 -9.55 -17.86
C ASP B 402 15.29 -9.68 -19.39
N SER B 403 16.30 -10.38 -19.94
CA SER B 403 16.46 -10.50 -21.38
C SER B 403 15.44 -11.44 -22.01
N ILE B 404 15.32 -11.32 -23.32
CA ILE B 404 14.37 -12.13 -24.10
C ILE B 404 15.04 -12.82 -25.26
N GLN B 405 16.33 -13.21 -25.08
CA GLN B 405 17.05 -13.83 -26.19
C GLN B 405 16.45 -15.14 -26.65
N LYS B 406 15.85 -15.93 -25.72
CA LYS B 406 15.19 -17.18 -26.15
C LYS B 406 13.95 -16.86 -27.00
N HIS B 407 13.27 -15.71 -26.74
CA HIS B 407 12.14 -15.30 -27.58
C HIS B 407 12.61 -14.98 -28.99
N HIS B 408 13.76 -14.27 -29.12
CA HIS B 408 14.35 -14.01 -30.45
C HIS B 408 14.62 -15.33 -31.18
N ARG B 409 15.25 -16.32 -30.50
CA ARG B 409 15.53 -17.61 -31.11
C ARG B 409 14.23 -18.31 -31.59
N ARG B 410 13.19 -18.28 -30.74
CA ARG B 410 11.90 -18.88 -31.02
C ARG B 410 11.23 -18.21 -32.22
N ILE B 411 11.17 -16.89 -32.19
CA ILE B 411 10.53 -16.11 -33.26
C ILE B 411 11.26 -16.34 -34.59
N LEU B 412 12.61 -16.35 -34.58
CA LEU B 412 13.36 -16.59 -35.82
C LEU B 412 13.15 -17.98 -36.38
N GLU B 413 13.02 -19.01 -35.49
CA GLU B 413 12.71 -20.38 -35.91
C GLU B 413 11.33 -20.35 -36.56
N GLN B 414 10.35 -19.66 -35.94
CA GLN B 414 9.01 -19.57 -36.52
C GLN B 414 9.05 -18.90 -37.93
N LEU B 415 9.85 -17.83 -38.08
CA LEU B 415 9.98 -17.13 -39.35
C LEU B 415 10.59 -18.02 -40.45
N ARG B 416 11.58 -18.85 -40.08
CA ARG B 416 12.20 -19.80 -41.01
C ARG B 416 11.12 -20.84 -41.41
N ASN B 417 10.29 -21.31 -40.45
CA ASN B 417 9.18 -22.25 -40.70
C ASN B 417 8.12 -21.66 -41.62
N TYR B 418 7.77 -20.38 -41.38
CA TYR B 418 6.85 -19.65 -42.25
C TYR B 418 7.41 -19.58 -43.69
N ALA B 419 8.69 -19.21 -43.84
CA ALA B 419 9.34 -19.12 -45.16
C ALA B 419 9.34 -20.47 -45.87
N ASP B 420 9.66 -21.57 -45.14
CA ASP B 420 9.70 -22.94 -45.71
C ASP B 420 8.30 -23.37 -46.17
N LEU B 421 7.26 -23.15 -45.34
CA LEU B 421 5.87 -23.51 -45.70
C LEU B 421 5.38 -22.74 -46.94
N ASN B 422 5.74 -21.47 -47.04
CA ASN B 422 5.27 -20.58 -48.09
C ASN B 422 6.20 -20.44 -49.29
N LYS B 423 7.28 -21.25 -49.33
CA LYS B 423 8.27 -21.30 -50.41
C LYS B 423 8.87 -19.93 -50.72
N LEU B 424 9.25 -19.19 -49.66
CA LEU B 424 9.89 -17.88 -49.75
C LEU B 424 11.38 -18.04 -49.45
N ILE B 425 12.18 -17.16 -50.05
CA ILE B 425 13.61 -17.16 -49.82
C ILE B 425 13.85 -16.78 -48.34
N TYR B 426 14.64 -17.58 -47.64
CA TYR B 426 15.00 -17.26 -46.26
C TYR B 426 16.47 -16.87 -46.35
N ASP B 427 16.74 -15.57 -46.29
CA ASP B 427 18.07 -15.04 -46.46
C ASP B 427 18.84 -15.06 -45.15
N TYR B 428 19.40 -16.23 -44.82
CA TYR B 428 20.19 -16.42 -43.61
C TYR B 428 21.27 -15.36 -43.45
N ASP B 429 22.11 -15.12 -44.49
CA ASP B 429 23.20 -14.12 -44.40
C ASP B 429 22.71 -12.73 -43.97
N GLN B 430 21.60 -12.26 -44.54
CA GLN B 430 21.02 -10.96 -44.20
C GLN B 430 20.47 -10.92 -42.76
N VAL B 431 19.75 -11.96 -42.35
CA VAL B 431 19.18 -12.00 -40.98
C VAL B 431 20.35 -12.13 -39.96
N TYR B 432 21.34 -12.96 -40.26
CA TYR B 432 22.50 -13.15 -39.39
C TYR B 432 23.22 -11.80 -39.19
N GLN B 433 23.51 -11.07 -40.30
CA GLN B 433 24.21 -9.78 -40.27
C GLN B 433 23.43 -8.76 -39.44
N LEU B 434 22.11 -8.78 -39.53
CA LEU B 434 21.27 -7.89 -38.77
C LEU B 434 21.43 -8.15 -37.25
N TYR B 435 21.40 -9.43 -36.85
CA TYR B 435 21.59 -9.79 -35.45
C TYR B 435 23.00 -9.61 -34.97
N ASN B 436 23.99 -9.83 -35.86
CA ASN B 436 25.38 -9.69 -35.46
C ASN B 436 25.82 -8.26 -35.18
N LEU B 437 24.98 -7.26 -35.57
CA LEU B 437 25.21 -5.84 -35.29
C LEU B 437 25.27 -5.57 -33.78
N THR B 438 24.63 -6.46 -32.98
CA THR B 438 24.62 -6.42 -31.50
C THR B 438 25.21 -7.71 -30.92
N GLY B 439 25.95 -8.45 -31.73
CA GLY B 439 26.59 -9.69 -31.34
C GLY B 439 25.63 -10.81 -30.95
N MET B 440 24.45 -10.84 -31.58
CA MET B 440 23.45 -11.88 -31.32
C MET B 440 23.24 -12.77 -32.56
N GLY B 441 24.21 -12.75 -33.46
CA GLY B 441 24.15 -13.57 -34.69
C GLY B 441 23.91 -15.05 -34.43
N SER B 442 24.42 -15.55 -33.28
CA SER B 442 24.26 -16.98 -32.92
C SER B 442 22.80 -17.38 -32.75
N LEU B 443 21.87 -16.40 -32.57
CA LEU B 443 20.46 -16.69 -32.35
C LEU B 443 19.73 -17.05 -33.62
N VAL B 444 20.34 -16.74 -34.78
CA VAL B 444 19.72 -16.95 -36.09
C VAL B 444 19.79 -18.41 -36.57
N PRO B 445 18.65 -19.08 -36.90
CA PRO B 445 18.74 -20.45 -37.43
C PRO B 445 19.07 -20.43 -38.92
N ARG B 446 19.75 -21.48 -39.40
CA ARG B 446 20.12 -21.62 -40.82
C ARG B 446 18.91 -21.86 -41.71
N SER C 2 -19.37 7.91 47.14
CA SER C 2 -19.70 8.94 46.17
C SER C 2 -18.73 8.88 44.98
N VAL C 3 -19.22 8.92 43.72
CA VAL C 3 -18.34 9.00 42.54
C VAL C 3 -18.40 10.44 42.07
N GLY C 4 -17.26 11.11 42.08
CA GLY C 4 -17.21 12.51 41.64
C GLY C 4 -16.80 12.60 40.19
N ILE C 5 -17.11 13.75 39.58
CA ILE C 5 -16.70 14.03 38.20
C ILE C 5 -16.46 15.52 38.07
N VAL C 6 -15.32 15.89 37.46
CA VAL C 6 -14.98 17.31 37.34
C VAL C 6 -15.66 17.92 36.13
N TYR C 7 -16.45 18.99 36.35
CA TYR C 7 -17.05 19.76 35.26
C TYR C 7 -17.51 21.09 35.78
N GLY C 8 -17.74 21.99 34.85
CA GLY C 8 -18.22 23.34 35.14
C GLY C 8 -18.32 24.12 33.85
N ASP C 9 -19.07 25.24 33.83
CA ASP C 9 -19.23 25.94 32.55
C ASP C 9 -17.94 26.52 31.98
N GLN C 10 -17.19 27.27 32.80
CA GLN C 10 -15.94 27.85 32.32
C GLN C 10 -14.92 26.73 32.11
N TYR C 11 -14.95 25.69 32.95
CA TYR C 11 -14.02 24.56 32.75
C TYR C 11 -14.23 23.92 31.37
N ARG C 12 -15.48 23.70 30.99
CA ARG C 12 -15.80 23.12 29.69
C ARG C 12 -15.26 24.01 28.56
N GLN C 13 -15.47 25.35 28.66
CA GLN C 13 -15.02 26.28 27.61
C GLN C 13 -13.51 26.17 27.45
N LEU C 14 -12.79 26.15 28.57
CA LEU C 14 -11.32 26.08 28.53
C LEU C 14 -10.83 24.74 28.02
N CYS C 15 -11.45 23.63 28.46
CA CYS C 15 -11.04 22.30 27.97
C CYS C 15 -11.30 22.11 26.49
N CYS C 16 -12.21 22.90 25.91
CA CYS C 16 -12.54 22.83 24.48
C CYS C 16 -11.83 23.87 23.66
N SER C 17 -10.86 24.57 24.24
CA SER C 17 -10.22 25.68 23.52
C SER C 17 -8.92 25.38 22.79
N SER C 18 -8.44 24.13 22.83
CA SER C 18 -7.18 23.80 22.18
C SER C 18 -7.37 23.41 20.71
N PRO C 19 -6.34 23.65 19.88
CA PRO C 19 -6.46 23.24 18.47
C PRO C 19 -6.42 21.73 18.26
N LYS C 20 -5.71 20.98 19.12
CA LYS C 20 -5.59 19.54 18.96
C LYS C 20 -6.82 18.77 19.43
N PHE C 21 -7.34 19.15 20.61
CA PHE C 21 -8.46 18.36 21.17
C PHE C 21 -9.84 18.92 20.86
N GLY C 22 -9.90 20.13 20.31
CA GLY C 22 -11.16 20.75 19.93
C GLY C 22 -12.24 20.58 20.97
N ASP C 23 -13.42 20.09 20.54
CA ASP C 23 -14.58 19.92 21.43
C ASP C 23 -14.67 18.51 22.03
N ARG C 24 -13.59 17.74 22.07
CA ARG C 24 -13.67 16.38 22.61
C ARG C 24 -14.31 16.33 24.00
N TYR C 25 -13.86 17.19 24.91
CA TYR C 25 -14.38 17.16 26.28
C TYR C 25 -15.91 17.38 26.31
N ALA C 26 -16.41 18.30 25.46
CA ALA C 26 -17.84 18.56 25.37
C ALA C 26 -18.59 17.32 24.90
N LEU C 27 -18.05 16.61 23.87
CA LEU C 27 -18.70 15.36 23.41
C LEU C 27 -18.76 14.36 24.56
N VAL C 28 -17.65 14.21 25.28
CA VAL C 28 -17.57 13.24 26.36
C VAL C 28 -18.63 13.56 27.42
N MET C 29 -18.60 14.81 27.92
CA MET C 29 -19.52 15.16 28.99
C MET C 29 -20.98 15.14 28.56
N ASP C 30 -21.26 15.55 27.32
CA ASP C 30 -22.64 15.56 26.85
C ASP C 30 -23.15 14.14 26.58
N LEU C 31 -22.26 13.18 26.25
CA LEU C 31 -22.74 11.80 26.07
C LEU C 31 -23.06 11.20 27.45
N ILE C 32 -22.22 11.49 28.44
CA ILE C 32 -22.49 11.04 29.83
C ILE C 32 -23.83 11.66 30.29
N ASN C 33 -24.05 12.93 29.97
CA ASN C 33 -25.29 13.62 30.33
C ASN C 33 -26.50 13.00 29.59
N ALA C 34 -26.31 12.69 28.30
CA ALA C 34 -27.39 12.11 27.45
C ALA C 34 -27.87 10.75 27.96
N TYR C 35 -26.93 9.99 28.55
CA TYR C 35 -27.21 8.69 29.15
C TYR C 35 -27.76 8.83 30.58
N LYS C 36 -28.06 10.07 30.99
CA LYS C 36 -28.67 10.37 32.31
C LYS C 36 -27.79 9.95 33.50
N LEU C 37 -26.47 10.00 33.30
CA LEU C 37 -25.52 9.61 34.36
C LEU C 37 -25.21 10.77 35.30
N ILE C 38 -25.36 12.02 34.85
CA ILE C 38 -24.98 13.20 35.65
C ILE C 38 -25.62 13.24 37.07
N PRO C 39 -26.92 12.94 37.24
CA PRO C 39 -27.52 12.95 38.59
C PRO C 39 -26.98 11.85 39.51
N GLU C 40 -26.23 10.87 38.95
CA GLU C 40 -25.67 9.78 39.77
C GLU C 40 -24.32 10.19 40.34
N LEU C 41 -23.76 11.31 39.82
CA LEU C 41 -22.40 11.72 40.11
C LEU C 41 -22.38 13.01 40.90
N SER C 42 -21.28 13.16 41.66
CA SER C 42 -21.04 14.31 42.50
C SER C 42 -20.14 15.29 41.72
N ARG C 43 -20.66 16.47 41.34
CA ARG C 43 -19.79 17.41 40.61
C ARG C 43 -18.67 17.92 41.52
N VAL C 44 -17.44 17.80 41.04
CA VAL C 44 -16.27 18.33 41.73
C VAL C 44 -15.89 19.60 40.99
N PRO C 45 -15.91 20.74 41.69
CA PRO C 45 -15.58 21.98 41.00
C PRO C 45 -14.06 22.13 40.85
N PRO C 46 -13.59 22.61 39.71
CA PRO C 46 -12.15 22.87 39.58
C PRO C 46 -11.65 23.85 40.63
N LEU C 47 -10.44 23.65 41.10
CA LEU C 47 -9.86 24.53 42.10
C LEU C 47 -9.58 25.92 41.50
N GLN C 48 -9.94 26.97 42.23
CA GLN C 48 -9.56 28.34 41.88
C GLN C 48 -8.78 28.88 43.06
N TRP C 49 -7.90 29.83 42.82
CA TRP C 49 -7.02 30.31 43.87
C TRP C 49 -7.33 31.72 44.33
N ASP C 50 -6.77 32.06 45.50
CA ASP C 50 -6.95 33.35 46.15
C ASP C 50 -6.05 34.45 45.60
N SER C 51 -5.03 34.09 44.80
CA SER C 51 -4.13 35.09 44.24
C SER C 51 -3.25 34.47 43.17
N PRO C 52 -2.65 35.30 42.27
CA PRO C 52 -1.66 34.75 41.34
C PRO C 52 -0.53 34.04 42.08
N SER C 53 -0.08 34.56 43.27
CA SER C 53 1.03 33.90 43.99
C SER C 53 0.64 32.51 44.45
N ARG C 54 -0.61 32.34 44.91
CA ARG C 54 -1.09 30.99 45.31
C ARG C 54 -1.19 30.03 44.12
N MET C 55 -1.58 30.55 42.92
CA MET C 55 -1.63 29.70 41.72
C MET C 55 -0.21 29.28 41.34
N TYR C 56 0.74 30.25 41.37
CA TYR C 56 2.12 29.95 41.02
C TYR C 56 2.73 28.95 41.98
N GLU C 57 2.44 29.08 43.28
CA GLU C 57 2.92 28.12 44.28
C GLU C 57 2.46 26.72 43.96
N ALA C 58 1.19 26.57 43.58
CA ALA C 58 0.63 25.27 43.27
C ALA C 58 1.30 24.66 42.03
N VAL C 59 1.42 25.43 40.93
CA VAL C 59 1.97 24.89 39.67
C VAL C 59 3.46 24.62 39.78
N THR C 60 4.19 25.48 40.52
CA THR C 60 5.64 25.32 40.70
C THR C 60 6.03 24.29 41.75
N ALA C 61 5.04 23.54 42.30
CA ALA C 61 5.34 22.39 43.15
C ALA C 61 6.07 21.36 42.25
N PHE C 62 5.81 21.41 40.93
CA PHE C 62 6.51 20.56 39.95
C PHE C 62 7.27 21.39 38.91
N HIS C 63 6.58 22.29 38.21
CA HIS C 63 7.15 23.03 37.09
C HIS C 63 8.08 24.15 37.52
N SER C 64 9.07 24.47 36.68
CA SER C 64 9.97 25.56 37.05
C SER C 64 9.26 26.88 36.90
N THR C 65 9.66 27.86 37.71
CA THR C 65 9.08 29.18 37.63
C THR C 65 9.30 29.76 36.22
N GLU C 66 10.49 29.56 35.64
CA GLU C 66 10.84 30.08 34.31
C GLU C 66 9.93 29.52 33.20
N TYR C 67 9.59 28.21 33.32
CA TYR C 67 8.70 27.55 32.35
C TYR C 67 7.28 28.10 32.48
N VAL C 68 6.77 28.23 33.73
CA VAL C 68 5.44 28.78 33.95
C VAL C 68 5.37 30.21 33.41
N ASP C 69 6.41 31.01 33.67
CA ASP C 69 6.48 32.38 33.18
C ASP C 69 6.42 32.38 31.64
N ALA C 70 7.16 31.47 30.98
CA ALA C 70 7.18 31.42 29.51
C ALA C 70 5.82 31.00 28.98
N LEU C 71 5.15 30.03 29.64
CA LEU C 71 3.85 29.58 29.16
C LEU C 71 2.84 30.71 29.29
N LYS C 72 2.91 31.50 30.36
CA LYS C 72 2.04 32.66 30.54
C LYS C 72 2.30 33.70 29.43
N LYS C 73 3.60 33.95 29.15
CA LYS C 73 4.00 34.90 28.12
C LYS C 73 3.50 34.47 26.73
N LEU C 74 3.60 33.16 26.43
CA LEU C 74 3.16 32.60 25.16
C LEU C 74 1.67 32.91 24.95
N GLN C 75 0.82 32.70 25.99
CA GLN C 75 -0.59 33.00 25.88
C GLN C 75 -0.78 34.51 25.60
N MET C 76 -0.08 35.37 26.37
CA MET C 76 -0.21 36.82 26.19
C MET C 76 0.17 37.22 24.76
N LEU C 77 1.25 36.63 24.20
CA LEU C 77 1.67 36.97 22.83
C LEU C 77 0.67 36.52 21.76
N HIS C 78 0.05 35.35 21.97
CA HIS C 78 -0.94 34.82 21.03
C HIS C 78 -2.27 35.58 21.09
N CYS C 79 -2.48 36.36 22.15
CA CYS C 79 -3.70 37.17 22.29
C CYS C 79 -3.61 38.54 21.61
N GLU C 80 -2.39 38.94 21.19
CA GLU C 80 -2.16 40.22 20.51
C GLU C 80 -2.06 40.01 18.99
N GLU C 83 3.16 39.31 16.57
CA GLU C 83 4.45 38.89 16.03
C GLU C 83 5.48 38.70 17.15
N LEU C 84 6.03 37.47 17.27
CA LEU C 84 7.05 37.17 18.27
C LEU C 84 8.40 37.74 17.81
N THR C 85 9.23 38.26 18.75
CA THR C 85 10.58 38.74 18.41
C THR C 85 11.50 37.49 18.27
N ALA C 86 12.73 37.67 17.74
CA ALA C 86 13.69 36.56 17.62
C ALA C 86 14.07 36.01 19.01
N ASP C 87 14.26 36.89 20.03
CA ASP C 87 14.56 36.44 21.39
C ASP C 87 13.37 35.70 22.01
N ASP C 88 12.12 36.13 21.73
CA ASP C 88 10.91 35.43 22.25
C ASP C 88 10.80 34.05 21.63
N GLU C 89 11.06 33.93 20.31
CA GLU C 89 11.05 32.62 19.63
C GLU C 89 12.09 31.69 20.28
N LEU C 90 13.32 32.19 20.55
CA LEU C 90 14.35 31.36 21.22
C LEU C 90 13.93 30.95 22.62
N LEU C 91 13.32 31.89 23.38
CA LEU C 91 12.85 31.56 24.71
C LEU C 91 11.83 30.42 24.63
N MET C 92 10.81 30.54 23.74
CA MET C 92 9.80 29.48 23.59
C MET C 92 10.41 28.17 23.12
N ASP C 93 11.36 28.23 22.19
CA ASP C 93 12.02 27.01 21.73
C ASP C 93 12.79 26.29 22.88
N SER C 94 13.32 27.06 23.86
CA SER C 94 14.09 26.52 25.00
C SER C 94 13.19 25.71 25.96
N PHE C 95 11.86 25.83 25.79
CA PHE C 95 10.87 25.08 26.61
C PHE C 95 10.02 24.14 25.76
N SER C 96 10.41 23.96 24.48
CA SER C 96 9.69 23.11 23.53
C SER C 96 8.27 23.60 23.27
N LEU C 97 8.05 24.95 23.37
CA LEU C 97 6.74 25.54 23.14
C LEU C 97 6.68 25.92 21.67
N ASN C 98 6.62 24.89 20.82
CA ASN C 98 6.66 25.04 19.37
C ASN C 98 6.21 23.72 18.73
N TYR C 99 6.22 23.69 17.37
CA TYR C 99 5.92 22.49 16.59
C TYR C 99 4.58 21.86 17.00
N ASP C 100 4.58 20.63 17.56
CA ASP C 100 3.35 19.96 18.03
C ASP C 100 2.82 20.44 19.40
N CYS C 101 3.56 21.33 20.11
CA CYS C 101 3.10 21.93 21.38
C CYS C 101 3.12 23.43 21.16
N PRO C 102 2.37 23.96 20.17
CA PRO C 102 2.48 25.39 19.88
C PRO C 102 1.70 26.26 20.85
N GLY C 103 1.87 27.57 20.68
CA GLY C 103 1.05 28.49 21.43
C GLY C 103 -0.29 28.65 20.74
N PHE C 104 -1.25 29.17 21.47
CA PHE C 104 -2.59 29.51 20.99
C PHE C 104 -3.19 30.47 22.01
N PRO C 105 -4.25 31.23 21.68
CA PRO C 105 -4.69 32.27 22.61
C PRO C 105 -5.03 31.86 24.04
N SER C 106 -5.39 30.61 24.24
CA SER C 106 -5.77 30.17 25.59
C SER C 106 -4.82 29.13 26.11
N VAL C 107 -3.57 29.05 25.58
CA VAL C 107 -2.68 27.97 25.98
C VAL C 107 -2.45 27.81 27.49
N PHE C 108 -2.19 28.93 28.20
CA PHE C 108 -1.96 28.82 29.63
C PHE C 108 -3.27 28.49 30.35
N ASP C 109 -4.36 29.19 30.03
CA ASP C 109 -5.66 28.91 30.70
C ASP C 109 -6.13 27.46 30.46
N TYR C 110 -5.95 26.95 29.24
CA TYR C 110 -6.30 25.59 28.86
C TYR C 110 -5.49 24.58 29.70
N SER C 111 -4.16 24.77 29.76
CA SER C 111 -3.26 23.87 30.49
CA SER C 111 -3.35 23.80 30.48
C SER C 111 -3.50 23.93 31.98
N LEU C 112 -3.71 25.14 32.49
CA LEU C 112 -3.95 25.35 33.90
C LEU C 112 -5.31 24.72 34.27
N ALA C 113 -6.32 24.75 33.37
CA ALA C 113 -7.65 24.19 33.71
C ALA C 113 -7.52 22.70 34.08
N ALA C 114 -6.70 21.93 33.32
CA ALA C 114 -6.55 20.50 33.67
C ALA C 114 -5.97 20.34 35.07
N VAL C 115 -5.01 21.20 35.44
CA VAL C 115 -4.41 21.21 36.77
C VAL C 115 -5.48 21.56 37.81
N GLN C 116 -6.29 22.59 37.54
CA GLN C 116 -7.37 22.98 38.47
C GLN C 116 -8.31 21.80 38.71
N GLY C 117 -8.63 21.07 37.66
CA GLY C 117 -9.54 19.93 37.78
C GLY C 117 -8.93 18.78 38.56
N SER C 118 -7.68 18.39 38.22
CA SER C 118 -7.06 17.25 38.89
C SER C 118 -6.70 17.54 40.35
N LEU C 119 -6.30 18.80 40.67
CA LEU C 119 -6.02 19.16 42.08
C LEU C 119 -7.32 19.11 42.89
N ALA C 120 -8.42 19.59 42.30
CA ALA C 120 -9.72 19.54 42.99
C ALA C 120 -10.13 18.08 43.22
N ALA C 121 -9.90 17.22 42.19
CA ALA C 121 -10.24 15.81 42.28
C ALA C 121 -9.42 15.17 43.41
N ALA C 122 -8.10 15.49 43.50
CA ALA C 122 -7.29 14.95 44.59
C ALA C 122 -7.84 15.41 45.95
N SER C 123 -8.18 16.72 46.07
CA SER C 123 -8.74 17.25 47.33
C SER C 123 -10.03 16.51 47.75
N ALA C 124 -10.89 16.18 46.78
CA ALA C 124 -12.15 15.49 47.08
C ALA C 124 -11.89 14.09 47.63
N LEU C 125 -10.83 13.42 47.14
CA LEU C 125 -10.49 12.11 47.67
C LEU C 125 -9.91 12.23 49.08
N ILE C 126 -9.04 13.24 49.30
CA ILE C 126 -8.36 13.41 50.59
C ILE C 126 -9.36 13.67 51.71
N CYS C 127 -10.34 14.55 51.46
CA CYS C 127 -11.32 14.85 52.52
C CYS C 127 -12.43 13.81 52.61
N ARG C 128 -12.34 12.75 51.78
CA ARG C 128 -13.24 11.58 51.75
C ARG C 128 -14.67 11.98 51.31
N HIS C 129 -14.77 13.07 50.54
CA HIS C 129 -16.07 13.47 50.00
C HIS C 129 -16.47 12.47 48.90
N CYS C 130 -15.49 12.02 48.10
CA CYS C 130 -15.70 11.06 47.01
C CYS C 130 -14.81 9.86 47.22
N GLU C 131 -15.27 8.67 46.83
CA GLU C 131 -14.49 7.43 46.87
C GLU C 131 -13.64 7.37 45.58
N VAL C 132 -14.19 7.90 44.47
CA VAL C 132 -13.51 7.93 43.17
C VAL C 132 -13.83 9.27 42.56
N VAL C 133 -12.89 9.86 41.83
CA VAL C 133 -13.17 11.09 41.10
C VAL C 133 -12.67 10.92 39.68
N ILE C 134 -13.51 11.30 38.72
CA ILE C 134 -13.17 11.22 37.30
C ILE C 134 -12.89 12.62 36.78
N ASN C 135 -11.79 12.80 36.01
CA ASN C 135 -11.53 14.07 35.34
C ASN C 135 -11.18 13.83 33.88
N TRP C 136 -12.20 13.89 33.01
CA TRP C 136 -11.96 13.65 31.59
C TRP C 136 -11.27 14.83 30.90
N GLY C 137 -11.06 15.91 31.67
CA GLY C 137 -10.30 17.04 31.14
C GLY C 137 -8.82 16.97 31.46
N GLY C 138 -8.41 15.95 32.21
CA GLY C 138 -7.01 15.82 32.66
C GLY C 138 -6.33 14.60 32.08
N GLY C 139 -5.13 14.31 32.58
CA GLY C 139 -4.36 13.14 32.15
C GLY C 139 -3.18 13.44 31.23
N TRP C 140 -2.56 14.62 31.43
CA TRP C 140 -1.49 15.11 30.52
C TRP C 140 -0.11 14.65 30.95
N HIS C 141 0.14 13.34 30.72
CA HIS C 141 1.28 12.63 31.26
C HIS C 141 2.66 12.96 30.73
N HIS C 142 2.75 13.65 29.58
CA HIS C 142 4.09 13.90 29.03
C HIS C 142 4.77 15.19 29.47
N ALA C 143 4.03 16.16 30.04
CA ALA C 143 4.66 17.44 30.37
C ALA C 143 5.77 17.26 31.41
N LYS C 144 6.89 17.94 31.22
CA LYS C 144 8.04 17.81 32.15
C LYS C 144 8.22 19.09 32.96
N ARG C 145 9.11 19.06 33.96
CA ARG C 145 9.34 20.23 34.81
C ARG C 145 9.46 21.56 34.01
N SER C 146 10.29 21.54 32.96
CA SER C 146 10.54 22.74 32.15
C SER C 146 10.37 22.49 30.69
N GLU C 147 9.39 21.66 30.32
CA GLU C 147 9.26 21.33 28.91
C GLU C 147 7.86 20.83 28.56
N ALA C 148 7.26 21.38 27.48
CA ALA C 148 6.00 20.87 26.94
C ALA C 148 6.35 19.68 26.08
N SER C 149 5.42 18.70 25.99
CA SER C 149 5.69 17.48 25.20
C SER C 149 4.41 16.79 24.88
N GLY C 150 4.31 16.25 23.67
CA GLY C 150 3.15 15.44 23.27
C GLY C 150 1.79 16.07 23.55
N PHE C 151 1.65 17.34 23.18
CA PHE C 151 0.43 18.15 23.34
C PHE C 151 0.08 18.40 24.84
N CYS C 152 1.04 18.15 25.78
CA CYS C 152 0.90 18.35 27.23
C CYS C 152 1.75 19.53 27.63
N TYR C 153 1.13 20.54 28.28
CA TYR C 153 1.87 21.74 28.70
C TYR C 153 2.12 21.77 30.19
N LEU C 154 1.13 21.35 31.00
CA LEU C 154 1.31 21.26 32.44
C LEU C 154 0.90 19.87 32.87
N ASN C 155 1.68 19.29 33.78
CA ASN C 155 1.44 17.92 34.18
C ASN C 155 0.47 17.88 35.37
N ASP C 156 -0.81 17.84 35.04
CA ASP C 156 -1.86 17.80 36.08
C ASP C 156 -1.77 16.52 36.90
N ILE C 157 -1.29 15.42 36.28
CA ILE C 157 -1.17 14.15 37.02
C ILE C 157 -0.09 14.25 38.11
N VAL C 158 1.11 14.75 37.77
CA VAL C 158 2.18 14.89 38.76
C VAL C 158 1.70 15.78 39.91
N LEU C 159 1.02 16.88 39.59
CA LEU C 159 0.57 17.78 40.65
C LEU C 159 -0.47 17.13 41.54
N ALA C 160 -1.40 16.37 40.93
CA ALA C 160 -2.43 15.69 41.71
C ALA C 160 -1.80 14.61 42.58
N ILE C 161 -0.83 13.86 42.06
CA ILE C 161 -0.16 12.82 42.85
C ILE C 161 0.59 13.46 43.99
N HIS C 162 1.28 14.58 43.75
CA HIS C 162 2.03 15.28 44.81
C HIS C 162 1.05 15.69 45.94
N ARG C 163 -0.15 16.17 45.59
CA ARG C 163 -1.11 16.53 46.62
C ARG C 163 -1.52 15.30 47.44
N LEU C 164 -1.79 14.16 46.76
CA LEU C 164 -2.22 12.93 47.44
C LEU C 164 -1.11 12.39 48.35
N VAL C 165 0.12 12.26 47.84
CA VAL C 165 1.19 11.65 48.61
C VAL C 165 1.61 12.49 49.83
N SER C 166 1.38 13.83 49.77
CA SER C 166 1.72 14.78 50.82
CA SER C 166 1.74 14.76 50.85
C SER C 166 0.60 14.94 51.85
N SER C 167 -0.55 14.30 51.63
CA SER C 167 -1.72 14.40 52.52
C SER C 167 -1.56 13.67 53.85
N THR C 178 2.01 6.96 53.47
CA THR C 178 1.13 7.13 52.30
C THR C 178 1.87 6.81 51.02
N ARG C 179 1.35 5.85 50.23
CA ARG C 179 1.93 5.48 48.95
CA ARG C 179 1.93 5.47 48.95
C ARG C 179 0.88 5.64 47.86
N VAL C 180 1.29 6.09 46.67
CA VAL C 180 0.35 6.25 45.55
C VAL C 180 0.80 5.29 44.44
N LEU C 181 -0.15 4.56 43.87
CA LEU C 181 0.11 3.73 42.70
C LEU C 181 -0.46 4.44 41.49
N TYR C 182 0.40 4.72 40.51
CA TYR C 182 -0.01 5.38 39.26
C TYR C 182 -0.06 4.32 38.17
N VAL C 183 -1.20 4.24 37.46
CA VAL C 183 -1.40 3.23 36.41
C VAL C 183 -1.67 3.97 35.11
N ASP C 184 -0.84 3.78 34.08
CA ASP C 184 -1.01 4.57 32.85
C ASP C 184 -1.41 3.64 31.70
N LEU C 185 -2.69 3.72 31.29
CA LEU C 185 -3.25 2.83 30.26
C LEU C 185 -3.20 3.37 28.84
N ASP C 186 -2.68 4.59 28.68
CA ASP C 186 -2.61 5.21 27.37
C ASP C 186 -1.76 4.38 26.41
N LEU C 187 -1.99 4.53 25.09
CA LEU C 187 -1.11 3.84 24.11
C LEU C 187 0.36 4.24 24.27
N HIS C 188 0.63 5.46 24.75
CA HIS C 188 1.99 5.99 24.87
C HIS C 188 2.54 5.86 26.27
N HIS C 189 3.87 5.67 26.36
CA HIS C 189 4.56 5.62 27.64
C HIS C 189 4.33 6.90 28.44
N GLY C 190 3.97 6.75 29.72
CA GLY C 190 3.74 7.89 30.62
C GLY C 190 5.07 8.42 31.16
N ASP C 191 5.92 8.95 30.24
CA ASP C 191 7.27 9.39 30.61
C ASP C 191 7.35 10.53 31.61
N GLY C 192 6.52 11.57 31.46
CA GLY C 192 6.61 12.73 32.36
C GLY C 192 6.36 12.38 33.81
N VAL C 193 5.36 11.54 34.04
CA VAL C 193 5.00 11.10 35.40
C VAL C 193 6.11 10.19 35.94
N GLU C 194 6.56 9.20 35.11
CA GLU C 194 7.63 8.32 35.56
C GLU C 194 8.88 9.15 35.96
N GLU C 195 9.25 10.14 35.12
CA GLU C 195 10.45 10.95 35.39
C GLU C 195 10.29 11.74 36.68
N ALA C 196 9.10 12.34 36.89
CA ALA C 196 8.87 13.14 38.09
C ALA C 196 9.09 12.35 39.38
N PHE C 197 8.74 11.05 39.37
CA PHE C 197 8.83 10.19 40.56
C PHE C 197 9.91 9.13 40.49
N TRP C 198 10.88 9.31 39.58
CA TRP C 198 11.98 8.35 39.32
C TRP C 198 12.79 8.05 40.58
N TYR C 199 12.89 9.04 41.50
CA TYR C 199 13.70 8.89 42.74
C TYR C 199 12.85 8.74 43.99
N SER C 200 11.54 8.54 43.78
CA SER C 200 10.59 8.45 44.88
C SER C 200 10.02 7.06 45.09
N PRO C 201 10.26 6.43 46.26
CA PRO C 201 9.65 5.12 46.52
C PRO C 201 8.16 5.20 46.86
N ARG C 202 7.69 6.37 47.29
CA ARG C 202 6.31 6.52 47.70
C ARG C 202 5.33 6.62 46.56
N VAL C 203 5.82 6.85 45.31
CA VAL C 203 4.94 6.89 44.14
C VAL C 203 5.47 5.85 43.21
N VAL C 204 4.72 4.77 43.05
CA VAL C 204 5.10 3.68 42.15
C VAL C 204 4.34 3.91 40.84
N THR C 205 5.07 3.92 39.72
CA THR C 205 4.45 4.17 38.44
C THR C 205 4.42 2.90 37.62
N PHE C 206 3.30 2.66 36.91
CA PHE C 206 3.23 1.49 36.04
C PHE C 206 2.62 1.95 34.73
N SER C 207 3.35 1.79 33.61
CA SER C 207 2.79 2.14 32.31
C SER C 207 2.79 0.92 31.40
N VAL C 208 1.64 0.67 30.75
CA VAL C 208 1.50 -0.33 29.68
C VAL C 208 1.34 0.49 28.40
N HIS C 209 2.08 0.14 27.33
CA HIS C 209 2.03 1.02 26.15
C HIS C 209 2.63 0.31 24.98
N HIS C 210 2.50 0.89 23.80
CA HIS C 210 3.25 0.36 22.66
C HIS C 210 4.63 1.02 22.70
N ALA C 211 5.64 0.27 22.29
CA ALA C 211 6.96 0.86 22.09
C ALA C 211 7.54 0.15 20.89
N SER C 212 8.17 0.96 20.02
CA SER C 212 8.82 0.42 18.80
C SER C 212 9.73 1.52 18.29
N PRO C 213 10.69 1.20 17.40
CA PRO C 213 11.65 2.25 16.97
C PRO C 213 11.00 3.44 16.31
N GLY C 214 11.27 4.63 16.83
CA GLY C 214 10.70 5.85 16.25
C GLY C 214 9.32 6.21 16.78
N PHE C 215 8.72 5.36 17.64
CA PHE C 215 7.39 5.63 18.19
C PHE C 215 7.52 6.51 19.42
N PHE C 216 6.72 7.60 19.46
CA PHE C 216 6.80 8.56 20.55
C PHE C 216 6.40 7.93 21.91
N PRO C 217 7.03 8.27 23.03
CA PRO C 217 8.18 9.18 23.19
C PRO C 217 9.53 8.48 23.16
N GLY C 218 9.53 7.15 22.91
CA GLY C 218 10.77 6.37 22.77
C GLY C 218 11.20 5.61 24.00
N THR C 219 10.65 5.95 25.15
CA THR C 219 11.03 5.38 26.44
C THR C 219 10.06 4.28 26.89
N GLY C 220 10.30 3.73 28.08
CA GLY C 220 9.45 2.69 28.64
C GLY C 220 9.74 1.33 28.04
N THR C 221 10.98 1.14 27.56
CA THR C 221 11.35 -0.14 26.96
C THR C 221 12.82 -0.43 27.26
N TRP C 222 13.35 -1.46 26.62
CA TRP C 222 14.74 -1.86 26.84
C TRP C 222 15.69 -0.74 26.47
N ASN C 223 16.76 -0.59 27.25
CA ASN C 223 17.85 0.36 27.03
C ASN C 223 18.95 -0.48 26.35
N MET C 224 19.27 -0.17 25.08
CA MET C 224 20.22 -0.93 24.24
C MET C 224 21.58 -0.27 24.07
N LYS C 229 26.87 -6.11 26.20
CA LYS C 229 25.91 -6.55 27.21
C LYS C 229 24.50 -6.62 26.65
N LEU C 230 23.68 -7.53 27.21
CA LEU C 230 22.26 -7.66 26.84
C LEU C 230 21.52 -6.39 27.31
N PRO C 231 20.48 -5.91 26.58
CA PRO C 231 19.76 -4.73 27.07
C PRO C 231 19.02 -5.01 28.38
N ILE C 232 18.74 -3.96 29.16
CA ILE C 232 18.02 -4.09 30.44
C ILE C 232 16.96 -2.99 30.51
N PHE C 233 16.09 -3.03 31.56
CA PHE C 233 15.10 -1.99 31.83
C PHE C 233 15.57 -1.13 32.97
N LEU C 234 15.57 0.19 32.76
CA LEU C 234 15.84 1.10 33.86
C LEU C 234 14.49 1.16 34.62
N ASN C 235 14.54 1.30 35.95
CA ASN C 235 13.30 1.20 36.74
C ASN C 235 13.28 2.10 37.97
N GLY C 236 13.99 3.23 37.88
CA GLY C 236 14.09 4.17 38.99
C GLY C 236 15.52 4.26 39.47
N ALA C 237 15.79 5.22 40.32
CA ALA C 237 17.16 5.36 40.84
C ALA C 237 17.14 5.92 42.26
N GLY C 238 18.28 5.81 42.95
CA GLY C 238 18.40 6.27 44.31
C GLY C 238 17.39 5.54 45.18
N ARG C 239 16.67 6.31 46.00
CA ARG C 239 15.65 5.76 46.88
C ARG C 239 14.46 5.21 46.07
N GLY C 240 14.34 5.64 44.81
CA GLY C 240 13.27 5.20 43.91
C GLY C 240 13.61 3.97 43.08
N ARG C 241 14.75 3.33 43.32
CA ARG C 241 15.10 2.15 42.52
C ARG C 241 13.97 1.10 42.58
N PHE C 242 13.64 0.46 41.43
CA PHE C 242 12.60 -0.58 41.32
C PHE C 242 11.16 -0.04 41.40
N SER C 243 10.98 1.29 41.52
CA SER C 243 9.65 1.89 41.66
C SER C 243 8.98 2.31 40.35
N ALA C 244 9.67 2.19 39.20
CA ALA C 244 9.08 2.58 37.91
C ALA C 244 8.93 1.33 37.05
N PHE C 245 7.67 0.92 36.79
CA PHE C 245 7.36 -0.32 36.07
C PHE C 245 6.88 -0.01 34.66
N ASN C 246 7.29 -0.85 33.69
CA ASN C 246 6.89 -0.65 32.29
C ASN C 246 6.62 -1.98 31.64
N LEU C 247 5.57 -1.99 30.83
CA LEU C 247 5.21 -3.15 30.01
C LEU C 247 5.01 -2.69 28.59
N PRO C 248 6.07 -2.76 27.76
CA PRO C 248 5.92 -2.41 26.34
C PRO C 248 5.33 -3.59 25.58
N LEU C 249 4.39 -3.29 24.70
CA LEU C 249 3.72 -4.33 23.94
C LEU C 249 3.77 -4.07 22.44
N GLU C 250 3.82 -5.15 21.64
CA GLU C 250 3.83 -5.04 20.20
C GLU C 250 2.46 -4.60 19.67
N GLU C 251 2.43 -4.11 18.44
CA GLU C 251 1.18 -3.68 17.86
C GLU C 251 0.21 -4.84 17.64
N GLY C 252 -1.08 -4.52 17.70
CA GLY C 252 -2.15 -5.45 17.34
C GLY C 252 -2.87 -6.11 18.49
N ILE C 253 -2.46 -5.82 19.75
CA ILE C 253 -3.05 -6.53 20.90
C ILE C 253 -4.53 -6.29 21.05
N ASN C 254 -5.29 -7.36 21.38
CA ASN C 254 -6.74 -7.23 21.55
C ASN C 254 -7.15 -7.10 23.02
N ASP C 255 -8.47 -6.97 23.26
CA ASP C 255 -8.99 -6.76 24.63
C ASP C 255 -8.56 -7.88 25.57
N LEU C 256 -8.76 -9.17 25.18
CA LEU C 256 -8.48 -10.27 26.11
C LEU C 256 -6.97 -10.37 26.41
N ASP C 257 -6.13 -10.24 25.38
CA ASP C 257 -4.69 -10.37 25.57
C ASP C 257 -4.13 -9.21 26.37
N TRP C 258 -4.63 -7.98 26.16
CA TRP C 258 -4.17 -6.83 26.97
C TRP C 258 -4.64 -7.00 28.43
N SER C 259 -5.89 -7.48 28.64
CA SER C 259 -6.45 -7.73 29.97
C SER C 259 -5.62 -8.77 30.71
N ASN C 260 -5.29 -9.87 30.04
CA ASN C 260 -4.50 -10.94 30.66
C ASN C 260 -3.05 -10.52 30.89
N ALA C 261 -2.55 -9.55 30.08
CA ALA C 261 -1.19 -9.04 30.28
C ALA C 261 -1.10 -8.17 31.53
N ILE C 262 -2.05 -7.23 31.72
CA ILE C 262 -1.94 -6.34 32.87
C ILE C 262 -2.64 -6.76 34.15
N GLY C 263 -3.67 -7.58 34.05
CA GLY C 263 -4.47 -7.99 35.21
C GLY C 263 -3.68 -8.50 36.41
N PRO C 264 -2.84 -9.53 36.19
CA PRO C 264 -2.05 -10.07 37.30
C PRO C 264 -0.99 -9.10 37.82
N ILE C 265 -0.48 -8.24 36.92
CA ILE C 265 0.51 -7.25 37.34
C ILE C 265 -0.17 -6.24 38.26
N LEU C 266 -1.33 -5.70 37.83
CA LEU C 266 -2.05 -4.75 38.65
C LEU C 266 -2.38 -5.33 40.03
N ASP C 267 -2.89 -6.55 40.07
CA ASP C 267 -3.27 -7.16 41.35
C ASP C 267 -2.05 -7.38 42.24
N SER C 268 -0.90 -7.75 41.65
CA SER C 268 0.35 -7.95 42.43
C SER C 268 0.86 -6.61 42.97
N LEU C 269 0.79 -5.54 42.15
CA LEU C 269 1.21 -4.20 42.61
C LEU C 269 0.34 -3.77 43.80
N ASN C 270 -0.99 -4.01 43.74
CA ASN C 270 -1.86 -3.64 44.85
C ASN C 270 -1.52 -4.46 46.12
N ILE C 271 -1.31 -5.78 45.96
CA ILE C 271 -0.94 -6.67 47.10
C ILE C 271 0.33 -6.18 47.81
N VAL C 272 1.37 -5.92 47.05
CA VAL C 272 2.67 -5.55 47.60
C VAL C 272 2.77 -4.10 48.06
N ILE C 273 2.38 -3.15 47.19
CA ILE C 273 2.49 -1.73 47.49
C ILE C 273 1.49 -1.28 48.54
N GLN C 274 0.26 -1.87 48.57
CA GLN C 274 -0.81 -1.47 49.52
C GLN C 274 -0.99 0.06 49.40
N PRO C 275 -1.24 0.56 48.17
CA PRO C 275 -1.39 2.00 47.98
C PRO C 275 -2.54 2.60 48.78
N SER C 276 -2.38 3.87 49.19
CA SER C 276 -3.42 4.63 49.88
C SER C 276 -4.33 5.26 48.85
N TYR C 277 -3.78 5.51 47.64
CA TYR C 277 -4.51 6.09 46.51
C TYR C 277 -4.01 5.46 45.23
N VAL C 278 -4.92 5.37 44.25
CA VAL C 278 -4.55 4.90 42.92
C VAL C 278 -4.90 6.04 41.96
N VAL C 279 -4.02 6.35 41.02
CA VAL C 279 -4.29 7.35 39.99
C VAL C 279 -4.19 6.62 38.66
N VAL C 280 -5.29 6.66 37.86
CA VAL C 280 -5.31 5.91 36.60
C VAL C 280 -5.43 6.89 35.45
N GLN C 281 -4.50 6.81 34.48
CA GLN C 281 -4.61 7.60 33.25
C GLN C 281 -5.27 6.63 32.26
N CYS C 282 -6.40 7.06 31.71
CA CYS C 282 -7.20 6.19 30.84
CA CYS C 282 -7.25 6.28 30.79
C CYS C 282 -7.28 6.74 29.37
N GLY C 283 -6.13 7.11 28.81
CA GLY C 283 -6.03 7.58 27.42
C GLY C 283 -6.67 6.56 26.50
N ALA C 284 -7.57 7.01 25.60
CA ALA C 284 -8.40 6.17 24.73
C ALA C 284 -7.76 5.81 23.38
N ASP C 285 -6.45 6.09 23.25
CA ASP C 285 -5.79 5.87 21.98
C ASP C 285 -5.38 4.40 21.72
N CYS C 286 -5.74 3.45 22.63
CA CYS C 286 -5.52 1.99 22.37
C CYS C 286 -6.73 1.47 21.62
N LEU C 287 -7.83 2.26 21.51
CA LEU C 287 -9.01 1.72 20.80
C LEU C 287 -8.65 1.35 19.35
N ALA C 288 -9.29 0.29 18.86
CA ALA C 288 -9.03 -0.18 17.50
C ALA C 288 -9.31 0.87 16.44
N THR C 289 -10.23 1.79 16.75
CA THR C 289 -10.66 2.84 15.83
C THR C 289 -9.92 4.17 16.03
N ASP C 290 -8.94 4.19 16.93
CA ASP C 290 -8.15 5.42 17.10
C ASP C 290 -7.31 5.58 15.82
N PRO C 291 -7.10 6.80 15.31
CA PRO C 291 -6.29 6.94 14.09
C PRO C 291 -4.84 6.45 14.21
N HIS C 292 -4.29 6.24 15.45
CA HIS C 292 -2.95 5.63 15.55
C HIS C 292 -2.99 4.22 14.96
N ARG C 293 -4.14 3.51 15.12
CA ARG C 293 -4.33 2.15 14.58
C ARG C 293 -3.22 1.23 15.02
N ILE C 294 -2.96 1.18 16.34
CA ILE C 294 -1.88 0.31 16.84
C ILE C 294 -2.42 -0.87 17.64
N PHE C 295 -3.20 -0.58 18.68
CA PHE C 295 -3.81 -1.66 19.48
C PHE C 295 -5.26 -1.84 18.99
N ARG C 296 -5.90 -2.92 19.46
CA ARG C 296 -7.25 -3.25 18.99
C ARG C 296 -8.22 -3.39 20.15
N LEU C 297 -8.13 -2.47 21.11
CA LEU C 297 -9.07 -2.52 22.24
C LEU C 297 -10.43 -1.96 21.81
N THR C 298 -11.45 -2.28 22.60
CA THR C 298 -12.80 -1.80 22.30
C THR C 298 -13.41 -1.21 23.57
N ASN C 299 -14.68 -0.77 23.46
CA ASN C 299 -15.44 -0.32 24.63
C ASN C 299 -16.56 -1.36 24.91
N PHE C 300 -16.46 -2.62 24.40
CA PHE C 300 -17.56 -3.58 24.54
C PHE C 300 -17.78 -4.04 25.96
N TYR C 301 -19.05 -4.20 26.35
CA TYR C 301 -19.43 -4.65 27.70
C TYR C 301 -20.48 -5.75 27.51
N PRO C 302 -20.04 -6.98 27.20
CA PRO C 302 -21.02 -8.06 26.91
C PRO C 302 -21.85 -8.44 28.14
N SER C 312 -16.16 -18.02 22.68
CA SER C 312 -16.65 -17.48 21.40
C SER C 312 -17.28 -16.11 21.55
N GLU C 313 -17.53 -15.69 22.81
CA GLU C 313 -18.16 -14.41 23.04
C GLU C 313 -17.13 -13.30 22.91
N CYS C 314 -17.61 -12.05 22.66
CA CYS C 314 -16.74 -10.89 22.63
C CYS C 314 -16.16 -10.78 24.03
N SER C 315 -14.92 -10.34 24.11
CA SER C 315 -14.27 -10.15 25.40
C SER C 315 -14.74 -8.82 25.97
N LEU C 316 -14.67 -8.68 27.28
CA LEU C 316 -14.93 -7.39 27.89
C LEU C 316 -13.81 -6.44 27.40
N SER C 317 -14.15 -5.17 27.10
CA SER C 317 -13.17 -4.14 26.78
C SER C 317 -11.98 -4.25 27.77
N GLY C 318 -10.73 -4.18 27.26
CA GLY C 318 -9.55 -4.17 28.15
C GLY C 318 -9.62 -3.03 29.14
N TYR C 319 -10.06 -1.86 28.69
CA TYR C 319 -10.18 -0.71 29.59
C TYR C 319 -11.15 -0.97 30.73
N LEU C 320 -12.35 -1.52 30.41
CA LEU C 320 -13.36 -1.77 31.42
C LEU C 320 -12.87 -2.89 32.35
N TYR C 321 -12.15 -3.87 31.82
CA TYR C 321 -11.59 -4.93 32.67
C TYR C 321 -10.61 -4.33 33.70
N ALA C 322 -9.70 -3.48 33.24
CA ALA C 322 -8.69 -2.86 34.11
C ALA C 322 -9.35 -1.94 35.14
N ILE C 323 -10.32 -1.09 34.73
CA ILE C 323 -10.97 -0.19 35.70
C ILE C 323 -11.77 -1.00 36.72
N LYS C 324 -12.53 -2.03 36.28
CA LYS C 324 -13.28 -2.87 37.23
C LYS C 324 -12.33 -3.53 38.25
N LYS C 325 -11.16 -4.00 37.79
CA LYS C 325 -10.16 -4.62 38.67
C LYS C 325 -9.63 -3.60 39.69
N ILE C 326 -9.24 -2.42 39.23
CA ILE C 326 -8.71 -1.39 40.14
C ILE C 326 -9.74 -1.00 41.17
N LEU C 327 -11.00 -0.85 40.73
CA LEU C 327 -12.05 -0.45 41.68
C LEU C 327 -12.38 -1.53 42.69
N SER C 328 -12.11 -2.80 42.35
CA SER C 328 -12.37 -3.92 43.26
C SER C 328 -11.49 -3.85 44.51
N TRP C 329 -10.38 -3.11 44.44
CA TRP C 329 -9.47 -2.98 45.57
C TRP C 329 -9.99 -2.08 46.68
N LYS C 330 -11.02 -1.27 46.39
CA LYS C 330 -11.62 -0.34 47.35
C LYS C 330 -10.59 0.63 47.94
N VAL C 331 -9.74 1.16 47.07
CA VAL C 331 -8.73 2.18 47.38
C VAL C 331 -9.23 3.47 46.70
N PRO C 332 -9.20 4.64 47.39
CA PRO C 332 -9.65 5.90 46.75
C PRO C 332 -8.87 6.09 45.46
N THR C 333 -9.58 6.38 44.37
CA THR C 333 -8.97 6.42 43.04
C THR C 333 -9.33 7.66 42.24
N LEU C 334 -8.35 8.17 41.45
CA LEU C 334 -8.58 9.23 40.48
C LEU C 334 -8.50 8.58 39.11
N ILE C 335 -9.51 8.80 38.25
CA ILE C 335 -9.51 8.34 36.87
C ILE C 335 -9.41 9.56 36.00
N LEU C 336 -8.39 9.61 35.15
CA LEU C 336 -8.13 10.75 34.27
C LEU C 336 -8.20 10.30 32.83
N GLY C 337 -8.37 11.28 31.95
CA GLY C 337 -8.38 11.06 30.52
C GLY C 337 -6.98 10.98 29.96
N GLY C 338 -6.76 11.62 28.83
CA GLY C 338 -5.47 11.60 28.17
C GLY C 338 -5.62 11.58 26.66
N GLY C 339 -4.82 10.75 25.98
CA GLY C 339 -4.93 10.67 24.53
C GLY C 339 -6.27 10.13 24.06
N GLY C 340 -6.53 10.27 22.77
CA GLY C 340 -7.77 9.75 22.20
C GLY C 340 -8.16 10.70 21.10
N TYR C 341 -7.92 10.26 19.87
CA TYR C 341 -8.01 11.14 18.74
C TYR C 341 -9.22 10.88 17.81
N ASN C 342 -10.05 9.89 18.15
CA ASN C 342 -11.32 9.65 17.44
C ASN C 342 -12.31 10.14 18.51
N PHE C 343 -12.80 11.40 18.38
CA PHE C 343 -13.58 11.95 19.50
C PHE C 343 -14.84 11.20 19.86
N PRO C 344 -15.69 10.83 18.87
CA PRO C 344 -16.90 10.07 19.24
C PRO C 344 -16.58 8.73 19.89
N ASP C 345 -15.52 8.02 19.42
CA ASP C 345 -15.20 6.74 20.05
C ASP C 345 -14.56 6.91 21.43
N THR C 346 -13.81 8.01 21.64
CA THR C 346 -13.29 8.35 22.98
C THR C 346 -14.49 8.59 23.93
N ALA C 347 -15.51 9.38 23.47
CA ALA C 347 -16.72 9.64 24.28
C ALA C 347 -17.46 8.29 24.54
N ARG C 348 -17.54 7.40 23.52
CA ARG C 348 -18.18 6.07 23.70
C ARG C 348 -17.46 5.25 24.77
N LEU C 349 -16.12 5.29 24.78
CA LEU C 349 -15.39 4.54 25.81
C LEU C 349 -15.55 5.17 27.19
N TRP C 350 -15.29 6.47 27.26
CA TRP C 350 -15.31 7.15 28.57
C TRP C 350 -16.69 7.19 29.22
N THR C 351 -17.77 7.13 28.40
CA THR C 351 -19.11 7.04 28.94
C THR C 351 -19.27 5.67 29.60
N ARG C 352 -18.79 4.59 28.93
CA ARG C 352 -18.88 3.26 29.54
C ARG C 352 -18.02 3.16 30.79
N VAL C 353 -16.83 3.80 30.81
CA VAL C 353 -16.00 3.77 32.03
C VAL C 353 -16.76 4.48 33.18
N THR C 354 -17.39 5.60 32.87
CA THR C 354 -18.13 6.37 33.90
C THR C 354 -19.26 5.52 34.47
N ALA C 355 -20.07 4.88 33.60
CA ALA C 355 -21.20 4.07 34.03
C ALA C 355 -20.70 2.88 34.88
N LEU C 356 -19.59 2.25 34.44
CA LEU C 356 -19.05 1.11 35.17
CA LEU C 356 -18.99 1.13 35.16
C LEU C 356 -18.58 1.56 36.56
N THR C 357 -17.98 2.76 36.66
CA THR C 357 -17.51 3.29 37.93
C THR C 357 -18.67 3.47 38.91
N ILE C 358 -19.81 4.00 38.43
CA ILE C 358 -21.02 4.12 39.25
C ILE C 358 -21.46 2.71 39.70
N GLU C 359 -21.49 1.73 38.77
CA GLU C 359 -21.94 0.39 39.15
C GLU C 359 -21.06 -0.24 40.21
N GLU C 360 -19.74 -0.12 40.03
CA GLU C 360 -18.79 -0.78 40.93
C GLU C 360 -18.70 -0.12 42.30
N VAL C 361 -18.84 1.20 42.34
CA VAL C 361 -18.72 1.95 43.61
C VAL C 361 -20.04 1.99 44.37
N LYS C 362 -21.14 2.35 43.67
CA LYS C 362 -22.47 2.48 44.29
C LYS C 362 -23.26 1.16 44.35
N GLY C 363 -22.85 0.15 43.58
CA GLY C 363 -23.59 -1.11 43.48
C GLY C 363 -24.93 -0.92 42.80
N LYS C 364 -25.02 0.11 41.96
CA LYS C 364 -26.24 0.56 41.30
C LYS C 364 -26.14 0.25 39.80
N LYS C 365 -27.04 -0.63 39.27
CA LYS C 365 -27.05 -1.00 37.84
C LYS C 365 -27.23 0.21 36.94
N MET C 366 -26.33 0.38 35.95
CA MET C 366 -26.36 1.47 34.99
C MET C 366 -26.48 0.93 33.57
N THR C 367 -27.68 0.49 33.19
CA THR C 367 -27.95 -0.04 31.85
C THR C 367 -27.96 1.08 30.85
N ILE C 368 -27.07 0.96 29.87
CA ILE C 368 -26.93 1.94 28.81
CA ILE C 368 -26.92 1.95 28.81
C ILE C 368 -27.55 1.40 27.54
N SER C 369 -28.49 2.16 26.93
CA SER C 369 -29.11 1.74 25.68
CA SER C 369 -29.12 1.72 25.68
C SER C 369 -28.03 1.56 24.61
N PRO C 370 -28.13 0.55 23.72
CA PRO C 370 -27.11 0.42 22.66
C PRO C 370 -27.21 1.54 21.63
N GLU C 371 -28.35 2.24 21.57
CA GLU C 371 -28.56 3.36 20.67
C GLU C 371 -28.12 4.64 21.39
N ILE C 372 -27.33 5.48 20.71
CA ILE C 372 -26.93 6.78 21.27
C ILE C 372 -28.21 7.61 21.49
N PRO C 373 -28.38 8.22 22.69
CA PRO C 373 -29.59 9.03 22.94
C PRO C 373 -29.55 10.36 22.21
N GLU C 374 -30.76 10.93 22.04
CA GLU C 374 -30.94 12.25 21.49
C GLU C 374 -30.16 13.27 22.33
N HIS C 375 -29.38 14.12 21.66
CA HIS C 375 -28.64 15.24 22.26
C HIS C 375 -28.00 16.02 21.13
N SER C 376 -27.49 17.24 21.43
CA SER C 376 -26.99 18.10 20.35
C SER C 376 -25.78 17.59 19.56
N TYR C 377 -25.05 16.61 20.09
CA TYR C 377 -23.92 15.98 19.37
C TYR C 377 -24.29 14.60 18.81
N PHE C 378 -25.60 14.27 18.75
CA PHE C 378 -26.04 13.00 18.19
C PHE C 378 -25.44 12.73 16.79
N SER C 379 -25.41 13.78 15.91
CA SER C 379 -24.95 13.62 14.53
C SER C 379 -23.47 13.22 14.43
N ARG C 380 -22.73 13.37 15.51
CA ARG C 380 -21.30 13.01 15.49
C ARG C 380 -21.07 11.52 15.59
N TYR C 381 -22.13 10.76 15.89
CA TYR C 381 -22.05 9.30 16.14
C TYR C 381 -22.46 8.46 14.95
N GLY C 382 -22.50 9.06 13.76
CA GLY C 382 -22.86 8.33 12.56
C GLY C 382 -21.72 7.46 12.05
N PRO C 383 -22.04 6.54 11.12
CA PRO C 383 -23.35 6.33 10.50
C PRO C 383 -24.28 5.38 11.25
N ASP C 384 -23.76 4.71 12.28
CA ASP C 384 -24.50 3.70 13.04
C ASP C 384 -25.31 4.25 14.23
N PHE C 385 -24.84 5.33 14.88
CA PHE C 385 -25.51 5.89 16.07
C PHE C 385 -25.68 4.86 17.21
N GLU C 386 -24.69 3.98 17.35
CA GLU C 386 -24.67 2.98 18.43
C GLU C 386 -23.56 3.27 19.40
N LEU C 387 -23.69 2.75 20.61
CA LEU C 387 -22.67 2.94 21.64
C LEU C 387 -21.43 2.10 21.41
N ASP C 388 -21.58 0.85 20.95
CA ASP C 388 -20.38 0.02 20.71
C ASP C 388 -19.57 0.63 19.58
N ILE C 389 -18.23 0.66 19.70
CA ILE C 389 -17.44 1.16 18.57
C ILE C 389 -17.61 0.26 17.34
N ASP C 390 -17.42 0.84 16.13
CA ASP C 390 -17.64 0.15 14.85
C ASP C 390 -16.38 -0.64 14.47
N TYR C 391 -16.16 -1.71 15.18
CA TYR C 391 -15.00 -2.58 15.00
C TYR C 391 -15.44 -4.01 15.18
N PHE C 392 -14.90 -4.91 14.33
CA PHE C 392 -15.25 -6.32 14.38
C PHE C 392 -14.01 -7.12 14.75
N PRO C 393 -13.86 -7.49 16.03
CA PRO C 393 -12.67 -8.25 16.47
C PRO C 393 -12.55 -9.56 15.72
N HIS C 394 -11.31 -9.89 15.35
CA HIS C 394 -11.03 -11.12 14.58
C HIS C 394 -9.63 -11.57 14.89
N GLU C 395 -9.31 -12.85 14.58
CA GLU C 395 -7.99 -13.45 14.83
C GLU C 395 -7.28 -13.63 13.50
N THR C 400 0.66 -18.28 19.89
CA THR C 400 1.62 -18.88 20.83
C THR C 400 2.86 -18.02 21.10
N LEU C 401 3.40 -17.38 20.05
CA LEU C 401 4.65 -16.64 20.19
C LEU C 401 4.50 -15.21 20.64
N ASP C 402 3.28 -14.75 20.76
CA ASP C 402 3.06 -13.36 21.12
C ASP C 402 2.96 -13.13 22.65
N SER C 403 3.30 -14.15 23.46
CA SER C 403 3.18 -14.08 24.91
C SER C 403 4.23 -13.16 25.54
N ILE C 404 3.97 -12.79 26.78
CA ILE C 404 4.85 -11.88 27.52
C ILE C 404 5.18 -12.46 28.90
N GLN C 405 5.25 -13.80 28.99
CA GLN C 405 5.53 -14.40 30.30
C GLN C 405 6.89 -14.02 30.88
N LYS C 406 7.90 -13.78 30.02
CA LYS C 406 9.18 -13.30 30.56
C LYS C 406 9.04 -11.88 31.13
N HIS C 407 8.12 -11.04 30.56
CA HIS C 407 7.88 -9.72 31.17
C HIS C 407 7.23 -9.87 32.54
N HIS C 408 6.25 -10.82 32.68
CA HIS C 408 5.68 -11.08 34.01
C HIS C 408 6.78 -11.48 35.00
N ARG C 409 7.68 -12.38 34.60
CA ARG C 409 8.77 -12.80 35.46
C ARG C 409 9.68 -11.61 35.88
N ARG C 410 10.01 -10.76 34.90
CA ARG C 410 10.86 -9.60 35.11
C ARG C 410 10.19 -8.60 36.05
N ILE C 411 8.92 -8.29 35.80
CA ILE C 411 8.18 -7.33 36.61
C ILE C 411 8.02 -7.84 38.05
N LEU C 412 7.73 -9.15 38.20
CA LEU C 412 7.59 -9.72 39.56
C LEU C 412 8.91 -9.70 40.34
N GLU C 413 10.06 -9.93 39.64
CA GLU C 413 11.40 -9.82 40.24
C GLU C 413 11.60 -8.35 40.67
N GLN C 414 11.21 -7.40 39.81
CA GLN C 414 11.34 -5.98 40.16
C GLN C 414 10.49 -5.64 41.40
N LEU C 415 9.25 -6.17 41.46
CA LEU C 415 8.36 -5.95 42.59
C LEU C 415 8.93 -6.51 43.90
N ARG C 416 9.59 -7.68 43.83
CA ARG C 416 10.23 -8.30 44.99
C ARG C 416 11.40 -7.40 45.44
N ASN C 417 12.17 -6.86 44.47
CA ASN C 417 13.30 -5.95 44.72
C ASN C 417 12.85 -4.64 45.35
N TYR C 418 11.70 -4.12 44.87
CA TYR C 418 11.09 -2.92 45.44
C TYR C 418 10.69 -3.17 46.90
N ALA C 419 10.01 -4.31 47.18
CA ALA C 419 9.58 -4.69 48.53
C ALA C 419 10.79 -4.83 49.47
N ASP C 420 11.88 -5.50 49.00
CA ASP C 420 13.09 -5.68 49.82
C ASP C 420 13.76 -4.35 50.15
N LEU C 421 13.93 -3.45 49.15
CA LEU C 421 14.55 -2.13 49.35
C LEU C 421 13.78 -1.25 50.36
N ASN C 422 12.45 -1.31 50.30
CA ASN C 422 11.55 -0.48 51.08
C ASN C 422 11.04 -1.14 52.36
N LYS C 423 11.61 -2.32 52.72
CA LYS C 423 11.28 -3.09 53.92
C LYS C 423 9.76 -3.36 54.02
N LEU C 424 9.13 -3.73 52.88
CA LEU C 424 7.70 -4.04 52.83
C LEU C 424 7.53 -5.55 52.81
N ILE C 425 6.40 -6.02 53.36
CA ILE C 425 6.07 -7.45 53.38
C ILE C 425 5.85 -7.89 51.92
N TYR C 426 6.55 -8.94 51.49
CA TYR C 426 6.34 -9.51 50.16
C TYR C 426 5.62 -10.84 50.38
N ASP C 427 4.30 -10.82 50.18
CA ASP C 427 3.45 -11.99 50.42
C ASP C 427 3.49 -12.92 49.21
N TYR C 428 4.54 -13.76 49.14
CA TYR C 428 4.72 -14.75 48.08
C TYR C 428 3.48 -15.61 47.90
N ASP C 429 2.91 -16.14 49.02
CA ASP C 429 1.73 -17.00 48.93
C ASP C 429 0.58 -16.36 48.17
N GLN C 430 0.25 -15.11 48.49
CA GLN C 430 -0.83 -14.38 47.82
C GLN C 430 -0.53 -14.12 46.34
N VAL C 431 0.70 -13.70 46.02
CA VAL C 431 1.09 -13.40 44.64
C VAL C 431 1.09 -14.72 43.83
N TYR C 432 1.63 -15.79 44.40
CA TYR C 432 1.64 -17.11 43.77
C TYR C 432 0.23 -17.56 43.42
N GLN C 433 -0.71 -17.52 44.40
CA GLN C 433 -2.11 -17.94 44.18
C GLN C 433 -2.77 -17.16 43.05
N LEU C 434 -2.50 -15.85 43.00
CA LEU C 434 -2.98 -14.92 41.98
CA LEU C 434 -3.02 -14.97 41.96
C LEU C 434 -2.57 -15.45 40.57
N TYR C 435 -1.26 -15.74 40.39
CA TYR C 435 -0.74 -16.23 39.13
C TYR C 435 -1.15 -17.67 38.86
N ASN C 436 -1.34 -18.47 39.93
CA ASN C 436 -1.73 -19.88 39.81
C ASN C 436 -3.13 -20.04 39.19
N LEU C 437 -3.98 -18.99 39.28
CA LEU C 437 -5.33 -18.98 38.69
C LEU C 437 -5.30 -19.26 37.19
N THR C 438 -4.23 -18.85 36.48
CA THR C 438 -4.04 -19.12 35.05
C THR C 438 -2.86 -20.07 34.78
N GLY C 439 -2.47 -20.82 35.81
CA GLY C 439 -1.37 -21.79 35.75
C GLY C 439 -0.01 -21.16 35.48
N MET C 440 0.21 -19.94 36.00
CA MET C 440 1.45 -19.20 35.83
C MET C 440 2.16 -18.94 37.17
N GLY C 441 1.84 -19.74 38.17
CA GLY C 441 2.44 -19.64 39.51
C GLY C 441 3.96 -19.73 39.49
N SER C 442 4.52 -20.51 38.55
CA SER C 442 5.96 -20.71 38.42
C SER C 442 6.73 -19.42 38.12
N LEU C 443 6.03 -18.37 37.64
CA LEU C 443 6.64 -17.10 37.29
C LEU C 443 6.93 -16.25 38.51
N VAL C 444 6.33 -16.62 39.67
CA VAL C 444 6.45 -15.80 40.87
C VAL C 444 7.74 -16.12 41.64
N PRO C 445 8.59 -15.12 41.94
CA PRO C 445 9.80 -15.41 42.73
C PRO C 445 9.52 -15.43 44.23
N ARG C 446 10.29 -16.21 44.99
CA ARG C 446 10.12 -16.30 46.45
C ARG C 446 10.72 -15.11 47.20
N SER D 2 15.97 32.01 12.78
CA SER D 2 16.88 31.49 13.80
C SER D 2 17.75 30.38 13.22
N VAL D 3 18.80 30.01 13.95
CA VAL D 3 19.67 28.87 13.59
C VAL D 3 19.22 27.74 14.53
N GLY D 4 18.77 26.65 13.93
CA GLY D 4 18.33 25.47 14.67
C GLY D 4 19.44 24.45 14.85
N ILE D 5 19.33 23.63 15.89
CA ILE D 5 20.29 22.55 16.09
C ILE D 5 19.53 21.36 16.62
N VAL D 6 19.85 20.17 16.09
CA VAL D 6 19.13 19.00 16.57
C VAL D 6 19.80 18.42 17.79
N TYR D 7 19.02 18.26 18.88
CA TYR D 7 19.52 17.56 20.07
C TYR D 7 18.34 17.21 20.94
N GLY D 8 18.59 16.34 21.90
CA GLY D 8 17.62 15.86 22.88
C GLY D 8 18.28 14.77 23.69
N ASP D 9 17.73 14.45 24.89
CA ASP D 9 18.35 13.44 25.75
C ASP D 9 18.42 12.06 25.13
N GLN D 10 17.27 11.53 24.66
CA GLN D 10 17.28 10.21 24.04
C GLN D 10 18.11 10.22 22.75
N TYR D 11 18.01 11.30 21.97
CA TYR D 11 18.77 11.44 20.72
C TYR D 11 20.28 11.31 21.01
N ARG D 12 20.75 12.01 22.05
CA ARG D 12 22.17 11.95 22.41
C ARG D 12 22.58 10.51 22.78
N GLN D 13 21.76 9.82 23.60
CA GLN D 13 22.09 8.45 23.99
C GLN D 13 22.23 7.56 22.74
N LEU D 14 21.26 7.65 21.80
CA LEU D 14 21.28 6.83 20.58
C LEU D 14 22.43 7.18 19.67
N CYS D 15 22.72 8.50 19.49
CA CYS D 15 23.86 8.94 18.63
C CYS D 15 25.19 8.49 19.19
N CYS D 16 25.25 8.15 20.50
CA CYS D 16 26.49 7.73 21.15
C CYS D 16 26.55 6.23 21.33
N SER D 17 25.62 5.50 20.70
CA SER D 17 25.54 4.06 20.92
C SER D 17 26.25 3.19 19.91
N SER D 18 26.98 3.78 18.92
CA SER D 18 27.66 2.95 17.91
C SER D 18 29.10 2.59 18.28
N PRO D 19 29.57 1.40 17.87
CA PRO D 19 30.97 1.04 18.17
C PRO D 19 31.98 1.92 17.43
N LYS D 20 31.66 2.40 16.20
CA LYS D 20 32.59 3.23 15.42
C LYS D 20 32.71 4.65 15.96
N PHE D 21 31.57 5.27 16.22
CA PHE D 21 31.56 6.71 16.62
C PHE D 21 31.52 6.99 18.10
N GLY D 22 31.33 5.96 18.91
CA GLY D 22 31.33 6.07 20.36
C GLY D 22 30.62 7.32 20.85
N ASP D 23 31.31 8.11 21.68
CA ASP D 23 30.74 9.30 22.30
C ASP D 23 31.04 10.59 21.54
N ARG D 24 31.43 10.51 20.26
CA ARG D 24 31.76 11.72 19.48
C ARG D 24 30.68 12.79 19.57
N TYR D 25 29.41 12.39 19.36
CA TYR D 25 28.29 13.35 19.39
C TYR D 25 28.23 14.08 20.74
N ALA D 26 28.46 13.35 21.85
CA ALA D 26 28.46 13.96 23.19
C ALA D 26 29.57 15.01 23.31
N LEU D 27 30.78 14.72 22.78
CA LEU D 27 31.86 15.73 22.81
C LEU D 27 31.49 16.96 22.02
N VAL D 28 30.91 16.76 20.82
CA VAL D 28 30.52 17.87 19.95
C VAL D 28 29.50 18.76 20.65
N MET D 29 28.40 18.16 21.13
CA MET D 29 27.34 18.94 21.78
C MET D 29 27.78 19.59 23.09
N ASP D 30 28.60 18.89 23.88
CA ASP D 30 29.10 19.44 25.13
C ASP D 30 30.07 20.58 24.93
N LEU D 31 30.83 20.55 23.80
CA LEU D 31 31.77 21.65 23.53
C LEU D 31 30.98 22.90 23.07
N ILE D 32 29.92 22.70 22.25
CA ILE D 32 29.03 23.78 21.83
C ILE D 32 28.36 24.40 23.09
N ASN D 33 27.95 23.52 24.02
CA ASN D 33 27.33 23.96 25.26
C ASN D 33 28.33 24.69 26.16
N ALA D 34 29.59 24.19 26.24
CA ALA D 34 30.65 24.78 27.06
C ALA D 34 30.99 26.19 26.60
N TYR D 35 30.84 26.42 25.27
CA TYR D 35 31.08 27.71 24.65
C TYR D 35 29.91 28.69 24.69
N LYS D 36 28.85 28.33 25.43
CA LYS D 36 27.65 29.15 25.67
C LYS D 36 26.88 29.44 24.39
N LEU D 37 26.93 28.50 23.41
CA LEU D 37 26.24 28.68 22.13
C LEU D 37 24.80 28.19 22.19
N ILE D 38 24.45 27.31 23.13
CA ILE D 38 23.09 26.74 23.22
C ILE D 38 21.97 27.81 23.32
N PRO D 39 22.11 28.86 24.15
CA PRO D 39 21.08 29.92 24.21
C PRO D 39 20.88 30.71 22.92
N GLU D 40 21.89 30.70 22.01
CA GLU D 40 21.81 31.41 20.73
C GLU D 40 21.07 30.57 19.70
N LEU D 41 20.86 29.26 20.00
CA LEU D 41 20.30 28.30 19.05
C LEU D 41 18.89 27.85 19.39
N SER D 42 18.16 27.43 18.36
CA SER D 42 16.79 26.95 18.50
C SER D 42 16.84 25.41 18.49
N ARG D 43 16.50 24.72 19.62
CA ARG D 43 16.57 23.25 19.58
C ARG D 43 15.49 22.71 18.67
N VAL D 44 15.90 21.79 17.77
CA VAL D 44 15.01 21.13 16.83
C VAL D 44 14.86 19.73 17.33
N PRO D 45 13.64 19.35 17.75
CA PRO D 45 13.47 17.99 18.27
C PRO D 45 13.45 16.97 17.15
N PRO D 46 14.12 15.81 17.34
CA PRO D 46 14.02 14.75 16.33
C PRO D 46 12.58 14.31 16.09
N LEU D 47 12.26 13.95 14.85
CA LEU D 47 10.92 13.50 14.49
C LEU D 47 10.58 12.14 15.10
N GLN D 48 9.40 12.02 15.69
CA GLN D 48 8.89 10.71 16.16
C GLN D 48 7.59 10.49 15.44
N TRP D 49 7.21 9.22 15.25
CA TRP D 49 6.04 8.88 14.46
C TRP D 49 4.87 8.33 15.26
N ASP D 50 3.70 8.34 14.60
CA ASP D 50 2.43 7.90 15.19
C ASP D 50 2.28 6.40 15.20
N SER D 51 3.10 5.67 14.43
CA SER D 51 2.94 4.22 14.35
C SER D 51 4.13 3.61 13.63
N PRO D 52 4.36 2.28 13.81
CA PRO D 52 5.38 1.60 13.00
C PRO D 52 5.13 1.80 11.49
N SER D 53 3.84 1.79 11.03
CA SER D 53 3.54 1.96 9.59
CA SER D 53 3.54 1.96 9.60
C SER D 53 4.00 3.33 9.10
N ARG D 54 3.81 4.38 9.92
CA ARG D 54 4.23 5.73 9.51
C ARG D 54 5.76 5.83 9.46
N MET D 55 6.46 5.15 10.38
CA MET D 55 7.92 5.15 10.38
C MET D 55 8.41 4.44 9.11
N TYR D 56 7.82 3.27 8.76
CA TYR D 56 8.20 2.56 7.54
C TYR D 56 7.91 3.38 6.31
N GLU D 57 6.78 4.12 6.27
CA GLU D 57 6.44 4.98 5.13
C GLU D 57 7.53 6.02 4.93
N ALA D 58 8.05 6.60 6.02
CA ALA D 58 9.08 7.61 5.94
C ALA D 58 10.39 7.03 5.45
N VAL D 59 10.84 5.93 6.05
CA VAL D 59 12.17 5.37 5.71
C VAL D 59 12.18 4.76 4.32
N THR D 60 11.04 4.14 3.93
CA THR D 60 10.93 3.49 2.61
C THR D 60 10.68 4.44 1.45
N ALA D 61 10.69 5.76 1.71
CA ALA D 61 10.66 6.76 0.64
C ALA D 61 11.98 6.59 -0.15
N PHE D 62 13.02 6.02 0.50
CA PHE D 62 14.28 5.72 -0.17
C PHE D 62 14.61 4.23 -0.03
N HIS D 63 14.66 3.71 1.23
CA HIS D 63 15.13 2.34 1.42
C HIS D 63 14.10 1.30 1.07
N SER D 64 14.55 0.09 0.73
CA SER D 64 13.55 -0.95 0.46
C SER D 64 12.99 -1.49 1.78
N THR D 65 11.74 -1.98 1.74
CA THR D 65 11.11 -2.54 2.94
C THR D 65 11.98 -3.73 3.43
N GLU D 66 12.47 -4.58 2.49
CA GLU D 66 13.26 -5.76 2.88
C GLU D 66 14.54 -5.38 3.59
N TYR D 67 15.18 -4.26 3.15
CA TYR D 67 16.40 -3.81 3.83
C TYR D 67 16.06 -3.30 5.25
N VAL D 68 15.00 -2.48 5.37
CA VAL D 68 14.60 -1.98 6.68
C VAL D 68 14.27 -3.16 7.60
N ASP D 69 13.52 -4.16 7.09
CA ASP D 69 13.18 -5.32 7.90
C ASP D 69 14.48 -6.03 8.37
N ALA D 70 15.46 -6.16 7.46
CA ALA D 70 16.72 -6.84 7.81
C ALA D 70 17.50 -6.05 8.88
N LEU D 71 17.54 -4.72 8.77
CA LEU D 71 18.23 -3.89 9.76
C LEU D 71 17.55 -3.99 11.16
N LYS D 72 16.20 -4.02 11.20
CA LYS D 72 15.45 -4.21 12.43
C LYS D 72 15.74 -5.58 13.03
N LYS D 73 15.74 -6.63 12.16
CA LYS D 73 16.03 -7.99 12.61
C LYS D 73 17.45 -8.08 13.18
N LEU D 74 18.42 -7.40 12.53
CA LEU D 74 19.81 -7.39 12.98
C LEU D 74 19.91 -6.84 14.41
N GLN D 75 19.18 -5.76 14.67
CA GLN D 75 19.15 -5.20 16.02
C GLN D 75 18.59 -6.25 16.99
N MET D 76 17.44 -6.87 16.64
CA MET D 76 16.80 -7.86 17.50
C MET D 76 17.74 -9.03 17.82
N LEU D 77 18.47 -9.49 16.81
CA LEU D 77 19.42 -10.59 17.00
C LEU D 77 20.59 -10.18 17.87
N HIS D 78 21.06 -8.92 17.75
CA HIS D 78 22.14 -8.43 18.57
C HIS D 78 21.73 -8.15 20.01
N CYS D 79 20.41 -8.20 20.29
CA CYS D 79 19.85 -8.07 21.66
C CYS D 79 19.63 -9.40 22.35
N GLU D 80 20.12 -10.49 21.74
CA GLU D 80 20.04 -11.84 22.28
C GLU D 80 21.44 -12.43 22.37
N GLU D 81 21.63 -13.43 23.25
CA GLU D 81 22.94 -14.06 23.48
C GLU D 81 23.38 -14.99 22.35
N LYS D 82 22.43 -15.77 21.81
CA LYS D 82 22.67 -16.79 20.78
C LYS D 82 23.27 -16.19 19.52
N GLU D 83 24.19 -16.93 18.88
CA GLU D 83 24.80 -16.45 17.64
C GLU D 83 23.79 -16.50 16.48
N LEU D 84 24.09 -15.83 15.37
CA LEU D 84 23.20 -15.84 14.21
C LEU D 84 23.23 -17.20 13.53
N THR D 85 22.12 -17.61 12.93
CA THR D 85 22.08 -18.87 12.19
C THR D 85 22.80 -18.62 10.86
N ALA D 86 23.16 -19.71 10.15
CA ALA D 86 23.82 -19.57 8.84
C ALA D 86 22.87 -18.81 7.88
N ASP D 87 21.54 -19.11 7.93
CA ASP D 87 20.56 -18.41 7.10
C ASP D 87 20.50 -16.91 7.41
N ASP D 88 20.54 -16.53 8.70
CA ASP D 88 20.49 -15.10 9.05
C ASP D 88 21.78 -14.44 8.65
N GLU D 89 22.94 -15.15 8.75
CA GLU D 89 24.21 -14.58 8.29
C GLU D 89 24.12 -14.28 6.78
N LEU D 90 23.56 -15.22 5.97
CA LEU D 90 23.42 -15.02 4.52
C LEU D 90 22.48 -13.87 4.21
N LEU D 91 21.37 -13.77 4.95
CA LEU D 91 20.46 -12.65 4.78
C LEU D 91 21.21 -11.31 5.02
N MET D 92 21.94 -11.21 6.15
CA MET D 92 22.62 -9.95 6.44
C MET D 92 23.68 -9.64 5.37
N ASP D 93 24.36 -10.68 4.86
CA ASP D 93 25.38 -10.47 3.83
C ASP D 93 24.76 -9.88 2.57
N SER D 94 23.50 -10.28 2.26
CA SER D 94 22.81 -9.81 1.04
C SER D 94 22.51 -8.31 1.06
N PHE D 95 22.60 -7.69 2.25
CA PHE D 95 22.39 -6.23 2.44
C PHE D 95 23.67 -5.54 2.91
N SER D 96 24.83 -6.27 2.87
CA SER D 96 26.13 -5.73 3.33
C SER D 96 26.12 -5.30 4.79
N LEU D 97 25.33 -6.02 5.61
CA LEU D 97 25.27 -5.74 7.05
C LEU D 97 26.26 -6.70 7.71
N ASN D 98 27.53 -6.43 7.48
CA ASN D 98 28.62 -7.27 7.95
C ASN D 98 29.94 -6.46 7.87
N TYR D 99 31.07 -7.10 8.21
CA TYR D 99 32.41 -6.53 8.16
C TYR D 99 32.48 -5.14 8.81
N ASP D 100 32.68 -4.06 8.02
CA ASP D 100 32.77 -2.68 8.57
C ASP D 100 31.40 -1.99 8.88
N CYS D 101 30.26 -2.66 8.52
CA CYS D 101 28.90 -2.20 8.84
C CYS D 101 28.22 -3.31 9.66
N PRO D 102 28.78 -3.64 10.83
CA PRO D 102 28.25 -4.77 11.59
C PRO D 102 26.97 -4.46 12.35
N GLY D 103 26.38 -5.51 12.91
CA GLY D 103 25.27 -5.32 13.83
C GLY D 103 25.84 -4.99 15.20
N PHE D 104 24.97 -4.43 16.03
CA PHE D 104 25.23 -4.08 17.43
C PHE D 104 23.87 -3.87 18.08
N PRO D 105 23.76 -3.91 19.42
CA PRO D 105 22.42 -3.93 20.02
C PRO D 105 21.47 -2.79 19.71
N SER D 106 22.00 -1.60 19.36
CA SER D 106 21.13 -0.48 19.02
C SER D 106 21.27 -0.09 17.55
N VAL D 107 21.75 -0.99 16.67
CA VAL D 107 21.97 -0.60 15.26
C VAL D 107 20.81 0.07 14.54
N PHE D 108 19.58 -0.46 14.69
CA PHE D 108 18.42 0.14 14.01
C PHE D 108 18.04 1.46 14.70
N ASP D 109 17.98 1.51 16.04
CA ASP D 109 17.62 2.76 16.73
C ASP D 109 18.66 3.86 16.47
N TYR D 110 19.94 3.48 16.41
CA TYR D 110 21.04 4.41 16.14
C TYR D 110 20.91 5.02 14.75
N SER D 111 20.71 4.17 13.73
CA SER D 111 20.60 4.58 12.33
CA SER D 111 20.64 4.69 12.36
C SER D 111 19.33 5.43 12.11
N LEU D 112 18.23 4.98 12.72
CA LEU D 112 16.96 5.68 12.59
C LEU D 112 17.04 7.04 13.27
N ALA D 113 17.80 7.15 14.38
CA ALA D 113 17.86 8.45 15.08
C ALA D 113 18.40 9.52 14.13
N ALA D 114 19.44 9.20 13.34
CA ALA D 114 19.98 10.22 12.40
C ALA D 114 18.90 10.66 11.39
N VAL D 115 18.10 9.72 10.91
CA VAL D 115 16.96 10.00 10.02
C VAL D 115 15.96 10.91 10.75
N GLN D 116 15.57 10.55 11.99
CA GLN D 116 14.63 11.39 12.76
C GLN D 116 15.15 12.83 12.89
N GLY D 117 16.46 12.97 13.14
CA GLY D 117 17.05 14.29 13.29
C GLY D 117 17.06 15.08 11.98
N SER D 118 17.50 14.46 10.89
CA SER D 118 17.59 15.21 9.64
C SER D 118 16.20 15.51 9.02
N LEU D 119 15.19 14.63 9.23
CA LEU D 119 13.82 14.91 8.73
C LEU D 119 13.23 16.08 9.51
N ALA D 120 13.44 16.12 10.84
CA ALA D 120 12.92 17.22 11.67
C ALA D 120 13.60 18.53 11.21
N ALA D 121 14.91 18.45 10.91
CA ALA D 121 15.66 19.60 10.45
C ALA D 121 15.09 20.11 9.12
N ALA D 122 14.77 19.19 8.17
CA ALA D 122 14.15 19.62 6.90
C ALA D 122 12.77 20.27 7.18
N SER D 123 11.95 19.68 8.07
CA SER D 123 10.63 20.26 8.39
C SER D 123 10.73 21.69 8.96
N ALA D 124 11.73 21.93 9.82
CA ALA D 124 11.96 23.24 10.44
C ALA D 124 12.30 24.28 9.35
N LEU D 125 13.02 23.85 8.29
CA LEU D 125 13.32 24.80 7.22
C LEU D 125 12.08 25.06 6.37
N ILE D 126 11.31 24.01 6.08
CA ILE D 126 10.10 24.12 5.24
C ILE D 126 9.06 25.04 5.84
N CYS D 127 8.85 24.94 7.15
CA CYS D 127 7.84 25.77 7.81
C CYS D 127 8.39 27.15 8.18
N ARG D 128 9.66 27.43 7.79
CA ARG D 128 10.38 28.69 8.04
C ARG D 128 10.62 29.02 9.51
N HIS D 129 10.63 27.99 10.38
CA HIS D 129 10.93 28.23 11.79
C HIS D 129 12.42 28.59 11.96
N CYS D 130 13.28 27.98 11.13
CA CYS D 130 14.73 28.23 11.12
C CYS D 130 15.19 28.56 9.71
N GLU D 131 16.23 29.41 9.60
CA GLU D 131 16.85 29.78 8.33
C GLU D 131 17.90 28.74 8.02
N VAL D 132 18.50 28.16 9.07
CA VAL D 132 19.52 27.12 8.95
C VAL D 132 19.27 26.14 10.06
N VAL D 133 19.49 24.86 9.79
CA VAL D 133 19.44 23.84 10.84
C VAL D 133 20.68 23.01 10.76
N ILE D 134 21.28 22.74 11.93
CA ILE D 134 22.47 21.91 12.05
C ILE D 134 22.08 20.56 12.66
N ASN D 135 22.62 19.45 12.14
CA ASN D 135 22.42 18.15 12.78
C ASN D 135 23.76 17.42 12.82
N TRP D 136 24.50 17.54 13.97
CA TRP D 136 25.80 16.86 14.05
C TRP D 136 25.68 15.35 14.28
N GLY D 137 24.44 14.87 14.37
CA GLY D 137 24.21 13.43 14.49
C GLY D 137 23.91 12.80 13.13
N GLY D 138 23.82 13.60 12.07
CA GLY D 138 23.46 13.09 10.76
C GLY D 138 24.60 13.23 9.74
N GLY D 139 24.29 12.98 8.48
CA GLY D 139 25.28 13.09 7.38
C GLY D 139 25.82 11.77 6.88
N TRP D 140 24.98 10.70 6.91
CA TRP D 140 25.40 9.32 6.55
C TRP D 140 25.25 9.02 5.07
N HIS D 141 26.16 9.65 4.31
CA HIS D 141 26.10 9.73 2.86
C HIS D 141 26.29 8.49 2.04
N HIS D 142 26.79 7.41 2.63
CA HIS D 142 27.08 6.23 1.81
C HIS D 142 25.95 5.19 1.71
N ALA D 143 24.96 5.22 2.64
CA ALA D 143 23.96 4.16 2.62
C ALA D 143 23.15 4.18 1.34
N LYS D 144 22.84 2.99 0.82
CA LYS D 144 22.09 2.87 -0.42
C LYS D 144 20.71 2.31 -0.19
N ARG D 145 19.88 2.28 -1.25
CA ARG D 145 18.49 1.79 -1.10
C ARG D 145 18.41 0.49 -0.28
N SER D 146 19.22 -0.52 -0.62
CA SER D 146 19.17 -1.83 0.05
C SER D 146 20.57 -2.28 0.49
N GLU D 147 21.41 -1.35 0.93
CA GLU D 147 22.77 -1.74 1.27
C GLU D 147 23.38 -0.75 2.28
N ALA D 148 23.96 -1.28 3.37
CA ALA D 148 24.76 -0.48 4.30
C ALA D 148 26.15 -0.33 3.64
N SER D 149 26.81 0.82 3.92
CA SER D 149 28.13 1.07 3.35
C SER D 149 28.87 2.11 4.17
N GLY D 150 30.17 1.93 4.36
CA GLY D 150 30.99 2.94 5.02
C GLY D 150 30.47 3.45 6.34
N PHE D 151 30.08 2.51 7.21
CA PHE D 151 29.54 2.79 8.56
C PHE D 151 28.14 3.49 8.51
N CYS D 152 27.50 3.58 7.34
CA CYS D 152 26.22 4.24 7.14
C CYS D 152 25.17 3.16 6.95
N TYR D 153 24.07 3.20 7.72
CA TYR D 153 23.03 2.18 7.58
C TYR D 153 21.77 2.71 6.94
N LEU D 154 21.38 3.94 7.30
CA LEU D 154 20.22 4.58 6.69
C LEU D 154 20.66 5.96 6.20
N ASN D 155 20.22 6.32 5.01
CA ASN D 155 20.67 7.57 4.42
C ASN D 155 19.77 8.74 4.81
N ASP D 156 20.12 9.35 5.93
CA ASP D 156 19.33 10.47 6.46
C ASP D 156 19.36 11.65 5.49
N ILE D 157 20.46 11.78 4.75
CA ILE D 157 20.59 12.91 3.79
C ILE D 157 19.59 12.77 2.68
N VAL D 158 19.54 11.59 2.04
CA VAL D 158 18.60 11.37 0.95
C VAL D 158 17.16 11.62 1.44
N LEU D 159 16.82 11.06 2.60
CA LEU D 159 15.46 11.27 3.11
C LEU D 159 15.15 12.75 3.40
N ALA D 160 16.10 13.49 3.98
CA ALA D 160 15.91 14.93 4.23
C ALA D 160 15.73 15.66 2.88
N ILE D 161 16.60 15.37 1.88
CA ILE D 161 16.45 16.05 0.57
C ILE D 161 15.12 15.72 -0.08
N HIS D 162 14.69 14.46 -0.01
CA HIS D 162 13.39 14.03 -0.55
C HIS D 162 12.26 14.87 0.09
N ARG D 163 12.33 15.08 1.40
CA ARG D 163 11.33 15.90 2.10
C ARG D 163 11.35 17.33 1.56
N LEU D 164 12.55 17.91 1.40
CA LEU D 164 12.66 19.29 0.90
C LEU D 164 12.17 19.43 -0.55
N VAL D 165 12.67 18.56 -1.45
CA VAL D 165 12.34 18.68 -2.87
C VAL D 165 10.85 18.46 -3.17
N SER D 166 10.15 17.74 -2.29
CA SER D 166 8.73 17.37 -2.37
C SER D 166 7.77 18.31 -1.58
N SER D 167 8.33 19.35 -0.93
CA SER D 167 7.55 20.27 -0.10
C SER D 167 6.66 21.26 -0.88
N THR D 168 6.99 21.50 -2.16
CA THR D 168 6.25 22.45 -3.01
C THR D 168 5.99 21.84 -4.40
N GLN D 177 8.89 25.71 -8.36
CA GLN D 177 9.94 24.86 -8.90
C GLN D 177 11.10 24.72 -7.89
N THR D 178 10.98 23.71 -7.03
CA THR D 178 11.93 23.44 -5.94
C THR D 178 13.15 22.70 -6.43
N ARG D 179 14.32 23.30 -6.21
CA ARG D 179 15.60 22.69 -6.57
C ARG D 179 16.43 22.66 -5.30
N VAL D 180 17.19 21.58 -5.09
CA VAL D 180 18.06 21.45 -3.93
C VAL D 180 19.50 21.29 -4.42
N LEU D 181 20.43 22.03 -3.80
CA LEU D 181 21.84 21.86 -4.08
C LEU D 181 22.44 21.12 -2.88
N TYR D 182 23.04 19.97 -3.14
CA TYR D 182 23.69 19.20 -2.09
C TYR D 182 25.19 19.35 -2.25
N VAL D 183 25.88 19.76 -1.17
CA VAL D 183 27.34 19.97 -1.17
C VAL D 183 27.94 19.01 -0.16
N ASP D 184 28.91 18.19 -0.58
CA ASP D 184 29.49 17.17 0.30
C ASP D 184 30.95 17.42 0.49
N LEU D 185 31.32 17.90 1.70
CA LEU D 185 32.70 18.29 2.03
C LEU D 185 33.57 17.20 2.67
N ASP D 186 32.99 16.03 2.87
CA ASP D 186 33.69 14.92 3.50
C ASP D 186 34.92 14.52 2.66
N LEU D 187 35.92 13.90 3.31
CA LEU D 187 37.08 13.37 2.58
C LEU D 187 36.65 12.36 1.50
N HIS D 188 35.58 11.61 1.77
CA HIS D 188 35.10 10.56 0.87
C HIS D 188 34.02 11.03 -0.08
N HIS D 189 33.96 10.40 -1.27
CA HIS D 189 32.92 10.71 -2.25
C HIS D 189 31.52 10.39 -1.67
N GLY D 190 30.58 11.34 -1.78
CA GLY D 190 29.21 11.12 -1.32
C GLY D 190 28.38 10.30 -2.29
N ASP D 191 28.76 9.02 -2.46
CA ASP D 191 28.17 8.15 -3.48
C ASP D 191 26.70 7.82 -3.32
N GLY D 192 26.27 7.53 -2.09
CA GLY D 192 24.89 7.15 -1.83
C GLY D 192 23.93 8.25 -2.22
N VAL D 193 24.28 9.49 -1.88
CA VAL D 193 23.39 10.63 -2.22
C VAL D 193 23.42 10.89 -3.73
N GLU D 194 24.62 10.86 -4.32
CA GLU D 194 24.74 11.06 -5.77
C GLU D 194 23.89 10.03 -6.52
N GLU D 195 24.00 8.76 -6.13
CA GLU D 195 23.25 7.67 -6.78
C GLU D 195 21.75 7.87 -6.65
N ALA D 196 21.28 8.22 -5.43
CA ALA D 196 19.85 8.40 -5.18
C ALA D 196 19.23 9.42 -6.15
N PHE D 197 20.00 10.45 -6.52
CA PHE D 197 19.48 11.53 -7.36
C PHE D 197 20.09 11.59 -8.75
N TRP D 198 20.70 10.49 -9.19
CA TRP D 198 21.40 10.38 -10.46
C TRP D 198 20.48 10.74 -11.65
N TYR D 199 19.19 10.38 -11.55
CA TYR D 199 18.23 10.60 -12.65
C TYR D 199 17.35 11.83 -12.43
N SER D 200 17.65 12.61 -11.36
CA SER D 200 16.85 13.79 -11.07
CA SER D 200 16.87 13.78 -10.98
C SER D 200 17.57 15.11 -11.31
N PRO D 201 17.03 15.96 -12.19
CA PRO D 201 17.66 17.27 -12.43
C PRO D 201 17.39 18.25 -11.29
N ARG D 202 16.35 17.98 -10.47
CA ARG D 202 15.95 18.89 -9.38
C ARG D 202 16.87 18.88 -8.16
N VAL D 203 17.65 17.81 -8.00
CA VAL D 203 18.62 17.71 -6.92
C VAL D 203 20.00 17.64 -7.57
N VAL D 204 20.76 18.73 -7.42
CA VAL D 204 22.10 18.77 -8.00
C VAL D 204 23.05 18.41 -6.87
N THR D 205 23.92 17.42 -7.10
CA THR D 205 24.86 16.97 -6.07
C THR D 205 26.28 17.41 -6.43
N PHE D 206 27.05 17.84 -5.42
CA PHE D 206 28.44 18.24 -5.69
C PHE D 206 29.29 17.70 -4.56
N SER D 207 30.24 16.81 -4.88
CA SER D 207 31.12 16.26 -3.87
C SER D 207 32.54 16.65 -4.19
N VAL D 208 33.29 17.12 -3.15
CA VAL D 208 34.73 17.35 -3.25
C VAL D 208 35.34 16.30 -2.32
N HIS D 209 36.39 15.59 -2.79
CA HIS D 209 36.88 14.46 -1.99
C HIS D 209 38.24 14.03 -2.48
N HIS D 210 38.86 13.12 -1.73
CA HIS D 210 40.06 12.49 -2.23
C HIS D 210 39.60 11.28 -3.04
N ALA D 211 40.34 10.99 -4.12
CA ALA D 211 40.14 9.76 -4.87
C ALA D 211 41.52 9.33 -5.34
N SER D 212 41.74 8.01 -5.24
CA SER D 212 43.02 7.40 -5.63
C SER D 212 42.80 5.89 -5.69
N PRO D 213 43.68 5.12 -6.38
CA PRO D 213 43.41 3.69 -6.52
C PRO D 213 43.29 2.97 -5.18
N GLY D 214 42.17 2.25 -5.02
CA GLY D 214 41.87 1.49 -3.81
C GLY D 214 41.28 2.29 -2.67
N PHE D 215 41.14 3.63 -2.85
CA PHE D 215 40.58 4.47 -1.78
C PHE D 215 39.06 4.44 -1.83
N PHE D 216 38.44 4.19 -0.68
CA PHE D 216 37.00 4.07 -0.58
C PHE D 216 36.28 5.37 -0.98
N PRO D 217 35.11 5.32 -1.64
CA PRO D 217 34.44 4.13 -2.21
C PRO D 217 34.82 3.83 -3.67
N GLY D 218 35.77 4.59 -4.25
CA GLY D 218 36.27 4.37 -5.60
C GLY D 218 35.64 5.19 -6.70
N THR D 219 34.51 5.84 -6.42
CA THR D 219 33.72 6.64 -7.35
C THR D 219 34.02 8.14 -7.21
N GLY D 220 33.34 8.96 -7.99
CA GLY D 220 33.54 10.41 -7.94
C GLY D 220 34.80 10.82 -8.70
N THR D 221 35.21 10.01 -9.69
CA THR D 221 36.40 10.31 -10.48
C THR D 221 36.30 9.71 -11.87
N TRP D 222 37.38 9.79 -12.65
CA TRP D 222 37.41 9.20 -13.99
C TRP D 222 37.12 7.70 -13.87
N ASN D 223 36.23 7.17 -14.72
CA ASN D 223 35.73 5.79 -14.65
C ASN D 223 36.18 4.94 -15.82
N PRO D 231 39.04 6.17 -19.84
CA PRO D 231 38.05 6.38 -18.77
C PRO D 231 37.18 7.62 -19.01
N ILE D 232 35.93 7.59 -18.50
CA ILE D 232 35.01 8.74 -18.67
C ILE D 232 34.57 9.32 -17.33
N PHE D 233 34.09 10.57 -17.31
CA PHE D 233 33.56 11.18 -16.07
C PHE D 233 32.03 11.19 -16.16
N LEU D 234 31.37 10.25 -15.48
CA LEU D 234 29.92 10.18 -15.50
C LEU D 234 29.35 11.32 -14.64
N ASN D 235 28.15 11.82 -15.00
CA ASN D 235 27.62 13.00 -14.30
C ASN D 235 26.09 13.03 -14.17
N GLY D 236 25.48 11.86 -14.14
CA GLY D 236 24.02 11.77 -14.07
C GLY D 236 23.50 11.15 -15.35
N ALA D 237 22.24 10.75 -15.33
CA ALA D 237 21.68 10.06 -16.52
C ALA D 237 20.21 10.40 -16.71
N GLY D 238 19.70 10.07 -17.89
CA GLY D 238 18.32 10.41 -18.21
C GLY D 238 18.11 11.91 -18.13
N ARG D 239 17.03 12.31 -17.48
CA ARG D 239 16.73 13.73 -17.31
C ARG D 239 17.67 14.38 -16.27
N GLY D 240 18.41 13.52 -15.56
CA GLY D 240 19.39 13.96 -14.57
C GLY D 240 20.79 14.11 -15.13
N ARG D 241 20.95 13.97 -16.45
CA ARG D 241 22.28 14.13 -17.05
C ARG D 241 22.86 15.51 -16.66
N PHE D 242 24.16 15.53 -16.36
CA PHE D 242 24.95 16.72 -15.97
C PHE D 242 24.62 17.27 -14.57
N SER D 243 23.75 16.58 -13.81
CA SER D 243 23.34 17.04 -12.49
C SER D 243 24.18 16.54 -11.31
N ALA D 244 25.19 15.67 -11.57
CA ALA D 244 26.03 15.15 -10.48
C ALA D 244 27.47 15.66 -10.75
N PHE D 245 27.95 16.55 -9.86
CA PHE D 245 29.26 17.18 -9.97
C PHE D 245 30.25 16.58 -8.98
N ASN D 246 31.51 16.43 -9.44
CA ASN D 246 32.54 15.86 -8.61
C ASN D 246 33.86 16.54 -8.82
N LEU D 247 34.62 16.72 -7.73
CA LEU D 247 35.94 17.30 -7.74
C LEU D 247 36.89 16.40 -6.91
N PRO D 248 37.57 15.45 -7.57
CA PRO D 248 38.54 14.59 -6.87
C PRO D 248 39.87 15.33 -6.73
N LEU D 249 40.47 15.21 -5.56
CA LEU D 249 41.72 15.91 -5.23
C LEU D 249 42.79 14.97 -4.74
N GLU D 250 44.04 15.28 -5.13
CA GLU D 250 45.16 14.46 -4.66
C GLU D 250 45.45 14.75 -3.17
N GLU D 251 46.12 13.81 -2.53
CA GLU D 251 46.45 13.95 -1.13
C GLU D 251 47.36 15.14 -0.82
N GLY D 252 47.20 15.65 0.40
CA GLY D 252 48.02 16.72 0.97
C GLY D 252 47.55 18.15 0.80
N ILE D 253 46.33 18.36 0.28
CA ILE D 253 45.83 19.70 0.03
C ILE D 253 45.60 20.48 1.31
N ASN D 254 45.98 21.76 1.30
CA ASN D 254 45.85 22.62 2.46
C ASN D 254 44.58 23.46 2.38
N ASP D 255 44.30 24.26 3.44
CA ASP D 255 43.10 25.12 3.47
C ASP D 255 43.00 26.04 2.26
N LEU D 256 44.07 26.78 1.93
CA LEU D 256 43.98 27.76 0.86
C LEU D 256 43.71 27.10 -0.50
N ASP D 257 44.44 26.04 -0.81
CA ASP D 257 44.28 25.37 -2.09
C ASP D 257 42.94 24.70 -2.24
N TRP D 258 42.43 24.11 -1.14
CA TRP D 258 41.12 23.47 -1.18
C TRP D 258 40.05 24.54 -1.31
N SER D 259 40.20 25.71 -0.62
CA SER D 259 39.25 26.83 -0.72
C SER D 259 39.20 27.38 -2.16
N ASN D 260 40.37 27.58 -2.77
CA ASN D 260 40.49 28.09 -4.14
C ASN D 260 39.93 27.07 -5.15
N ALA D 261 40.03 25.78 -4.84
CA ALA D 261 39.53 24.73 -5.72
C ALA D 261 38.01 24.67 -5.72
N ILE D 262 37.40 24.87 -4.53
CA ILE D 262 35.95 24.75 -4.39
CA ILE D 262 35.95 24.76 -4.37
C ILE D 262 35.14 26.05 -4.54
N GLY D 263 35.73 27.18 -4.13
CA GLY D 263 35.07 28.46 -4.11
C GLY D 263 34.32 28.85 -5.37
N PRO D 264 35.01 28.88 -6.53
CA PRO D 264 34.33 29.25 -7.79
C PRO D 264 33.27 28.26 -8.20
N ILE D 265 33.46 26.96 -7.91
CA ILE D 265 32.46 25.94 -8.25
C ILE D 265 31.21 26.23 -7.43
N LEU D 266 31.34 26.43 -6.10
CA LEU D 266 30.17 26.74 -5.25
C LEU D 266 29.42 27.97 -5.74
N ASP D 267 30.14 29.06 -6.00
CA ASP D 267 29.50 30.28 -6.49
C ASP D 267 28.78 30.09 -7.81
N SER D 268 29.39 29.33 -8.74
CA SER D 268 28.76 29.09 -10.03
CA SER D 268 28.78 29.05 -10.05
C SER D 268 27.50 28.22 -9.88
N LEU D 269 27.55 27.17 -9.01
CA LEU D 269 26.36 26.33 -8.79
C LEU D 269 25.20 27.14 -8.25
N ASN D 270 25.47 28.03 -7.29
CA ASN D 270 24.40 28.88 -6.75
C ASN D 270 23.82 29.83 -7.80
N ILE D 271 24.67 30.48 -8.61
CA ILE D 271 24.20 31.42 -9.66
C ILE D 271 23.29 30.72 -10.67
N VAL D 272 23.74 29.56 -11.17
CA VAL D 272 23.04 28.80 -12.22
C VAL D 272 21.81 28.04 -11.73
N ILE D 273 21.95 27.29 -10.64
CA ILE D 273 20.85 26.46 -10.12
C ILE D 273 19.77 27.26 -9.41
N GLN D 274 20.15 28.36 -8.70
CA GLN D 274 19.24 29.20 -7.88
C GLN D 274 18.46 28.26 -6.93
N PRO D 275 19.19 27.48 -6.10
CA PRO D 275 18.50 26.46 -5.28
C PRO D 275 17.55 27.09 -4.27
N SER D 276 16.47 26.36 -3.95
CA SER D 276 15.47 26.73 -2.94
C SER D 276 16.03 26.34 -1.56
N TYR D 277 16.87 25.27 -1.52
CA TYR D 277 17.51 24.81 -0.29
C TYR D 277 18.91 24.35 -0.62
N VAL D 278 19.80 24.43 0.38
CA VAL D 278 21.16 23.87 0.24
C VAL D 278 21.30 22.86 1.40
N VAL D 279 21.87 21.69 1.13
CA VAL D 279 22.15 20.69 2.16
C VAL D 279 23.65 20.47 2.11
N VAL D 280 24.35 20.67 3.23
CA VAL D 280 25.82 20.54 3.29
C VAL D 280 26.21 19.41 4.22
N GLN D 281 27.02 18.46 3.71
CA GLN D 281 27.53 17.39 4.56
C GLN D 281 28.94 17.92 4.92
N CYS D 282 29.22 18.03 6.23
CA CYS D 282 30.45 18.63 6.72
CA CYS D 282 30.47 18.62 6.76
C CYS D 282 31.36 17.61 7.47
N GLY D 283 31.55 16.43 6.87
CA GLY D 283 32.42 15.42 7.50
C GLY D 283 33.79 15.99 7.78
N ALA D 284 34.32 15.77 8.99
CA ALA D 284 35.55 16.38 9.49
C ALA D 284 36.82 15.57 9.19
N ASP D 285 36.70 14.56 8.33
CA ASP D 285 37.84 13.71 8.00
C ASP D 285 38.87 14.31 7.06
N CYS D 286 38.67 15.56 6.60
CA CYS D 286 39.70 16.27 5.82
C CYS D 286 40.67 16.97 6.75
N LEU D 287 40.37 17.02 8.06
CA LEU D 287 41.28 17.71 8.98
C LEU D 287 42.68 17.06 8.92
N ALA D 288 43.70 17.89 9.06
CA ALA D 288 45.09 17.44 9.02
C ALA D 288 45.38 16.41 10.11
N THR D 289 44.60 16.47 11.21
CA THR D 289 44.74 15.61 12.37
C THR D 289 43.81 14.41 12.38
N ASP D 290 43.05 14.20 11.30
CA ASP D 290 42.20 13.01 11.24
C ASP D 290 43.13 11.82 11.04
N PRO D 291 42.86 10.64 11.67
CA PRO D 291 43.75 9.47 11.43
C PRO D 291 43.89 9.02 9.96
N HIS D 292 43.01 9.49 9.03
CA HIS D 292 43.20 9.13 7.60
C HIS D 292 44.48 9.77 7.10
N ARG D 293 44.79 11.02 7.59
CA ARG D 293 46.00 11.77 7.26
C ARG D 293 46.14 11.95 5.75
N ILE D 294 45.07 12.43 5.11
CA ILE D 294 45.06 12.63 3.67
C ILE D 294 45.09 14.10 3.28
N PHE D 295 44.11 14.88 3.76
CA PHE D 295 44.10 16.33 3.48
C PHE D 295 44.65 17.03 4.69
N ARG D 296 44.91 18.32 4.54
CA ARG D 296 45.52 19.13 5.60
C ARG D 296 44.67 20.36 5.98
N LEU D 297 43.35 20.18 6.06
CA LEU D 297 42.48 21.28 6.44
C LEU D 297 42.55 21.51 7.92
N THR D 298 42.18 22.72 8.35
CA THR D 298 42.19 23.02 9.78
C THR D 298 40.84 23.54 10.19
N ASN D 299 40.75 24.01 11.47
CA ASN D 299 39.56 24.70 12.00
C ASN D 299 39.98 26.15 12.32
N PHE D 300 41.11 26.65 11.75
CA PHE D 300 41.61 28.00 12.06
C PHE D 300 40.67 29.09 11.60
N TYR D 301 40.45 30.11 12.45
CA TYR D 301 39.55 31.21 12.13
C TYR D 301 40.25 32.52 12.51
N PRO D 302 41.08 33.07 11.62
CA PRO D 302 41.80 34.33 11.93
C PRO D 302 40.89 35.53 12.18
N SER D 315 45.92 31.05 7.12
CA SER D 315 44.76 30.96 6.24
C SER D 315 43.50 30.49 6.99
N LEU D 316 42.34 30.86 6.49
CA LEU D 316 41.05 30.49 7.05
C LEU D 316 40.77 29.02 6.75
N SER D 317 40.24 28.28 7.71
CA SER D 317 39.86 26.88 7.53
C SER D 317 39.07 26.71 6.23
N GLY D 318 39.39 25.68 5.44
CA GLY D 318 38.61 25.40 4.23
C GLY D 318 37.14 25.21 4.54
N TYR D 319 36.83 24.46 5.61
CA TYR D 319 35.45 24.23 6.03
C TYR D 319 34.74 25.54 6.34
N LEU D 320 35.36 26.42 7.11
CA LEU D 320 34.74 27.71 7.46
C LEU D 320 34.60 28.60 6.24
N TYR D 321 35.58 28.59 5.34
CA TYR D 321 35.49 29.33 4.10
C TYR D 321 34.26 28.86 3.28
N ALA D 322 34.09 27.53 3.14
CA ALA D 322 32.96 26.99 2.36
C ALA D 322 31.61 27.32 3.02
N ILE D 323 31.52 27.13 4.36
CA ILE D 323 30.26 27.38 5.06
C ILE D 323 29.89 28.86 5.00
N LYS D 324 30.87 29.75 5.19
CA LYS D 324 30.64 31.19 5.13
C LYS D 324 30.12 31.58 3.75
N LYS D 325 30.72 31.01 2.68
CA LYS D 325 30.28 31.29 1.32
C LYS D 325 28.85 30.80 1.09
N ILE D 326 28.55 29.54 1.47
CA ILE D 326 27.18 29.00 1.24
C ILE D 326 26.14 29.86 1.98
N LEU D 327 26.43 30.24 3.24
CA LEU D 327 25.50 31.05 4.03
C LEU D 327 25.31 32.46 3.47
N SER D 328 26.30 32.97 2.70
CA SER D 328 26.20 34.29 2.08
C SER D 328 25.10 34.37 1.03
N TRP D 329 24.64 33.21 0.55
CA TRP D 329 23.61 33.13 -0.48
C TRP D 329 22.22 33.41 0.07
N LYS D 330 22.06 33.26 1.38
CA LYS D 330 20.79 33.50 2.09
C LYS D 330 19.69 32.56 1.59
N VAL D 331 20.07 31.26 1.40
CA VAL D 331 19.17 30.21 0.97
C VAL D 331 18.99 29.32 2.21
N PRO D 332 17.76 28.90 2.58
CA PRO D 332 17.61 27.98 3.74
C PRO D 332 18.52 26.77 3.58
N THR D 333 19.28 26.46 4.63
CA THR D 333 20.34 25.43 4.55
C THR D 333 20.34 24.46 5.70
N LEU D 334 20.65 23.22 5.38
CA LEU D 334 20.79 22.18 6.37
CA LEU D 334 20.83 22.14 6.35
C LEU D 334 22.30 21.84 6.41
N ILE D 335 22.88 21.85 7.62
CA ILE D 335 24.30 21.51 7.79
C ILE D 335 24.35 20.22 8.59
N LEU D 336 24.97 19.20 8.01
CA LEU D 336 25.07 17.88 8.64
C LEU D 336 26.50 17.49 8.96
N GLY D 337 26.68 16.51 9.83
CA GLY D 337 27.99 15.98 10.17
C GLY D 337 28.43 14.95 9.13
N GLY D 338 29.02 13.86 9.59
CA GLY D 338 29.50 12.78 8.71
C GLY D 338 30.76 12.18 9.30
N GLY D 339 31.76 11.96 8.47
CA GLY D 339 33.02 11.41 8.93
C GLY D 339 33.74 12.29 9.91
N GLY D 340 34.75 11.75 10.58
CA GLY D 340 35.53 12.53 11.54
C GLY D 340 35.92 11.58 12.63
N TYR D 341 37.17 11.12 12.56
CA TYR D 341 37.63 10.05 13.43
C TYR D 341 38.56 10.48 14.57
N ASN D 342 38.87 11.78 14.64
CA ASN D 342 39.62 12.36 15.77
C ASN D 342 38.49 13.09 16.52
N PHE D 343 37.89 12.48 17.57
CA PHE D 343 36.69 13.09 18.18
C PHE D 343 36.88 14.49 18.74
N PRO D 344 37.94 14.76 19.51
CA PRO D 344 38.12 16.13 20.03
C PRO D 344 38.33 17.14 18.90
N ASP D 345 39.07 16.77 17.84
CA ASP D 345 39.28 17.69 16.70
C ASP D 345 38.03 17.90 15.85
N THR D 346 37.16 16.87 15.78
CA THR D 346 35.88 17.00 15.07
C THR D 346 35.02 17.99 15.89
N ALA D 347 35.00 17.85 17.25
CA ALA D 347 34.27 18.78 18.11
C ALA D 347 34.80 20.22 17.97
N ARG D 348 36.13 20.39 17.92
CA ARG D 348 36.80 21.69 17.72
C ARG D 348 36.33 22.33 16.40
N LEU D 349 36.28 21.54 15.30
CA LEU D 349 35.83 22.08 14.02
C LEU D 349 34.33 22.40 14.05
N TRP D 350 33.49 21.42 14.48
CA TRP D 350 32.04 21.65 14.43
C TRP D 350 31.55 22.76 15.35
N THR D 351 32.26 22.99 16.46
CA THR D 351 31.95 24.09 17.35
C THR D 351 32.18 25.40 16.61
N ARG D 352 33.32 25.51 15.90
CA ARG D 352 33.59 26.70 15.10
C ARG D 352 32.57 26.87 13.95
N VAL D 353 32.14 25.76 13.31
CA VAL D 353 31.14 25.90 12.24
C VAL D 353 29.83 26.44 12.87
N THR D 354 29.47 25.94 14.04
CA THR D 354 28.23 26.35 14.71
C THR D 354 28.24 27.83 15.05
N ALA D 355 29.34 28.29 15.65
CA ALA D 355 29.54 29.70 15.97
C ALA D 355 29.52 30.60 14.71
N LEU D 356 30.18 30.17 13.61
CA LEU D 356 30.19 30.93 12.36
C LEU D 356 28.75 31.05 11.81
N THR D 357 27.97 29.97 11.93
CA THR D 357 26.58 29.95 11.41
C THR D 357 25.76 30.97 12.17
N ILE D 358 25.91 31.02 13.50
CA ILE D 358 25.17 32.03 14.29
C ILE D 358 25.56 33.45 13.83
N GLU D 359 26.86 33.70 13.65
CA GLU D 359 27.36 35.02 13.23
C GLU D 359 26.81 35.47 11.88
N GLU D 360 26.83 34.56 10.89
CA GLU D 360 26.42 34.88 9.52
C GLU D 360 24.91 35.03 9.37
N VAL D 361 24.13 34.24 10.12
CA VAL D 361 22.66 34.25 10.02
C VAL D 361 22.03 35.35 10.86
N LYS D 362 22.51 35.49 12.11
CA LYS D 362 21.96 36.46 13.05
C LYS D 362 22.64 37.85 13.00
N GLY D 363 23.83 37.93 12.42
CA GLY D 363 24.61 39.17 12.37
C GLY D 363 25.06 39.52 13.78
N LYS D 364 25.28 38.47 14.60
CA LYS D 364 25.62 38.60 16.02
C LYS D 364 27.03 38.11 16.25
N LYS D 365 27.92 38.98 16.75
CA LYS D 365 29.32 38.63 17.00
C LYS D 365 29.39 37.47 18.00
N MET D 366 30.16 36.41 17.66
CA MET D 366 30.40 35.28 18.56
C MET D 366 31.85 35.37 18.96
N THR D 367 32.12 35.31 20.27
CA THR D 367 33.49 35.39 20.78
C THR D 367 33.85 34.11 21.50
N ILE D 368 34.49 33.19 20.80
CA ILE D 368 34.88 31.95 21.40
C ILE D 368 36.29 32.08 21.99
N SER D 369 36.45 31.70 23.28
CA SER D 369 37.75 31.72 23.95
C SER D 369 38.74 30.78 23.23
N PRO D 370 40.03 31.17 23.06
CA PRO D 370 41.00 30.26 22.43
C PRO D 370 41.33 29.05 23.31
N GLU D 371 40.95 29.13 24.59
CA GLU D 371 41.13 28.08 25.58
C GLU D 371 39.86 27.23 25.69
N ILE D 372 40.01 25.90 25.68
CA ILE D 372 38.86 25.03 25.84
C ILE D 372 38.29 25.24 27.27
N PRO D 373 36.99 25.60 27.41
CA PRO D 373 36.45 25.77 28.76
C PRO D 373 36.31 24.47 29.54
N GLU D 374 36.38 24.56 30.90
CA GLU D 374 36.18 23.40 31.75
C GLU D 374 34.76 22.88 31.54
N HIS D 375 34.64 21.58 31.32
CA HIS D 375 33.39 20.85 31.11
C HIS D 375 33.65 19.35 31.24
N SER D 376 32.58 18.55 31.13
CA SER D 376 32.59 17.08 31.24
C SER D 376 33.78 16.44 30.52
N TYR D 377 33.99 16.83 29.25
CA TYR D 377 35.05 16.28 28.42
C TYR D 377 36.31 17.10 28.30
N PHE D 378 36.53 18.10 29.19
CA PHE D 378 37.73 18.92 29.15
C PHE D 378 39.02 18.09 28.98
N SER D 379 39.17 16.96 29.71
CA SER D 379 40.41 16.17 29.68
C SER D 379 40.74 15.54 28.33
N ARG D 380 39.74 15.45 27.45
CA ARG D 380 39.91 14.88 26.10
C ARG D 380 40.65 15.84 25.14
N TYR D 381 40.79 17.12 25.53
CA TYR D 381 41.39 18.19 24.71
C TYR D 381 42.85 18.44 25.03
N GLY D 382 43.43 17.55 25.82
CA GLY D 382 44.83 17.62 26.26
C GLY D 382 45.82 17.22 25.18
N PRO D 383 47.12 17.56 25.36
CA PRO D 383 47.73 18.27 26.49
C PRO D 383 47.67 19.81 26.45
N ASP D 384 47.37 20.42 25.27
CA ASP D 384 47.33 21.89 25.18
C ASP D 384 46.00 22.59 25.52
N PHE D 385 44.82 21.90 25.30
CA PHE D 385 43.51 22.47 25.66
C PHE D 385 43.16 23.78 24.94
N GLU D 386 43.59 23.89 23.68
CA GLU D 386 43.34 25.03 22.80
C GLU D 386 42.22 24.67 21.82
N LEU D 387 41.46 25.69 21.36
CA LEU D 387 40.39 25.44 20.37
C LEU D 387 40.96 25.13 18.98
N ASP D 388 42.06 25.79 18.59
CA ASP D 388 42.74 25.48 17.33
C ASP D 388 43.27 24.06 17.39
N ILE D 389 43.16 23.30 16.28
CA ILE D 389 43.73 21.97 16.23
C ILE D 389 45.26 22.07 16.31
N ASP D 390 45.90 21.00 16.78
CA ASP D 390 47.36 20.99 16.94
C ASP D 390 48.05 20.60 15.63
N TYR D 391 48.19 21.61 14.75
CA TYR D 391 48.79 21.43 13.44
C TYR D 391 49.50 22.68 12.97
N PHE D 392 50.66 22.50 12.34
CA PHE D 392 51.53 23.55 11.81
C PHE D 392 51.51 23.46 10.26
N PRO D 393 50.80 24.36 9.55
CA PRO D 393 50.74 24.25 8.08
C PRO D 393 51.95 24.84 7.37
N ASP D 402 47.84 22.56 -12.40
CA ASP D 402 47.05 22.46 -13.62
C ASP D 402 45.94 21.40 -13.58
N SER D 403 46.03 20.42 -12.64
CA SER D 403 45.02 19.37 -12.49
C SER D 403 43.69 20.03 -12.05
N ILE D 404 43.73 20.92 -11.04
CA ILE D 404 42.53 21.64 -10.58
C ILE D 404 41.96 22.55 -11.70
N GLN D 405 42.83 23.23 -12.47
CA GLN D 405 42.41 24.08 -13.59
C GLN D 405 41.65 23.26 -14.64
N LYS D 406 42.13 22.04 -14.96
CA LYS D 406 41.47 21.11 -15.89
C LYS D 406 40.08 20.75 -15.35
N HIS D 407 39.98 20.49 -14.02
CA HIS D 407 38.70 20.17 -13.39
C HIS D 407 37.74 21.35 -13.47
N HIS D 408 38.24 22.59 -13.24
CA HIS D 408 37.39 23.79 -13.35
C HIS D 408 36.80 23.95 -14.76
N ARG D 409 37.62 23.76 -15.83
CA ARG D 409 37.15 23.84 -17.22
C ARG D 409 36.09 22.78 -17.50
N ARG D 410 36.31 21.56 -17.00
CA ARG D 410 35.39 20.45 -17.16
C ARG D 410 34.07 20.75 -16.43
N ILE D 411 34.16 21.24 -15.19
CA ILE D 411 32.97 21.52 -14.39
C ILE D 411 32.14 22.65 -14.99
N LEU D 412 32.80 23.70 -15.51
CA LEU D 412 32.14 24.84 -16.14
C LEU D 412 31.35 24.36 -17.37
N GLU D 413 31.96 23.46 -18.17
CA GLU D 413 31.30 22.89 -19.34
C GLU D 413 30.08 22.07 -18.91
N GLN D 414 30.22 21.30 -17.81
CA GLN D 414 29.12 20.48 -17.32
C GLN D 414 27.96 21.37 -16.83
N LEU D 415 28.29 22.47 -16.14
CA LEU D 415 27.29 23.41 -15.63
C LEU D 415 26.55 24.06 -16.80
N ARG D 416 27.27 24.43 -17.89
CA ARG D 416 26.65 24.98 -19.09
C ARG D 416 25.69 23.92 -19.69
N ASN D 417 26.12 22.65 -19.77
CA ASN D 417 25.32 21.55 -20.30
C ASN D 417 24.08 21.30 -19.47
N TYR D 418 24.24 21.39 -18.14
CA TYR D 418 23.12 21.22 -17.21
C TYR D 418 22.08 22.33 -17.43
N ALA D 419 22.53 23.60 -17.51
CA ALA D 419 21.65 24.75 -17.71
C ALA D 419 20.88 24.69 -19.03
N ASP D 420 21.57 24.26 -20.13
CA ASP D 420 20.99 24.13 -21.47
C ASP D 420 19.92 23.03 -21.50
N LEU D 421 20.25 21.85 -20.94
CA LEU D 421 19.30 20.73 -20.85
C LEU D 421 18.04 21.12 -20.05
N ASN D 422 18.21 21.91 -18.99
CA ASN D 422 17.14 22.30 -18.06
C ASN D 422 16.50 23.68 -18.31
N LYS D 423 16.84 24.30 -19.44
CA LYS D 423 16.30 25.60 -19.88
C LYS D 423 16.40 26.68 -18.78
N LEU D 424 17.56 26.72 -18.08
CA LEU D 424 17.83 27.70 -17.03
C LEU D 424 18.58 28.86 -17.67
N ILE D 425 18.19 30.10 -17.32
CA ILE D 425 18.83 31.29 -17.88
C ILE D 425 19.92 31.80 -16.95
N TYR D 426 21.14 31.97 -17.49
CA TYR D 426 22.29 32.50 -16.75
C TYR D 426 23.30 33.23 -17.64
N ASP D 427 24.11 34.10 -17.02
CA ASP D 427 25.15 34.86 -17.73
C ASP D 427 26.42 34.02 -17.78
N TYR D 428 26.71 33.45 -18.97
CA TYR D 428 27.88 32.60 -19.21
C TYR D 428 29.21 33.28 -18.88
N ASP D 429 29.35 34.57 -19.24
CA ASP D 429 30.56 35.32 -18.96
C ASP D 429 30.79 35.61 -17.47
N GLN D 430 29.72 35.96 -16.71
CA GLN D 430 29.77 36.19 -15.25
C GLN D 430 30.22 34.91 -14.52
N VAL D 431 29.73 33.76 -14.97
CA VAL D 431 30.08 32.45 -14.40
C VAL D 431 31.50 32.05 -14.79
N TYR D 432 31.90 32.30 -16.05
CA TYR D 432 33.26 32.05 -16.56
C TYR D 432 34.30 32.83 -15.74
N GLN D 433 34.03 34.13 -15.46
CA GLN D 433 34.92 35.03 -14.69
C GLN D 433 35.23 34.54 -13.29
N LEU D 434 34.24 33.87 -12.62
CA LEU D 434 34.42 33.33 -11.26
C LEU D 434 35.64 32.41 -11.16
N TYR D 435 35.95 31.70 -12.25
CA TYR D 435 37.06 30.76 -12.33
C TYR D 435 38.39 31.42 -12.70
#